data_8JFJ
#
_entry.id   8JFJ
#
_cell.length_a   265.762
_cell.length_b   68.344
_cell.length_c   88.163
_cell.angle_alpha   90.00
_cell.angle_beta   108.59
_cell.angle_gamma   90.00
#
_symmetry.space_group_name_H-M   'C 1 2 1'
#
loop_
_entity.id
_entity.type
_entity.pdbx_description
1 polymer 'Enoyl-[acyl-carrier-protein] reductase [NADH]'
2 water water
#
_entity_poly.entity_id   1
_entity_poly.type   'polypeptide(L)'
_entity_poly.pdbx_seq_one_letter_code
;MGFLKGKKGLIVGVANNKSIAYGIAQSCFNQGATLAFTYLNESLEKRVRPIAQELNSPYVYELDVSKEEHFKPLYDSVKK
DLGSLDFIVHSVAFAPKEALEGSLLETSKSAFNTAMEISVYSLIELTNTLKPLLNNGASVLTLSYLGSTKYMAHYNVMGL
AKAALESAVRYLAVDLGKHNIRVNALSAGPIRTLASSGIADFRMILKWNEINAPLRKNVSLEEVGNAGMYLLSSLSSGVS
GEVHFVDAGYHVMGMGAVEEKDNKATLLWDLHKEQ
;
_entity_poly.pdbx_strand_id   A,B,C,D,E,F
#
# COMPACT_ATOMS: atom_id res chain seq x y z
N MET A 1 41.99 29.76 9.45
CA MET A 1 42.94 29.10 10.38
C MET A 1 42.14 28.18 11.27
N GLY A 2 41.10 27.64 10.72
CA GLY A 2 40.29 26.81 11.55
C GLY A 2 40.60 25.38 11.32
N PHE A 3 39.53 24.66 11.19
CA PHE A 3 39.63 23.20 11.16
C PHE A 3 40.18 22.67 9.88
N LEU A 4 40.25 23.45 8.81
CA LEU A 4 40.79 22.94 7.56
C LEU A 4 42.09 23.66 7.23
N LYS A 5 42.66 24.29 8.24
CA LYS A 5 43.87 25.08 8.04
C LYS A 5 44.86 24.20 7.35
N GLY A 6 44.96 24.62 6.14
CA GLY A 6 46.05 23.87 5.49
C GLY A 6 45.71 22.51 4.86
N LYS A 7 44.44 22.12 4.87
CA LYS A 7 43.94 20.89 4.25
C LYS A 7 43.51 21.18 2.82
N LYS A 8 43.76 20.22 1.93
CA LYS A 8 43.52 20.42 0.50
C LYS A 8 42.23 19.70 0.08
N GLY A 9 41.38 20.43 -0.63
CA GLY A 9 40.10 19.88 -1.03
C GLY A 9 39.70 20.19 -2.47
N LEU A 10 39.06 19.22 -3.11
CA LEU A 10 38.52 19.40 -4.45
C LEU A 10 37.01 19.55 -4.38
N ILE A 11 36.49 20.61 -4.98
CA ILE A 11 35.07 20.94 -4.97
C ILE A 11 34.51 20.66 -6.36
N VAL A 12 33.61 19.69 -6.46
CA VAL A 12 32.97 19.33 -7.73
C VAL A 12 31.51 19.75 -7.67
N GLY A 13 31.09 20.55 -8.64
CA GLY A 13 29.70 20.91 -8.79
C GLY A 13 29.32 22.37 -8.59
N VAL A 14 30.28 23.29 -8.58
CA VAL A 14 29.94 24.70 -8.54
C VAL A 14 29.43 25.13 -9.90
N ALA A 15 28.20 25.64 -9.95
CA ALA A 15 27.68 26.27 -11.15
C ALA A 15 27.62 27.79 -11.04
N ASN A 16 27.39 28.30 -9.85
CA ASN A 16 27.32 29.73 -9.60
C ASN A 16 27.37 29.92 -8.09
N ASN A 17 27.24 31.16 -7.67
CA ASN A 17 27.34 31.42 -6.26
C ASN A 17 26.07 30.95 -5.53
N LYS A 18 25.21 30.23 -6.19
CA LYS A 18 24.05 29.71 -5.46
C LYS A 18 24.20 28.19 -5.31
N SER A 19 25.19 27.59 -5.96
CA SER A 19 25.40 26.17 -5.84
C SER A 19 25.64 25.78 -4.39
N ILE A 20 25.12 24.60 -4.01
CA ILE A 20 25.43 24.01 -2.71
C ILE A 20 26.94 23.86 -2.55
N ALA A 21 27.61 23.41 -3.62
CA ALA A 21 29.06 23.26 -3.58
C ALA A 21 29.75 24.57 -3.27
N TYR A 22 29.18 25.69 -3.71
CA TYR A 22 29.77 26.99 -3.39
C TYR A 22 29.61 27.32 -1.91
N GLY A 23 28.42 27.07 -1.34
CA GLY A 23 28.26 27.29 0.09
C GLY A 23 29.24 26.49 0.92
N ILE A 24 29.39 25.20 0.58
CA ILE A 24 30.35 24.36 1.27
C ILE A 24 31.77 24.88 1.09
N ALA A 25 32.12 25.23 -0.15
CA ALA A 25 33.46 25.75 -0.43
C ALA A 25 33.74 27.01 0.38
N GLN A 26 32.79 27.89 0.47
CA GLN A 26 32.94 29.15 1.19
C GLN A 26 33.21 28.86 2.68
N SER A 27 32.43 27.97 3.26
CA SER A 27 32.67 27.65 4.67
C SER A 27 34.04 27.00 4.86
N CYS A 28 34.45 26.14 3.92
CA CYS A 28 35.78 25.54 4.02
C CYS A 28 36.87 26.59 3.91
N PHE A 29 36.71 27.53 2.98
CA PHE A 29 37.65 28.64 2.86
C PHE A 29 37.75 29.42 4.15
N ASN A 30 36.61 29.71 4.79
CA ASN A 30 36.62 30.43 6.04
C ASN A 30 37.36 29.68 7.14
N GLN A 31 37.48 28.36 7.02
CA GLN A 31 38.22 27.53 7.97
C GLN A 31 39.64 27.22 7.50
N GLY A 32 40.15 27.95 6.51
CA GLY A 32 41.55 27.85 6.16
C GLY A 32 41.90 26.84 5.09
N ALA A 33 40.93 26.28 4.38
CA ALA A 33 41.21 25.23 3.40
C ALA A 33 41.92 25.78 2.18
N THR A 34 42.76 24.92 1.57
CA THR A 34 43.29 25.15 0.24
C THR A 34 42.36 24.45 -0.75
N LEU A 35 41.69 25.23 -1.59
CA LEU A 35 40.61 24.71 -2.42
C LEU A 35 41.03 24.58 -3.88
N ALA A 36 40.40 23.63 -4.56
CA ALA A 36 40.47 23.48 -6.00
C ALA A 36 39.05 23.23 -6.49
N PHE A 37 38.78 23.61 -7.74
CA PHE A 37 37.43 23.55 -8.28
C PHE A 37 37.44 22.91 -9.65
N THR A 38 36.34 22.22 -9.98
CA THR A 38 36.09 21.75 -11.33
C THR A 38 34.98 22.56 -11.98
N TYR A 39 34.96 22.50 -13.29
CA TYR A 39 33.91 23.11 -14.12
C TYR A 39 33.46 22.11 -15.17
N LEU A 40 32.17 22.01 -15.33
CA LEU A 40 31.53 21.10 -16.28
C LEU A 40 31.84 21.54 -17.69
N ASN A 41 31.79 22.82 -17.91
CA ASN A 41 32.00 23.37 -19.25
C ASN A 41 32.39 24.84 -19.18
N GLU A 42 32.70 25.37 -20.36
CA GLU A 42 33.24 26.72 -20.56
C GLU A 42 32.22 27.73 -20.11
N SER A 43 30.96 27.49 -20.31
CA SER A 43 30.02 28.49 -19.80
C SER A 43 30.09 28.51 -18.29
N LEU A 44 30.09 27.34 -17.67
CA LEU A 44 30.22 27.25 -16.21
C LEU A 44 31.63 27.64 -15.80
N GLU A 45 32.63 27.47 -16.63
CA GLU A 45 33.99 27.92 -16.26
C GLU A 45 33.99 29.43 -16.02
N LYS A 46 33.29 30.20 -16.83
CA LYS A 46 33.32 31.67 -16.71
C LYS A 46 32.88 31.96 -15.31
N ARG A 47 32.06 31.07 -14.84
CA ARG A 47 31.65 31.14 -13.45
C ARG A 47 32.59 30.33 -12.54
N VAL A 48 33.35 29.25 -12.96
CA VAL A 48 33.96 28.77 -11.74
C VAL A 48 35.16 29.65 -11.36
N ARG A 49 35.80 30.24 -12.36
CA ARG A 49 37.03 30.98 -12.12
C ARG A 49 36.91 32.19 -11.18
N PRO A 50 35.93 33.12 -11.33
CA PRO A 50 35.84 34.19 -10.31
C PRO A 50 35.54 33.68 -8.90
N ILE A 51 34.70 32.66 -8.74
CA ILE A 51 34.50 32.05 -7.42
C ILE A 51 35.82 31.51 -6.88
N ALA A 52 36.59 30.82 -7.72
CA ALA A 52 37.90 30.32 -7.31
C ALA A 52 38.80 31.46 -6.85
N GLN A 53 38.81 32.56 -7.61
CA GLN A 53 39.63 33.71 -7.24
C GLN A 53 39.15 34.28 -5.92
N GLU A 54 37.86 34.31 -5.72
CA GLU A 54 37.31 34.84 -4.47
C GLU A 54 37.72 33.96 -3.28
N LEU A 55 37.85 32.65 -3.46
CA LEU A 55 38.25 31.73 -2.44
C LEU A 55 39.73 31.36 -2.55
N ASN A 56 40.55 32.24 -3.12
CA ASN A 56 42.01 32.12 -3.05
C ASN A 56 42.53 30.88 -3.77
N SER A 57 41.86 30.45 -4.84
CA SER A 57 42.24 29.22 -5.54
C SER A 57 42.70 29.50 -6.96
N PRO A 58 43.93 29.12 -7.32
CA PRO A 58 44.35 29.08 -8.73
C PRO A 58 44.18 27.72 -9.39
N TYR A 59 43.48 26.79 -8.72
CA TYR A 59 43.39 25.39 -9.14
C TYR A 59 41.99 25.14 -9.70
N VAL A 60 41.84 25.18 -11.03
CA VAL A 60 40.54 25.10 -11.69
C VAL A 60 40.66 24.15 -12.87
N TYR A 61 39.89 23.05 -12.83
CA TYR A 61 40.06 21.93 -13.74
C TYR A 61 38.74 21.59 -14.43
N GLU A 62 38.83 21.15 -15.68
CA GLU A 62 37.66 20.69 -16.41
C GLU A 62 37.25 19.29 -15.95
N LEU A 63 35.97 19.13 -15.63
CA LEU A 63 35.44 17.79 -15.31
C LEU A 63 33.97 17.73 -15.70
N ASP A 64 33.68 17.01 -16.78
CA ASP A 64 32.35 16.56 -17.12
C ASP A 64 32.31 15.08 -16.78
N VAL A 65 31.57 14.71 -15.72
CA VAL A 65 31.65 13.35 -15.22
C VAL A 65 31.15 12.33 -16.24
N SER A 66 30.48 12.78 -17.27
CA SER A 66 29.99 11.90 -18.36
C SER A 66 31.10 11.51 -19.33
N LYS A 67 32.22 12.18 -19.24
CA LYS A 67 33.34 11.89 -20.13
C LYS A 67 34.44 11.28 -19.31
N GLU A 68 34.72 10.02 -19.59
CA GLU A 68 35.73 9.22 -18.88
C GLU A 68 37.13 9.73 -19.14
N GLU A 69 37.35 10.35 -20.28
CA GLU A 69 38.61 10.97 -20.72
C GLU A 69 39.07 12.08 -19.77
N HIS A 70 38.16 12.73 -19.08
CA HIS A 70 38.51 13.81 -18.14
C HIS A 70 39.10 13.36 -16.80
N PHE A 71 39.07 12.08 -16.42
CA PHE A 71 39.43 11.73 -15.04
C PHE A 71 40.93 11.58 -14.82
N LYS A 72 41.55 10.88 -15.76
CA LYS A 72 42.99 10.67 -15.65
C LYS A 72 43.64 12.02 -15.60
N PRO A 73 43.35 13.20 -16.42
CA PRO A 73 43.97 14.52 -16.41
C PRO A 73 43.68 15.23 -15.12
N LEU A 74 42.44 15.08 -14.63
CA LEU A 74 42.11 15.62 -13.32
C LEU A 74 43.09 15.07 -12.29
N TYR A 75 43.23 13.74 -12.24
CA TYR A 75 44.23 13.13 -11.38
C TYR A 75 45.59 13.78 -11.61
N ASP A 76 46.01 13.83 -12.89
CA ASP A 76 47.33 14.36 -13.18
C ASP A 76 47.45 15.80 -12.71
N SER A 77 46.39 16.59 -12.91
CA SER A 77 46.44 17.96 -12.44
C SER A 77 46.60 17.98 -10.93
N VAL A 78 45.73 17.26 -10.21
CA VAL A 78 45.72 17.34 -8.75
C VAL A 78 47.06 16.90 -8.19
N LYS A 79 47.60 15.84 -8.75
CA LYS A 79 48.89 15.33 -8.30
C LYS A 79 49.97 16.39 -8.56
N LYS A 80 49.95 17.00 -9.71
CA LYS A 80 50.88 18.09 -10.04
C LYS A 80 50.71 19.30 -9.13
N ASP A 81 49.50 19.81 -8.99
CA ASP A 81 49.37 21.10 -8.33
C ASP A 81 49.28 20.98 -6.81
N LEU A 82 48.61 19.95 -6.32
CA LEU A 82 48.34 19.80 -4.90
C LEU A 82 49.10 18.66 -4.25
N GLY A 83 49.47 17.62 -4.99
CA GLY A 83 50.22 16.51 -4.45
C GLY A 83 49.33 15.49 -3.76
N SER A 84 48.35 15.95 -3.01
CA SER A 84 47.45 15.06 -2.29
C SER A 84 46.17 15.83 -1.96
N LEU A 85 45.18 15.10 -1.48
CA LEU A 85 43.89 15.67 -1.12
C LEU A 85 43.48 15.21 0.27
N ASP A 86 42.93 16.15 1.04
CA ASP A 86 42.33 15.82 2.32
C ASP A 86 40.81 15.82 2.30
N PHE A 87 40.18 16.38 1.27
CA PHE A 87 38.73 16.20 1.17
C PHE A 87 38.24 16.41 -0.27
N ILE A 88 37.08 15.80 -0.53
CA ILE A 88 36.39 15.91 -1.82
C ILE A 88 34.93 16.23 -1.55
N VAL A 89 34.38 17.21 -2.28
CA VAL A 89 32.95 17.49 -2.31
C VAL A 89 32.42 17.05 -3.67
N HIS A 90 31.46 16.14 -3.66
CA HIS A 90 30.81 15.61 -4.86
C HIS A 90 29.38 16.13 -4.84
N SER A 91 29.13 17.21 -5.58
CA SER A 91 27.81 17.85 -5.66
C SER A 91 27.35 17.78 -7.11
N VAL A 92 26.89 16.60 -7.50
CA VAL A 92 26.54 16.27 -8.89
C VAL A 92 25.21 15.52 -8.86
N ALA A 93 24.18 16.08 -9.47
CA ALA A 93 22.91 15.38 -9.58
C ALA A 93 22.20 15.84 -10.84
N PHE A 94 21.78 14.88 -11.67
CA PHE A 94 21.13 15.20 -12.93
C PHE A 94 20.18 14.09 -13.37
N ALA A 95 18.96 14.47 -13.74
CA ALA A 95 18.11 13.65 -14.58
C ALA A 95 17.56 14.51 -15.71
N PRO A 96 17.36 13.95 -16.90
CA PRO A 96 16.69 14.71 -17.96
C PRO A 96 15.39 15.30 -17.40
N LYS A 97 15.00 16.44 -17.91
CA LYS A 97 13.78 17.13 -17.44
C LYS A 97 12.56 16.24 -17.56
N GLU A 98 12.39 15.48 -18.65
CA GLU A 98 11.17 14.68 -18.79
C GLU A 98 11.07 13.60 -17.74
N ALA A 99 12.20 13.17 -17.19
CA ALA A 99 12.16 12.17 -16.14
C ALA A 99 11.60 12.74 -14.83
N LEU A 100 11.67 14.04 -14.60
CA LEU A 100 11.02 14.49 -13.39
C LEU A 100 9.62 14.98 -13.69
N GLU A 101 9.19 14.85 -14.94
CA GLU A 101 7.82 15.03 -15.34
C GLU A 101 7.07 13.72 -15.22
N GLY A 102 5.76 13.81 -15.01
CA GLY A 102 4.96 12.59 -15.00
C GLY A 102 5.30 11.70 -13.83
N SER A 103 5.28 10.40 -14.08
CA SER A 103 5.42 9.37 -13.06
C SER A 103 6.69 8.57 -13.30
N LEU A 104 7.15 7.89 -12.25
CA LEU A 104 8.28 6.98 -12.42
C LEU A 104 7.97 5.91 -13.45
N LEU A 105 6.71 5.47 -13.51
CA LEU A 105 6.31 4.40 -14.42
C LEU A 105 6.64 4.74 -15.87
N GLU A 106 6.63 6.02 -16.23
CA GLU A 106 6.84 6.45 -17.61
C GLU A 106 8.30 6.72 -17.95
N THR A 107 9.22 6.51 -17.01
CA THR A 107 10.64 6.81 -17.27
C THR A 107 11.20 5.92 -18.37
N SER A 108 11.92 6.54 -19.31
CA SER A 108 12.60 5.79 -20.35
C SER A 108 13.87 5.14 -19.79
N LYS A 109 14.30 4.05 -20.45
CA LYS A 109 15.53 3.38 -20.04
C LYS A 109 16.74 4.29 -20.19
N SER A 110 16.79 5.07 -21.27
CA SER A 110 17.92 5.98 -21.47
C SER A 110 17.95 7.06 -20.38
N ALA A 111 16.80 7.64 -20.04
CA ALA A 111 16.75 8.63 -18.97
C ALA A 111 17.14 8.01 -17.63
N PHE A 112 16.66 6.79 -17.36
CA PHE A 112 17.03 6.08 -16.14
C PHE A 112 18.54 5.93 -16.05
N ASN A 113 19.16 5.47 -17.13
CA ASN A 113 20.60 5.25 -17.12
C ASN A 113 21.37 6.55 -16.97
N THR A 114 20.91 7.62 -17.63
CA THR A 114 21.60 8.91 -17.48
C THR A 114 21.53 9.40 -16.04
N ALA A 115 20.35 9.30 -15.42
CA ALA A 115 20.22 9.72 -14.04
C ALA A 115 21.14 8.92 -13.13
N MET A 116 21.17 7.59 -13.30
CA MET A 116 22.02 6.77 -12.45
C MET A 116 23.50 7.04 -12.69
N GLU A 117 23.89 7.19 -13.96
CA GLU A 117 25.30 7.43 -14.30
C GLU A 117 25.79 8.73 -13.68
N ILE A 118 25.07 9.82 -13.92
CA ILE A 118 25.55 11.13 -13.49
C ILE A 118 25.41 11.27 -11.97
N SER A 119 24.30 10.82 -11.40
CA SER A 119 24.03 11.09 -10.00
C SER A 119 24.68 10.10 -9.04
N VAL A 120 24.99 8.89 -9.50
CA VAL A 120 25.50 7.85 -8.60
C VAL A 120 26.87 7.37 -9.04
N TYR A 121 26.97 6.84 -10.27
CA TYR A 121 28.23 6.24 -10.69
C TYR A 121 29.38 7.23 -10.65
N SER A 122 29.09 8.52 -10.89
CA SER A 122 30.15 9.53 -10.89
C SER A 122 30.86 9.61 -9.55
N LEU A 123 30.16 9.33 -8.44
CA LEU A 123 30.86 9.32 -7.16
C LEU A 123 31.88 8.19 -7.13
N ILE A 124 31.52 7.03 -7.66
CA ILE A 124 32.44 5.90 -7.73
C ILE A 124 33.65 6.25 -8.59
N GLU A 125 33.40 6.78 -9.79
CA GLU A 125 34.50 7.07 -10.70
C GLU A 125 35.41 8.17 -10.16
N LEU A 126 34.83 9.25 -9.61
CA LEU A 126 35.65 10.31 -9.03
C LEU A 126 36.49 9.79 -7.87
N THR A 127 35.87 9.04 -6.97
CA THR A 127 36.58 8.53 -5.80
C THR A 127 37.65 7.52 -6.18
N ASN A 128 37.35 6.63 -7.13
CA ASN A 128 38.34 5.65 -7.55
C ASN A 128 39.50 6.34 -8.26
N THR A 129 39.21 7.36 -9.07
CA THR A 129 40.25 8.09 -9.76
C THR A 129 41.17 8.77 -8.76
N LEU A 130 40.61 9.40 -7.72
CA LEU A 130 41.43 10.20 -6.82
C LEU A 130 41.92 9.45 -5.58
N LYS A 131 41.44 8.24 -5.43
CA LYS A 131 41.73 7.38 -4.28
C LYS A 131 43.19 7.41 -3.96
N PRO A 132 44.32 7.24 -4.90
CA PRO A 132 45.75 7.23 -4.58
C PRO A 132 46.26 8.52 -3.97
N LEU A 133 45.56 9.63 -4.18
CA LEU A 133 45.97 10.93 -3.69
C LEU A 133 45.39 11.30 -2.34
N LEU A 134 44.48 10.48 -1.80
CA LEU A 134 43.79 10.84 -0.57
C LEU A 134 44.68 10.54 0.63
N ASN A 135 44.90 11.55 1.47
CA ASN A 135 45.70 11.39 2.67
C ASN A 135 44.94 10.65 3.77
N ASN A 136 45.70 10.12 4.72
CA ASN A 136 45.12 9.65 5.97
C ASN A 136 44.20 10.69 6.56
N GLY A 137 43.02 10.26 7.00
CA GLY A 137 42.06 11.17 7.60
C GLY A 137 41.18 11.92 6.61
N ALA A 138 41.31 11.65 5.31
CA ALA A 138 40.55 12.38 4.30
C ALA A 138 39.06 12.13 4.44
N SER A 139 38.27 13.07 3.89
CA SER A 139 36.82 13.02 4.01
C SER A 139 36.18 13.30 2.65
N VAL A 140 35.27 12.42 2.25
CA VAL A 140 34.55 12.52 0.99
C VAL A 140 33.08 12.77 1.32
N LEU A 141 32.51 13.81 0.73
CA LEU A 141 31.14 14.22 1.03
C LEU A 141 30.33 14.27 -0.26
N THR A 142 29.15 13.66 -0.25
CA THR A 142 28.21 13.80 -1.35
C THR A 142 26.91 14.40 -0.82
N LEU A 143 26.00 14.73 -1.73
CA LEU A 143 24.78 15.44 -1.40
C LEU A 143 23.57 14.59 -1.74
N SER A 144 22.55 14.65 -0.88
CA SER A 144 21.36 13.84 -1.07
C SER A 144 20.13 14.63 -0.62
N TYR A 145 19.00 13.92 -0.60
CA TYR A 145 17.68 14.50 -0.42
C TYR A 145 16.75 13.44 0.12
N LEU A 146 15.77 13.88 0.91
CA LEU A 146 14.81 12.97 1.56
C LEU A 146 14.13 12.04 0.56
N GLY A 147 14.03 12.44 -0.71
CA GLY A 147 13.42 11.59 -1.73
C GLY A 147 14.07 10.23 -1.91
N SER A 148 15.25 10.03 -1.32
CA SER A 148 15.89 8.71 -1.35
C SER A 148 15.08 7.69 -0.56
N THR A 149 14.50 8.10 0.57
CA THR A 149 13.88 7.18 1.50
C THR A 149 12.40 7.43 1.72
N LYS A 150 11.86 8.53 1.20
CA LYS A 150 10.44 8.77 1.19
C LYS A 150 10.01 9.21 -0.19
N TYR A 151 8.73 9.07 -0.48
CA TYR A 151 8.19 9.60 -1.73
C TYR A 151 8.17 11.12 -1.65
N MET A 152 8.68 11.75 -2.67
CA MET A 152 8.62 13.19 -2.83
C MET A 152 8.13 13.44 -4.25
N ALA A 153 7.29 14.42 -4.45
CA ALA A 153 6.74 14.69 -5.80
C ALA A 153 7.77 15.29 -6.72
N HIS A 154 7.57 15.05 -7.99
CA HIS A 154 8.42 15.58 -9.08
C HIS A 154 9.88 15.24 -8.81
N TYR A 155 10.14 13.99 -8.47
CA TYR A 155 11.49 13.54 -8.12
C TYR A 155 11.75 12.27 -8.91
N ASN A 156 10.82 11.34 -8.83
CA ASN A 156 10.81 10.14 -9.67
C ASN A 156 12.14 9.41 -9.61
N VAL A 157 12.80 9.31 -10.73
CA VAL A 157 14.07 8.55 -10.82
C VAL A 157 15.14 9.10 -9.89
N MET A 158 15.16 10.38 -9.63
CA MET A 158 16.16 10.92 -8.72
C MET A 158 16.00 10.30 -7.33
N GLY A 159 14.80 9.98 -6.90
CA GLY A 159 14.64 9.28 -5.64
C GLY A 159 15.31 7.92 -5.66
N LEU A 160 15.28 7.24 -6.80
CA LEU A 160 16.02 6.00 -6.95
C LEU A 160 17.51 6.29 -6.88
N ALA A 161 17.96 7.32 -7.61
CA ALA A 161 19.39 7.61 -7.68
C ALA A 161 19.91 7.94 -6.29
N LYS A 162 19.23 8.84 -5.59
CA LYS A 162 19.71 9.24 -4.28
C LYS A 162 19.71 8.05 -3.32
N ALA A 163 18.75 7.13 -3.45
CA ALA A 163 18.79 5.96 -2.59
C ALA A 163 20.06 5.17 -2.86
N ALA A 164 20.34 4.90 -4.14
CA ALA A 164 21.57 4.21 -4.49
C ALA A 164 22.77 4.98 -3.97
N LEU A 165 22.72 6.32 -4.07
CA LEU A 165 23.85 7.12 -3.64
C LEU A 165 24.13 6.92 -2.16
N GLU A 166 23.07 6.92 -1.35
CA GLU A 166 23.28 6.76 0.08
C GLU A 166 23.82 5.37 0.36
N SER A 167 23.36 4.37 -0.40
CA SER A 167 23.91 3.03 -0.23
C SER A 167 25.38 3.04 -0.62
N ALA A 168 25.72 3.74 -1.70
CA ALA A 168 27.12 3.84 -2.09
C ALA A 168 27.94 4.43 -0.96
N VAL A 169 27.40 5.42 -0.26
CA VAL A 169 28.14 6.04 0.82
C VAL A 169 28.54 4.97 1.84
N ARG A 170 27.58 4.11 2.20
CA ARG A 170 27.87 3.09 3.18
C ARG A 170 28.97 2.17 2.69
N TYR A 171 28.85 1.69 1.44
CA TYR A 171 29.84 0.75 0.96
C TYR A 171 31.19 1.42 0.85
N LEU A 172 31.22 2.68 0.38
CA LEU A 172 32.50 3.34 0.24
C LEU A 172 33.11 3.58 1.62
N ALA A 173 32.27 3.87 2.61
CA ALA A 173 32.76 4.07 3.97
C ALA A 173 33.51 2.83 4.44
N VAL A 174 33.01 1.64 4.07
CA VAL A 174 33.70 0.43 4.46
C VAL A 174 34.97 0.26 3.64
N ASP A 175 34.90 0.51 2.32
CA ASP A 175 36.07 0.34 1.48
C ASP A 175 37.20 1.26 1.93
N LEU A 176 36.88 2.53 2.13
CA LEU A 176 37.90 3.54 2.37
C LEU A 176 38.28 3.66 3.85
N GLY A 177 37.44 3.14 4.75
CA GLY A 177 37.69 3.25 6.19
C GLY A 177 38.97 2.53 6.64
N LYS A 178 39.35 1.52 5.88
CA LYS A 178 40.60 0.76 6.10
C LYS A 178 41.78 1.71 6.09
N HIS A 179 41.66 2.77 5.31
CA HIS A 179 42.73 3.75 5.11
C HIS A 179 42.43 5.01 5.89
N ASN A 180 41.54 4.91 6.85
CA ASN A 180 41.11 6.02 7.70
C ASN A 180 40.61 7.18 6.86
N ILE A 181 39.82 6.86 5.84
CA ILE A 181 39.12 7.85 5.02
C ILE A 181 37.63 7.70 5.29
N ARG A 182 36.95 8.83 5.44
CA ARG A 182 35.53 8.88 5.79
C ARG A 182 34.72 9.23 4.55
N VAL A 183 33.48 8.72 4.50
CA VAL A 183 32.55 9.03 3.41
C VAL A 183 31.18 9.31 4.02
N ASN A 184 30.58 10.44 3.68
CA ASN A 184 29.29 10.82 4.23
C ASN A 184 28.43 11.50 3.17
N ALA A 185 27.14 11.58 3.48
CA ALA A 185 26.19 12.33 2.66
C ALA A 185 25.49 13.38 3.51
N LEU A 186 25.34 14.56 2.94
CA LEU A 186 24.56 15.64 3.53
C LEU A 186 23.21 15.68 2.82
N SER A 187 22.14 15.43 3.55
CA SER A 187 20.79 15.46 2.99
C SER A 187 20.20 16.84 3.23
N ALA A 188 20.14 17.65 2.18
CA ALA A 188 19.74 19.04 2.34
C ALA A 188 18.25 19.22 2.08
N GLY A 189 17.63 20.12 2.85
CA GLY A 189 16.33 20.65 2.50
C GLY A 189 16.44 21.68 1.40
N PRO A 190 15.29 22.06 0.85
CA PRO A 190 15.30 23.04 -0.24
C PRO A 190 15.70 24.43 0.22
N ILE A 191 16.37 25.15 -0.68
CA ILE A 191 16.91 26.49 -0.41
C ILE A 191 16.17 27.48 -1.30
N ARG A 192 15.65 28.54 -0.70
CA ARG A 192 15.02 29.62 -1.47
C ARG A 192 16.08 30.45 -2.18
N THR A 193 15.95 30.59 -3.51
CA THR A 193 16.79 31.49 -4.29
C THR A 193 15.94 32.27 -5.28
N LEU A 194 16.56 33.29 -5.88
CA LEU A 194 15.91 34.06 -6.93
C LEU A 194 15.47 33.15 -8.07
N ALA A 195 16.40 32.35 -8.59
CA ALA A 195 16.09 31.49 -9.73
C ALA A 195 15.04 30.44 -9.37
N SER A 196 15.19 29.80 -8.20
CA SER A 196 14.23 28.79 -7.77
C SER A 196 12.84 29.40 -7.59
N SER A 197 12.79 30.63 -7.10
CA SER A 197 11.51 31.32 -6.99
C SER A 197 10.86 31.56 -8.34
N GLY A 198 11.51 31.19 -9.44
CA GLY A 198 10.85 31.34 -10.72
C GLY A 198 10.13 30.12 -11.24
N ILE A 199 10.15 29.05 -10.43
CA ILE A 199 9.52 27.76 -10.82
C ILE A 199 8.39 27.32 -9.88
N ALA A 200 7.24 27.00 -10.42
CA ALA A 200 6.08 26.66 -9.57
C ALA A 200 6.25 25.38 -8.75
N ASP A 201 6.73 24.29 -9.29
CA ASP A 201 6.82 23.07 -8.46
C ASP A 201 7.77 23.26 -7.27
N PHE A 202 8.84 24.00 -7.48
CA PHE A 202 9.84 24.34 -6.46
C PHE A 202 9.26 25.26 -5.40
N ARG A 203 8.41 26.16 -5.84
CA ARG A 203 7.78 27.12 -4.94
C ARG A 203 6.94 26.36 -3.93
N MET A 204 6.23 25.36 -4.39
CA MET A 204 5.39 24.55 -3.52
C MET A 204 6.25 23.83 -2.49
N ILE A 205 7.31 23.18 -2.92
CA ILE A 205 8.14 22.37 -2.00
C ILE A 205 8.81 23.27 -0.98
N LEU A 206 9.24 24.44 -1.41
CA LEU A 206 9.82 25.39 -0.45
C LEU A 206 8.74 25.82 0.52
N LYS A 207 7.57 26.16 0.03
CA LYS A 207 6.55 26.65 0.95
C LYS A 207 6.11 25.56 1.93
N TRP A 208 6.00 24.33 1.45
CA TRP A 208 5.62 23.21 2.31
C TRP A 208 6.65 22.98 3.40
N ASN A 209 7.94 22.95 3.03
CA ASN A 209 9.00 22.88 4.03
C ASN A 209 8.94 24.02 5.03
N GLU A 210 8.84 25.26 4.56
CA GLU A 210 8.84 26.41 5.47
C GLU A 210 7.68 26.32 6.46
N ILE A 211 6.49 25.94 5.99
CA ILE A 211 5.33 25.91 6.88
C ILE A 211 5.42 24.75 7.85
N ASN A 212 5.92 23.59 7.41
CA ASN A 212 5.79 22.37 8.19
C ASN A 212 7.06 21.95 8.93
N ALA A 213 8.22 22.52 8.62
CA ALA A 213 9.43 22.13 9.31
C ALA A 213 9.38 22.60 10.77
N PRO A 214 9.97 21.82 11.69
CA PRO A 214 10.02 22.25 13.10
C PRO A 214 10.50 23.68 13.30
N LEU A 215 11.52 24.11 12.59
CA LEU A 215 12.06 25.45 12.75
C LEU A 215 11.30 26.50 11.94
N ARG A 216 10.26 26.10 11.21
CA ARG A 216 9.37 27.03 10.50
C ARG A 216 10.15 27.99 9.60
N LYS A 217 11.13 27.43 8.89
CA LYS A 217 11.99 28.18 8.00
C LYS A 217 12.57 27.22 6.97
N ASN A 218 13.02 27.78 5.84
CA ASN A 218 13.88 27.03 4.93
C ASN A 218 15.33 27.18 5.37
N VAL A 219 16.11 26.11 5.16
CA VAL A 219 17.53 26.20 5.46
C VAL A 219 18.20 27.16 4.48
N SER A 220 19.30 27.76 4.92
CA SER A 220 20.06 28.66 4.07
C SER A 220 21.23 27.93 3.42
N LEU A 221 21.78 28.55 2.36
CA LEU A 221 23.00 28.02 1.78
C LEU A 221 24.13 28.02 2.80
N GLU A 222 24.17 29.03 3.67
CA GLU A 222 25.18 29.07 4.73
C GLU A 222 25.04 27.88 5.67
N GLU A 223 23.82 27.49 6.00
CA GLU A 223 23.63 26.37 6.92
C GLU A 223 24.07 25.05 6.29
N VAL A 224 23.73 24.84 5.02
CA VAL A 224 24.19 23.65 4.30
C VAL A 224 25.71 23.66 4.19
N GLY A 225 26.28 24.82 3.88
CA GLY A 225 27.72 24.92 3.75
C GLY A 225 28.46 24.64 5.04
N ASN A 226 27.94 25.15 6.16
CA ASN A 226 28.59 24.92 7.45
C ASN A 226 28.49 23.46 7.86
N ALA A 227 27.34 22.83 7.64
CA ALA A 227 27.23 21.40 7.94
C ALA A 227 28.19 20.58 7.07
N GLY A 228 28.31 20.95 5.79
CA GLY A 228 29.26 20.27 4.94
C GLY A 228 30.69 20.44 5.42
N MET A 229 31.08 21.68 5.75
CA MET A 229 32.42 21.92 6.27
C MET A 229 32.66 21.06 7.50
N TYR A 230 31.69 20.98 8.41
CA TYR A 230 31.84 20.13 9.59
C TYR A 230 32.16 18.70 9.20
N LEU A 231 31.39 18.16 8.25
CA LEU A 231 31.63 16.77 7.83
C LEU A 231 32.97 16.59 7.14
N LEU A 232 33.49 17.65 6.50
CA LEU A 232 34.78 17.55 5.82
C LEU A 232 35.96 17.74 6.76
N SER A 233 35.73 18.33 7.93
CA SER A 233 36.77 18.71 8.87
C SER A 233 37.05 17.59 9.87
N SER A 234 38.15 17.75 10.60
CA SER A 234 38.50 16.80 11.65
C SER A 234 37.53 16.83 12.82
N LEU A 235 36.68 17.86 12.93
CA LEU A 235 35.65 17.87 13.96
C LEU A 235 34.77 16.63 13.88
N SER A 236 34.55 16.11 12.68
CA SER A 236 33.71 14.94 12.44
C SER A 236 34.52 13.67 12.21
N SER A 237 35.77 13.61 12.71
CA SER A 237 36.60 12.45 12.46
C SER A 237 36.03 11.15 13.04
N GLY A 238 35.05 11.23 13.92
CA GLY A 238 34.36 10.04 14.37
C GLY A 238 33.14 9.66 13.56
N VAL A 239 32.85 10.37 12.48
CA VAL A 239 31.61 10.24 11.72
C VAL A 239 31.92 9.67 10.34
N SER A 240 31.34 8.53 10.01
CA SER A 240 31.47 8.01 8.65
C SER A 240 30.25 7.17 8.30
N GLY A 241 29.95 7.08 7.01
CA GLY A 241 28.77 6.38 6.55
C GLY A 241 27.46 7.02 6.96
N GLU A 242 27.49 8.29 7.32
CA GLU A 242 26.33 8.99 7.88
C GLU A 242 25.58 9.74 6.78
N VAL A 243 24.25 9.71 6.87
CA VAL A 243 23.38 10.61 6.13
C VAL A 243 22.92 11.69 7.11
N HIS A 244 23.43 12.90 6.94
CA HIS A 244 23.27 13.98 7.91
C HIS A 244 22.25 14.98 7.38
N PHE A 245 21.13 15.13 8.07
CA PHE A 245 20.02 15.96 7.59
C PHE A 245 20.24 17.41 7.98
N VAL A 246 20.27 18.29 6.97
CA VAL A 246 20.31 19.73 7.19
C VAL A 246 19.08 20.31 6.53
N ASP A 247 17.95 20.27 7.25
CA ASP A 247 16.65 20.52 6.63
C ASP A 247 15.68 21.21 7.57
N ALA A 248 16.17 21.95 8.57
CA ALA A 248 15.35 22.63 9.56
C ALA A 248 14.46 21.66 10.35
N GLY A 249 14.86 20.39 10.40
CA GLY A 249 14.12 19.37 11.12
C GLY A 249 13.02 18.70 10.33
N TYR A 250 12.86 19.04 9.05
CA TYR A 250 11.68 18.60 8.30
C TYR A 250 11.53 17.09 8.34
N HIS A 251 12.65 16.35 8.29
CA HIS A 251 12.61 14.91 8.20
C HIS A 251 11.84 14.24 9.33
N VAL A 252 11.65 14.92 10.47
CA VAL A 252 10.96 14.28 11.60
C VAL A 252 9.44 14.27 11.46
N MET A 253 8.88 15.04 10.52
CA MET A 253 7.43 15.23 10.47
C MET A 253 6.77 14.00 9.85
N GLY A 254 5.79 13.44 10.56
CA GLY A 254 4.98 12.35 10.06
C GLY A 254 3.68 12.76 9.41
N MET A 255 3.38 14.05 9.40
CA MET A 255 2.14 14.61 8.89
C MET A 255 2.34 16.12 8.81
N GLY A 256 1.32 16.82 8.33
CA GLY A 256 1.38 18.27 8.32
C GLY A 256 1.42 18.83 9.73
N ALA A 257 2.10 19.95 9.89
CA ALA A 257 2.13 20.65 11.18
C ALA A 257 0.77 21.20 11.51
N VAL A 258 0.48 21.28 12.78
CA VAL A 258 -0.85 21.78 13.18
C VAL A 258 -0.69 22.78 14.28
N GLU A 259 -1.69 23.59 14.39
CA GLU A 259 -1.68 24.49 15.54
C GLU A 259 -2.99 24.24 16.19
N GLU A 260 -3.00 24.18 17.49
CA GLU A 260 -4.36 24.03 18.05
C GLU A 260 -5.09 25.35 17.82
N LYS A 261 -6.12 25.34 17.01
CA LYS A 261 -6.99 26.51 16.76
C LYS A 261 -8.45 26.17 17.11
N ASP A 262 -9.15 27.04 17.84
CA ASP A 262 -10.62 26.94 18.15
C ASP A 262 -10.97 25.52 18.67
N ASN A 263 -10.09 24.94 19.52
CA ASN A 263 -9.96 23.56 20.08
C ASN A 263 -9.95 22.43 19.03
N LYS A 264 -9.16 22.50 17.91
CA LYS A 264 -9.25 21.45 16.84
C LYS A 264 -8.02 20.91 16.05
N ALA A 265 -6.76 21.13 16.38
CA ALA A 265 -5.67 20.63 15.51
C ALA A 265 -5.81 21.02 14.04
N THR A 266 -5.83 22.28 13.70
CA THR A 266 -5.93 22.74 12.31
C THR A 266 -4.56 22.75 11.65
N LEU A 267 -4.47 22.41 10.38
CA LEU A 267 -3.15 22.40 9.75
C LEU A 267 -2.64 23.83 9.64
N LEU A 268 -1.37 24.02 9.81
CA LEU A 268 -0.74 25.32 9.61
C LEU A 268 -0.86 25.72 8.15
N TRP A 269 -0.77 24.79 7.23
CA TRP A 269 -0.93 25.08 5.80
C TRP A 269 -2.31 25.68 5.54
N ASP A 270 -3.36 25.22 6.19
CA ASP A 270 -4.73 25.73 5.99
C ASP A 270 -4.84 27.14 6.52
N LEU A 271 -4.19 27.44 7.61
CA LEU A 271 -4.28 28.81 8.13
C LEU A 271 -3.61 29.77 7.17
N HIS A 272 -2.58 29.30 6.48
CA HIS A 272 -1.91 30.15 5.51
C HIS A 272 -2.89 30.53 4.39
N LYS A 273 -3.78 29.59 4.05
CA LYS A 273 -5.07 29.78 3.35
C LYS A 273 -5.52 28.44 2.78
N MET B 1 36.79 33.62 15.99
CA MET B 1 36.78 32.29 15.37
C MET B 1 35.85 31.43 16.21
N GLY B 2 35.84 31.61 17.54
CA GLY B 2 35.17 30.67 18.44
C GLY B 2 33.75 30.54 18.08
N PHE B 3 33.33 29.33 17.79
CA PHE B 3 31.93 29.06 17.38
C PHE B 3 30.90 29.20 18.52
N LEU B 4 31.28 29.34 19.78
CA LEU B 4 30.34 29.58 20.88
C LEU B 4 30.81 30.82 21.67
N LYS B 5 31.50 31.73 21.02
CA LYS B 5 32.04 32.89 21.70
C LYS B 5 30.90 33.67 22.26
N GLY B 6 30.91 33.69 23.54
CA GLY B 6 29.89 34.49 24.18
C GLY B 6 28.58 33.79 24.42
N LYS B 7 28.47 32.51 24.08
CA LYS B 7 27.26 31.73 24.28
C LYS B 7 27.31 31.01 25.61
N LYS B 8 26.17 30.94 26.29
CA LYS B 8 26.06 30.40 27.63
C LYS B 8 25.44 29.02 27.57
N GLY B 9 26.07 28.06 28.24
CA GLY B 9 25.60 26.69 28.22
C GLY B 9 25.61 26.01 29.56
N LEU B 10 24.61 25.17 29.80
CA LEU B 10 24.53 24.35 31.01
C LEU B 10 24.88 22.91 30.67
N ILE B 11 25.84 22.34 31.40
CA ILE B 11 26.34 21.00 31.18
C ILE B 11 25.80 20.13 32.31
N VAL B 12 24.94 19.17 31.99
CA VAL B 12 24.35 18.28 32.99
C VAL B 12 24.89 16.87 32.75
N GLY B 13 25.49 16.30 33.79
CA GLY B 13 25.92 14.92 33.73
C GLY B 13 27.42 14.67 33.79
N VAL B 14 28.22 15.65 34.20
CA VAL B 14 29.64 15.41 34.40
C VAL B 14 29.83 14.61 35.68
N ALA B 15 30.46 13.45 35.57
CA ALA B 15 30.88 12.68 36.73
C ALA B 15 32.38 12.74 36.97
N ASN B 16 33.17 12.87 35.91
CA ASN B 16 34.62 13.01 36.00
C ASN B 16 35.10 13.47 34.62
N ASN B 17 36.43 13.56 34.46
CA ASN B 17 36.99 14.12 33.25
C ASN B 17 36.97 13.13 32.09
N LYS B 18 36.49 11.91 32.32
CA LYS B 18 36.24 10.95 31.24
C LYS B 18 34.78 10.92 30.80
N SER B 19 33.91 11.68 31.45
CA SER B 19 32.50 11.72 31.08
C SER B 19 32.30 12.34 29.70
N ILE B 20 31.32 11.81 28.96
CA ILE B 20 30.96 12.40 27.67
C ILE B 20 30.63 13.88 27.82
N ALA B 21 29.89 14.23 28.87
CA ALA B 21 29.55 15.62 29.11
C ALA B 21 30.79 16.47 29.28
N TYR B 22 31.87 15.91 29.86
CA TYR B 22 33.10 16.68 29.99
C TYR B 22 33.77 16.89 28.64
N GLY B 23 33.84 15.85 27.81
CA GLY B 23 34.40 16.02 26.47
C GLY B 23 33.69 17.12 25.70
N ILE B 24 32.35 17.09 25.74
CA ILE B 24 31.58 18.12 25.05
C ILE B 24 31.85 19.49 25.67
N ALA B 25 31.85 19.58 27.01
CA ALA B 25 32.11 20.85 27.69
C ALA B 25 33.47 21.40 27.30
N GLN B 26 34.48 20.54 27.23
CA GLN B 26 35.83 20.96 26.90
C GLN B 26 35.89 21.52 25.48
N SER B 27 35.25 20.85 24.52
CA SER B 27 35.26 21.40 23.17
C SER B 27 34.50 22.72 23.10
N CYS B 28 33.38 22.82 23.84
CA CYS B 28 32.63 24.08 23.87
C CYS B 28 33.46 25.20 24.47
N PHE B 29 34.18 24.90 25.56
CA PHE B 29 35.10 25.87 26.15
C PHE B 29 36.14 26.32 25.14
N ASN B 30 36.73 25.37 24.42
CA ASN B 30 37.71 25.71 23.40
C ASN B 30 37.11 26.55 22.29
N GLN B 31 35.79 26.53 22.11
CA GLN B 31 35.13 27.41 21.16
C GLN B 31 34.57 28.68 21.81
N GLY B 32 34.98 29.00 23.04
CA GLY B 32 34.66 30.28 23.65
C GLY B 32 33.40 30.33 24.47
N ALA B 33 32.78 29.20 24.78
CA ALA B 33 31.51 29.21 25.49
C ALA B 33 31.70 29.61 26.95
N THR B 34 30.67 30.23 27.49
CA THR B 34 30.53 30.45 28.93
C THR B 34 29.75 29.28 29.52
N LEU B 35 30.40 28.50 30.39
CA LEU B 35 29.86 27.23 30.85
C LEU B 35 29.36 27.32 32.29
N ALA B 36 28.36 26.48 32.57
CA ALA B 36 27.90 26.20 33.92
C ALA B 36 27.68 24.70 34.02
N PHE B 37 27.79 24.16 35.23
CA PHE B 37 27.75 22.72 35.45
C PHE B 37 26.82 22.37 36.59
N THR B 38 26.21 21.19 36.49
CA THR B 38 25.50 20.58 37.62
C THR B 38 26.29 19.40 38.17
N TYR B 39 25.98 19.03 39.41
CA TYR B 39 26.52 17.84 40.04
C TYR B 39 25.41 17.07 40.71
N LEU B 40 25.51 15.74 40.70
CA LEU B 40 24.45 14.89 41.22
C LEU B 40 24.35 14.97 42.74
N ASN B 41 25.48 14.95 43.43
CA ASN B 41 25.50 14.85 44.88
C ASN B 41 26.86 15.34 45.38
N GLU B 42 27.08 15.24 46.69
CA GLU B 42 28.35 15.72 47.25
C GLU B 42 29.55 14.94 46.74
N SER B 43 29.38 13.64 46.47
CA SER B 43 30.49 12.85 45.94
C SER B 43 30.94 13.35 44.57
N LEU B 44 29.98 13.61 43.70
CA LEU B 44 30.34 14.08 42.36
C LEU B 44 30.70 15.56 42.37
N GLU B 45 30.32 16.29 43.39
CA GLU B 45 30.68 17.71 43.54
C GLU B 45 32.21 17.87 43.61
N LYS B 46 32.90 16.91 44.17
CA LYS B 46 34.38 16.91 44.33
C LYS B 46 35.08 16.79 42.97
N ARG B 47 34.41 16.20 42.02
CA ARG B 47 34.94 16.10 40.65
C ARG B 47 34.45 17.24 39.78
N VAL B 48 33.20 17.69 39.90
CA VAL B 48 32.67 18.71 39.02
C VAL B 48 33.31 20.07 39.30
N ARG B 49 33.50 20.42 40.57
CA ARG B 49 34.04 21.75 40.86
C ARG B 49 35.44 21.96 40.27
N PRO B 50 36.41 21.06 40.46
CA PRO B 50 37.71 21.26 39.81
C PRO B 50 37.61 21.31 38.29
N ILE B 51 36.78 20.45 37.70
CA ILE B 51 36.56 20.49 36.25
C ILE B 51 36.00 21.84 35.83
N ALA B 52 35.00 22.33 36.58
CA ALA B 52 34.39 23.62 36.25
C ALA B 52 35.42 24.74 36.28
N GLN B 53 36.25 24.77 37.33
CA GLN B 53 37.29 25.79 37.36
C GLN B 53 38.31 25.58 36.24
N GLU B 54 38.49 24.33 35.81
CA GLU B 54 39.52 24.03 34.81
C GLU B 54 39.15 24.73 33.53
N LEU B 55 37.82 24.75 33.30
CA LEU B 55 37.14 25.32 32.16
C LEU B 55 36.58 26.69 32.47
N ASN B 56 37.16 27.40 33.43
CA ASN B 56 36.89 28.82 33.66
C ASN B 56 35.46 29.09 34.13
N SER B 57 34.84 28.16 34.86
CA SER B 57 33.45 28.33 35.30
C SER B 57 33.32 28.38 36.80
N PRO B 58 32.79 29.45 37.39
CA PRO B 58 32.38 29.45 38.79
C PRO B 58 30.92 29.06 39.03
N TYR B 59 30.23 28.55 38.02
CA TYR B 59 28.80 28.32 38.06
C TYR B 59 28.54 26.82 38.20
N VAL B 60 28.31 26.38 39.43
CA VAL B 60 28.23 24.95 39.76
C VAL B 60 27.00 24.75 40.64
N TYR B 61 26.05 23.94 40.16
CA TYR B 61 24.74 23.83 40.78
C TYR B 61 24.41 22.37 41.09
N GLU B 62 23.71 22.16 42.20
CA GLU B 62 23.22 20.84 42.56
C GLU B 62 22.02 20.49 41.71
N LEU B 63 22.04 19.32 41.08
CA LEU B 63 20.86 18.84 40.37
C LEU B 63 20.87 17.31 40.39
N ASP B 64 19.96 16.75 41.17
CA ASP B 64 19.58 15.34 41.09
C ASP B 64 18.22 15.32 40.41
N VAL B 65 18.19 14.84 39.16
CA VAL B 65 16.98 14.96 38.36
C VAL B 65 15.82 14.20 38.96
N SER B 66 16.09 13.25 39.86
CA SER B 66 15.03 12.52 40.53
C SER B 66 14.36 13.33 41.64
N LYS B 67 14.92 14.49 41.99
CA LYS B 67 14.40 15.34 43.05
C LYS B 67 13.77 16.55 42.38
N GLU B 68 12.44 16.53 42.35
CA GLU B 68 11.67 17.60 41.72
C GLU B 68 12.00 18.98 42.29
N GLU B 69 12.30 19.03 43.59
CA GLU B 69 12.53 20.32 44.22
C GLU B 69 13.85 20.96 43.83
N HIS B 70 14.70 20.24 43.10
CA HIS B 70 15.95 20.82 42.63
C HIS B 70 15.74 21.73 41.43
N PHE B 71 14.61 21.63 40.73
CA PHE B 71 14.58 22.29 39.43
C PHE B 71 14.35 23.80 39.53
N LYS B 72 13.45 24.17 40.42
CA LYS B 72 13.14 25.58 40.58
C LYS B 72 14.38 26.27 41.02
N PRO B 73 15.31 25.86 42.08
CA PRO B 73 16.58 26.50 42.46
C PRO B 73 17.53 26.60 41.29
N LEU B 74 17.61 25.54 40.47
CA LEU B 74 18.44 25.57 39.28
C LEU B 74 18.04 26.73 38.39
N TYR B 75 16.73 26.82 38.06
CA TYR B 75 16.25 27.96 37.29
C TYR B 75 16.75 29.26 37.91
N ASP B 76 16.49 29.44 39.21
CA ASP B 76 16.86 30.70 39.83
C ASP B 76 18.36 30.92 39.71
N SER B 77 19.15 29.87 39.96
CA SER B 77 20.59 30.03 39.86
C SER B 77 20.95 30.50 38.47
N VAL B 78 20.44 29.81 37.44
CA VAL B 78 20.85 30.16 36.10
C VAL B 78 20.44 31.60 35.83
N LYS B 79 19.20 31.95 36.15
CA LYS B 79 18.76 33.31 35.87
C LYS B 79 19.62 34.34 36.58
N LYS B 80 19.93 34.13 37.86
CA LYS B 80 20.79 35.09 38.53
C LYS B 80 22.18 35.17 37.89
N ASP B 81 22.79 34.02 37.59
CA ASP B 81 24.20 34.04 37.26
C ASP B 81 24.44 34.32 35.78
N LEU B 82 23.63 33.73 34.92
CA LEU B 82 23.83 33.78 33.48
C LEU B 82 22.79 34.62 32.76
N GLY B 83 21.59 34.75 33.32
CA GLY B 83 20.54 35.54 32.71
C GLY B 83 19.75 34.79 31.66
N SER B 84 20.44 34.03 30.82
CA SER B 84 19.81 33.27 29.75
C SER B 84 20.75 32.13 29.37
N LEU B 85 20.25 31.24 28.52
CA LEU B 85 21.03 30.09 28.07
C LEU B 85 20.97 29.98 26.56
N ASP B 86 22.12 29.66 25.97
CA ASP B 86 22.18 29.38 24.54
C ASP B 86 22.30 27.90 24.23
N PHE B 87 22.68 27.07 25.21
CA PHE B 87 22.61 25.63 24.97
C PHE B 87 22.55 24.84 26.26
N ILE B 88 22.03 23.62 26.14
CA ILE B 88 21.95 22.66 27.23
C ILE B 88 22.48 21.33 26.75
N VAL B 89 23.36 20.71 27.54
CA VAL B 89 23.80 19.34 27.33
C VAL B 89 23.15 18.49 28.41
N HIS B 90 22.36 17.50 27.99
CA HIS B 90 21.67 16.57 28.87
C HIS B 90 22.33 15.20 28.67
N SER B 91 23.24 14.85 29.56
CA SER B 91 23.99 13.61 29.48
C SER B 91 23.71 12.82 30.76
N VAL B 92 22.51 12.23 30.84
CA VAL B 92 22.00 11.59 32.05
C VAL B 92 21.33 10.28 31.66
N ALA B 93 21.87 9.15 32.13
CA ALA B 93 21.24 7.86 31.88
C ALA B 93 21.58 6.89 33.00
N PHE B 94 20.56 6.21 33.53
CA PHE B 94 20.75 5.26 34.60
C PHE B 94 19.69 4.17 34.59
N ALA B 95 20.10 2.91 34.69
CA ALA B 95 19.23 1.81 35.09
C ALA B 95 19.89 1.05 36.22
N PRO B 96 19.11 0.38 37.08
CA PRO B 96 19.72 -0.55 38.04
C PRO B 96 20.60 -1.56 37.33
N LYS B 97 21.79 -1.76 37.90
CA LYS B 97 22.77 -2.72 37.40
C LYS B 97 22.13 -4.06 36.98
N GLU B 98 21.22 -4.57 37.79
CA GLU B 98 20.61 -5.87 37.55
C GLU B 98 19.77 -5.87 36.28
N ALA B 99 19.01 -4.79 36.05
CA ALA B 99 18.28 -4.65 34.80
C ALA B 99 19.22 -4.64 33.61
N LEU B 100 20.48 -4.31 33.82
CA LEU B 100 21.47 -4.39 32.76
C LEU B 100 22.12 -5.77 32.68
N GLU B 101 21.50 -6.79 33.28
CA GLU B 101 22.00 -8.16 33.21
C GLU B 101 20.93 -9.06 32.60
N GLY B 102 21.36 -10.14 31.97
CA GLY B 102 20.40 -11.16 31.56
C GLY B 102 19.46 -10.69 30.47
N SER B 103 18.15 -10.82 30.74
CA SER B 103 17.11 -10.59 29.75
C SER B 103 16.22 -9.42 30.12
N LEU B 104 15.63 -8.81 29.08
CA LEU B 104 14.62 -7.78 29.30
C LEU B 104 13.42 -8.35 30.03
N LEU B 105 13.11 -9.62 29.76
CA LEU B 105 11.93 -10.26 30.34
C LEU B 105 11.96 -10.23 31.87
N GLU B 106 13.12 -10.17 32.47
CA GLU B 106 13.19 -10.21 33.94
C GLU B 106 13.23 -8.82 34.55
N THR B 107 13.07 -7.79 33.76
CA THR B 107 13.10 -6.43 34.30
C THR B 107 11.91 -6.19 35.22
N SER B 108 12.20 -5.68 36.42
CA SER B 108 11.14 -5.33 37.35
C SER B 108 10.50 -4.00 36.95
N LYS B 109 9.25 -3.81 37.40
CA LYS B 109 8.55 -2.57 37.10
C LYS B 109 9.27 -1.36 37.68
N SER B 110 9.79 -1.48 38.90
CA SER B 110 10.52 -0.37 39.51
C SER B 110 11.80 -0.04 38.73
N ALA B 111 12.55 -1.07 38.31
CA ALA B 111 13.75 -0.82 37.51
C ALA B 111 13.39 -0.16 36.19
N PHE B 112 12.31 -0.61 35.56
CA PHE B 112 11.82 0.00 34.32
C PHE B 112 11.51 1.48 34.54
N ASN B 113 10.75 1.79 35.59
CA ASN B 113 10.35 3.17 35.85
C ASN B 113 11.56 4.03 36.16
N THR B 114 12.52 3.52 36.92
CA THR B 114 13.71 4.30 37.23
C THR B 114 14.50 4.61 35.95
N ALA B 115 14.68 3.60 35.09
CA ALA B 115 15.40 3.83 33.84
C ALA B 115 14.69 4.89 33.00
N MET B 116 13.37 4.77 32.87
CA MET B 116 12.61 5.73 32.05
C MET B 116 12.64 7.12 32.67
N GLU B 117 12.48 7.22 33.98
CA GLU B 117 12.45 8.52 34.66
C GLU B 117 13.78 9.23 34.52
N ILE B 118 14.87 8.53 34.85
CA ILE B 118 16.19 9.17 34.87
C ILE B 118 16.67 9.44 33.46
N SER B 119 16.49 8.48 32.54
CA SER B 119 17.07 8.59 31.22
C SER B 119 16.21 9.38 30.25
N VAL B 120 14.89 9.43 30.45
CA VAL B 120 14.01 10.03 29.47
C VAL B 120 13.27 11.23 30.05
N TYR B 121 12.49 11.02 31.12
CA TYR B 121 11.67 12.11 31.63
C TYR B 121 12.51 13.30 32.06
N SER B 122 13.74 13.05 32.54
CA SER B 122 14.58 14.14 33.01
C SER B 122 14.86 15.16 31.91
N LEU B 123 14.93 14.72 30.65
CA LEU B 123 15.11 15.69 29.57
C LEU B 123 13.89 16.59 29.46
N ILE B 124 12.68 16.02 29.61
CA ILE B 124 11.46 16.83 29.58
C ILE B 124 11.45 17.83 30.72
N GLU B 125 11.70 17.36 31.94
CA GLU B 125 11.63 18.26 33.09
C GLU B 125 12.70 19.34 33.02
N LEU B 126 13.92 18.98 32.62
CA LEU B 126 15.00 19.95 32.51
C LEU B 126 14.66 21.02 31.46
N THR B 127 14.25 20.58 30.27
CA THR B 127 13.95 21.55 29.23
C THR B 127 12.74 22.40 29.58
N ASN B 128 11.71 21.81 30.18
CA ASN B 128 10.55 22.60 30.57
C ASN B 128 10.90 23.61 31.65
N THR B 129 11.75 23.22 32.59
CA THR B 129 12.17 24.13 33.65
C THR B 129 12.94 25.32 33.08
N LEU B 130 13.86 25.04 32.16
CA LEU B 130 14.71 26.09 31.64
C LEU B 130 14.13 26.71 30.38
N LYS B 131 13.04 26.17 29.92
CA LYS B 131 12.45 26.58 28.66
C LYS B 131 12.40 28.07 28.59
N PRO B 132 12.00 29.00 29.67
CA PRO B 132 11.90 30.47 29.54
C PRO B 132 13.23 31.16 29.42
N LEU B 133 14.33 30.52 29.80
CA LEU B 133 15.63 31.16 29.77
C LEU B 133 16.36 30.95 28.45
N LEU B 134 15.81 30.14 27.56
CA LEU B 134 16.49 29.78 26.33
C LEU B 134 16.35 30.89 25.29
N ASN B 135 17.49 31.36 24.78
CA ASN B 135 17.52 32.40 23.78
C ASN B 135 17.09 31.88 22.42
N ASN B 136 16.68 32.81 21.56
CA ASN B 136 16.50 32.50 20.15
C ASN B 136 17.73 31.80 19.60
N GLY B 137 17.51 30.72 18.86
CA GLY B 137 18.61 29.96 18.30
C GLY B 137 19.24 28.95 19.23
N ALA B 138 18.72 28.78 20.45
CA ALA B 138 19.34 27.88 21.41
C ALA B 138 19.29 26.44 20.93
N SER B 139 20.19 25.62 21.50
CA SER B 139 20.34 24.23 21.10
C SER B 139 20.40 23.32 22.32
N VAL B 140 19.57 22.27 22.31
CA VAL B 140 19.49 21.28 23.37
C VAL B 140 19.97 19.97 22.81
N LEU B 141 20.92 19.34 23.49
CA LEU B 141 21.54 18.10 23.02
C LEU B 141 21.41 17.03 24.09
N THR B 142 20.97 15.84 23.70
CA THR B 142 21.01 14.68 24.59
C THR B 142 21.86 13.59 23.93
N LEU B 143 22.10 12.52 24.67
CA LEU B 143 23.02 11.46 24.27
C LEU B 143 22.28 10.14 24.13
N SER B 144 22.64 9.37 23.10
CA SER B 144 21.99 8.09 22.86
C SER B 144 23.00 7.08 22.32
N TYR B 145 22.46 5.93 21.92
CA TYR B 145 23.25 4.75 21.60
C TYR B 145 22.45 3.87 20.65
N LEU B 146 23.18 3.13 19.80
CA LEU B 146 22.57 2.29 18.77
C LEU B 146 21.57 1.28 19.34
N GLY B 147 21.71 0.90 20.62
CA GLY B 147 20.77 -0.02 21.24
C GLY B 147 19.33 0.47 21.26
N SER B 148 19.10 1.75 20.94
CA SER B 148 17.74 2.27 20.83
C SER B 148 16.98 1.62 19.69
N THR B 149 17.66 1.37 18.56
CA THR B 149 17.00 0.94 17.34
C THR B 149 17.50 -0.39 16.81
N LYS B 150 18.55 -0.96 17.39
CA LYS B 150 18.99 -2.33 17.12
C LYS B 150 19.20 -3.03 18.44
N TYR B 151 19.19 -4.33 18.36
CA TYR B 151 19.54 -5.12 19.54
C TYR B 151 21.06 -5.04 19.74
N MET B 152 21.43 -4.75 20.96
CA MET B 152 22.82 -4.81 21.43
C MET B 152 22.79 -5.56 22.76
N ALA B 153 23.74 -6.44 22.99
CA ALA B 153 23.87 -7.24 24.22
C ALA B 153 24.17 -6.35 25.38
N HIS B 154 23.65 -6.68 26.52
CA HIS B 154 23.89 -5.89 27.74
C HIS B 154 23.25 -4.51 27.62
N TYR B 155 22.18 -4.27 26.80
CA TYR B 155 21.45 -3.02 26.92
C TYR B 155 20.06 -3.13 27.56
N ASN B 156 19.30 -4.13 27.17
CA ASN B 156 17.99 -4.40 27.79
C ASN B 156 17.10 -3.17 27.89
N VAL B 157 16.73 -2.81 29.08
CA VAL B 157 15.82 -1.67 29.31
C VAL B 157 16.40 -0.35 28.79
N MET B 158 17.71 -0.17 28.82
CA MET B 158 18.35 1.06 28.33
C MET B 158 18.05 1.22 26.84
N GLY B 159 18.07 0.18 26.07
CA GLY B 159 17.52 0.23 24.73
C GLY B 159 16.11 0.76 24.63
N LEU B 160 15.20 0.37 25.54
CA LEU B 160 13.86 0.95 25.50
C LEU B 160 13.94 2.43 25.82
N ALA B 161 14.73 2.77 26.86
CA ALA B 161 14.78 4.16 27.30
C ALA B 161 15.31 5.04 26.18
N LYS B 162 16.44 4.64 25.59
CA LYS B 162 17.04 5.45 24.53
C LYS B 162 16.10 5.57 23.34
N ALA B 163 15.32 4.52 23.03
CA ALA B 163 14.37 4.66 21.94
C ALA B 163 13.37 5.77 22.26
N ALA B 164 12.79 5.72 23.47
CA ALA B 164 11.90 6.79 23.86
C ALA B 164 12.61 8.13 23.82
N LEU B 165 13.89 8.15 24.22
CA LEU B 165 14.60 9.41 24.27
C LEU B 165 14.72 10.00 22.87
N GLU B 166 15.04 9.15 21.88
CA GLU B 166 15.17 9.68 20.54
C GLU B 166 13.82 10.17 20.04
N SER B 167 12.75 9.46 20.43
CA SER B 167 11.42 9.94 20.06
C SER B 167 11.14 11.28 20.71
N ALA B 168 11.54 11.42 21.99
CA ALA B 168 11.33 12.69 22.67
C ALA B 168 12.03 13.81 21.91
N VAL B 169 13.23 13.52 21.38
CA VAL B 169 13.96 14.56 20.65
C VAL B 169 13.09 15.09 19.52
N ARG B 170 12.46 14.17 18.78
CA ARG B 170 11.63 14.59 17.66
C ARG B 170 10.49 15.47 18.16
N TYR B 171 9.78 15.02 19.19
CA TYR B 171 8.65 15.81 19.66
C TYR B 171 9.14 17.14 20.23
N LEU B 172 10.25 17.13 20.96
CA LEU B 172 10.73 18.38 21.50
C LEU B 172 11.18 19.30 20.38
N ALA B 173 11.76 18.72 19.32
CA ALA B 173 12.15 19.55 18.19
C ALA B 173 10.97 20.30 17.63
N VAL B 174 9.79 19.65 17.61
CA VAL B 174 8.60 20.34 17.12
C VAL B 174 8.12 21.35 18.15
N ASP B 175 8.12 20.98 19.43
CA ASP B 175 7.65 21.88 20.48
C ASP B 175 8.47 23.17 20.48
N LEU B 176 9.80 23.03 20.47
CA LEU B 176 10.70 24.16 20.64
C LEU B 176 11.07 24.85 19.34
N GLY B 177 10.90 24.19 18.19
CA GLY B 177 11.26 24.82 16.93
C GLY B 177 10.42 26.05 16.65
N LYS B 178 9.18 26.07 17.14
CA LYS B 178 8.33 27.26 17.09
C LYS B 178 9.03 28.50 17.61
N HIS B 179 9.94 28.33 18.57
CA HIS B 179 10.69 29.42 19.16
C HIS B 179 12.13 29.47 18.66
N ASN B 180 12.40 28.84 17.52
CA ASN B 180 13.74 28.75 16.93
C ASN B 180 14.75 28.15 17.91
N ILE B 181 14.34 27.10 18.61
CA ILE B 181 15.22 26.32 19.47
C ILE B 181 15.35 24.92 18.86
N ARG B 182 16.57 24.39 18.83
CA ARG B 182 16.86 23.11 18.21
C ARG B 182 17.05 22.04 19.28
N VAL B 183 16.71 20.80 18.95
CA VAL B 183 16.89 19.66 19.85
C VAL B 183 17.45 18.50 19.03
N ASN B 184 18.54 17.90 19.52
CA ASN B 184 19.19 16.80 18.80
C ASN B 184 19.71 15.76 19.77
N ALA B 185 20.02 14.59 19.22
CA ALA B 185 20.66 13.51 19.96
C ALA B 185 21.97 13.12 19.27
N LEU B 186 23.01 12.94 20.09
CA LEU B 186 24.29 12.42 19.61
C LEU B 186 24.34 10.95 20.00
N SER B 187 24.37 10.08 19.00
CA SER B 187 24.44 8.64 19.22
C SER B 187 25.90 8.23 19.18
N ALA B 188 26.48 7.98 20.35
CA ALA B 188 27.92 7.74 20.43
C ALA B 188 28.21 6.25 20.41
N GLY B 189 29.31 5.88 19.77
CA GLY B 189 29.88 4.56 19.96
C GLY B 189 30.61 4.47 21.27
N PRO B 190 31.01 3.27 21.64
CA PRO B 190 31.72 3.09 22.92
C PRO B 190 33.12 3.72 22.86
N ILE B 191 33.53 4.25 24.00
CA ILE B 191 34.80 4.95 24.14
C ILE B 191 35.67 4.14 25.10
N ARG B 192 36.90 3.83 24.68
CA ARG B 192 37.83 3.17 25.59
C ARG B 192 38.30 4.11 26.69
N ALA B 200 34.97 -6.84 31.08
CA ALA B 200 33.69 -7.59 30.99
C ALA B 200 32.96 -7.41 29.67
N ASP B 201 31.69 -7.08 29.75
CA ASP B 201 30.89 -6.88 28.54
C ASP B 201 31.42 -5.66 27.78
N PHE B 202 31.86 -4.63 28.50
CA PHE B 202 32.35 -3.42 27.85
C PHE B 202 33.62 -3.68 27.05
N ARG B 203 34.50 -4.49 27.56
CA ARG B 203 35.72 -4.78 26.78
C ARG B 203 35.31 -5.49 25.48
N MET B 204 34.37 -6.40 25.52
CA MET B 204 33.95 -7.08 24.30
C MET B 204 33.30 -6.09 23.33
N ILE B 205 32.42 -5.23 23.80
CA ILE B 205 31.75 -4.31 22.85
C ILE B 205 32.78 -3.35 22.29
N LEU B 206 33.73 -2.91 23.11
CA LEU B 206 34.81 -2.08 22.60
C LEU B 206 35.59 -2.78 21.50
N LYS B 207 35.93 -4.03 21.73
CA LYS B 207 36.73 -4.74 20.76
C LYS B 207 35.90 -5.09 19.53
N TRP B 208 34.63 -5.38 19.70
CA TRP B 208 33.77 -5.66 18.55
C TRP B 208 33.64 -4.44 17.65
N ASN B 209 33.46 -3.30 18.29
CA ASN B 209 33.37 -2.05 17.54
C ASN B 209 34.71 -1.76 16.89
N GLU B 210 35.81 -1.91 17.61
CA GLU B 210 37.12 -1.61 17.04
C GLU B 210 37.41 -2.49 15.82
N ILE B 211 37.09 -3.78 15.91
CA ILE B 211 37.37 -4.70 14.80
C ILE B 211 36.45 -4.44 13.62
N ASN B 212 35.18 -4.14 13.89
CA ASN B 212 34.16 -4.17 12.83
C ASN B 212 33.73 -2.81 12.31
N ALA B 213 34.08 -1.72 12.97
CA ALA B 213 33.69 -0.42 12.47
C ALA B 213 34.44 -0.10 11.18
N PRO B 214 33.81 0.62 10.25
CA PRO B 214 34.51 1.03 9.02
C PRO B 214 35.89 1.64 9.27
N LEU B 215 36.01 2.51 10.26
CA LEU B 215 37.28 3.17 10.53
C LEU B 215 38.22 2.34 11.40
N ARG B 216 37.82 1.13 11.78
CA ARG B 216 38.69 0.17 12.48
C ARG B 216 39.33 0.77 13.73
N LYS B 217 38.53 1.54 14.47
CA LYS B 217 38.97 2.19 15.69
C LYS B 217 37.73 2.46 16.53
N ASN B 218 37.93 2.66 17.83
CA ASN B 218 36.89 3.23 18.67
C ASN B 218 36.97 4.75 18.61
N VAL B 219 35.82 5.40 18.73
CA VAL B 219 35.81 6.85 18.78
C VAL B 219 36.44 7.32 20.09
N SER B 220 37.01 8.51 20.07
CA SER B 220 37.62 9.10 21.24
C SER B 220 36.63 10.04 21.92
N LEU B 221 36.92 10.37 23.18
CA LEU B 221 36.11 11.36 23.89
C LEU B 221 36.13 12.70 23.17
N GLU B 222 37.29 13.03 22.65
CA GLU B 222 37.40 14.29 21.85
CA GLU B 222 37.40 14.28 21.85
C GLU B 222 36.55 14.38 20.54
N GLU B 223 36.40 13.18 19.91
CA GLU B 223 35.56 13.16 18.71
C GLU B 223 34.09 13.32 19.07
N VAL B 224 33.64 12.66 20.14
CA VAL B 224 32.28 12.83 20.62
C VAL B 224 32.07 14.27 21.06
N GLY B 225 33.05 14.85 21.77
CA GLY B 225 32.93 16.22 22.23
C GLY B 225 32.86 17.22 21.10
N ASN B 226 33.66 17.02 20.05
CA ASN B 226 33.63 17.95 18.92
C ASN B 226 32.33 17.85 18.15
N ALA B 227 31.81 16.63 17.95
CA ALA B 227 30.51 16.50 17.31
C ALA B 227 29.40 17.15 18.14
N GLY B 228 29.45 16.97 19.46
CA GLY B 228 28.48 17.62 20.32
C GLY B 228 28.57 19.13 20.23
N MET B 229 29.78 19.67 20.31
CA MET B 229 29.98 21.11 20.16
C MET B 229 29.41 21.60 18.84
N TYR B 230 29.63 20.85 17.76
CA TYR B 230 29.04 21.23 16.47
C TYR B 230 27.53 21.34 16.57
N LEU B 231 26.88 20.33 17.17
CA LEU B 231 25.42 20.36 17.27
C LEU B 231 24.93 21.49 18.18
N LEU B 232 25.74 21.89 19.15
CA LEU B 232 25.35 22.97 20.06
C LEU B 232 25.61 24.35 19.47
N SER B 233 26.45 24.43 18.45
CA SER B 233 26.87 25.69 17.86
C SER B 233 25.94 26.10 16.70
N SER B 234 26.06 27.36 16.29
CA SER B 234 25.29 27.87 15.17
C SER B 234 25.71 27.23 13.84
N LEU B 235 26.85 26.53 13.80
CA LEU B 235 27.23 25.80 12.60
C LEU B 235 26.14 24.84 12.16
N SER B 236 25.40 24.27 13.11
CA SER B 236 24.36 23.29 12.86
C SER B 236 22.96 23.90 12.95
N SER B 237 22.82 25.21 12.74
CA SER B 237 21.53 25.87 12.89
C SER B 237 20.47 25.33 11.93
N GLY B 238 20.86 24.61 10.88
CA GLY B 238 19.88 23.95 10.03
C GLY B 238 19.51 22.55 10.46
N VAL B 239 20.02 22.08 11.60
CA VAL B 239 19.91 20.70 12.03
C VAL B 239 19.04 20.65 13.29
N SER B 240 17.92 19.93 13.22
CA SER B 240 17.14 19.72 14.42
C SER B 240 16.37 18.40 14.30
N GLY B 241 16.06 17.81 15.45
CA GLY B 241 15.43 16.51 15.47
C GLY B 241 16.30 15.38 14.95
N GLU B 242 17.61 15.59 14.89
CA GLU B 242 18.53 14.64 14.28
C GLU B 242 19.14 13.72 15.33
N VAL B 243 19.27 12.44 14.97
CA VAL B 243 20.09 11.50 15.73
C VAL B 243 21.38 11.32 14.96
N HIS B 244 22.47 11.86 15.50
CA HIS B 244 23.74 12.01 14.79
C HIS B 244 24.73 10.98 15.31
N PHE B 245 25.16 10.06 14.44
CA PHE B 245 26.02 8.95 14.84
C PHE B 245 27.48 9.38 14.84
N VAL B 246 28.13 9.26 16.00
CA VAL B 246 29.56 9.47 16.11
C VAL B 246 30.15 8.17 16.62
N ASP B 247 30.41 7.25 15.69
CA ASP B 247 30.68 5.87 16.06
C ASP B 247 31.68 5.18 15.14
N ALA B 248 32.56 5.94 14.48
CA ALA B 248 33.54 5.41 13.53
C ALA B 248 32.88 4.66 12.38
N GLY B 249 31.60 4.95 12.11
CA GLY B 249 30.86 4.34 11.05
C GLY B 249 30.16 3.03 11.40
N TYR B 250 30.23 2.60 12.66
CA TYR B 250 29.77 1.25 13.01
C TYR B 250 28.33 1.01 12.58
N HIS B 251 27.48 2.04 12.69
CA HIS B 251 26.05 1.90 12.45
C HIS B 251 25.72 1.37 11.05
N VAL B 252 26.62 1.50 10.08
CA VAL B 252 26.31 1.03 8.72
C VAL B 252 26.46 -0.48 8.57
N MET B 253 27.09 -1.15 9.53
CA MET B 253 27.45 -2.55 9.33
C MET B 253 26.23 -3.44 9.49
N GLY B 254 25.97 -4.26 8.48
CA GLY B 254 24.89 -5.23 8.53
C GLY B 254 25.31 -6.60 8.97
N MET B 255 26.60 -6.77 9.11
CA MET B 255 27.21 -8.03 9.55
C MET B 255 28.63 -7.75 10.01
N GLY B 256 29.34 -8.81 10.37
CA GLY B 256 30.74 -8.68 10.75
C GLY B 256 31.57 -8.30 9.56
N ALA B 257 32.58 -7.52 9.77
CA ALA B 257 33.51 -7.13 8.72
C ALA B 257 34.34 -8.33 8.28
N VAL B 258 34.75 -8.31 7.05
CA VAL B 258 35.55 -9.42 6.50
C VAL B 258 36.74 -8.92 5.72
N GLU B 259 37.68 -9.82 5.50
CA GLU B 259 38.79 -9.53 4.60
C GLU B 259 38.64 -10.41 3.38
N ALA B 265 36.45 -15.26 2.00
CA ALA B 265 36.15 -14.10 2.82
C ALA B 265 35.99 -14.52 4.27
N THR B 266 36.98 -14.20 5.09
CA THR B 266 36.97 -14.53 6.50
C THR B 266 36.70 -13.30 7.34
N LEU B 267 35.96 -13.50 8.43
CA LEU B 267 35.66 -12.41 9.35
C LEU B 267 36.92 -11.88 9.99
N LEU B 268 37.08 -10.55 10.00
CA LEU B 268 38.18 -9.91 10.70
C LEU B 268 38.23 -10.36 12.15
N TRP B 269 37.06 -10.57 12.72
CA TRP B 269 36.99 -11.04 14.10
C TRP B 269 37.74 -12.38 14.21
N ASP B 270 37.61 -13.24 13.22
CA ASP B 270 38.28 -14.57 13.23
C ASP B 270 39.79 -14.45 13.03
N LEU B 271 40.21 -13.54 12.18
CA LEU B 271 41.64 -13.29 11.92
C LEU B 271 42.32 -12.88 13.21
N HIS B 272 41.65 -12.11 14.02
CA HIS B 272 42.11 -11.59 15.31
C HIS B 272 42.40 -12.72 16.32
N LYS B 273 41.83 -13.91 16.19
CA LYS B 273 42.07 -15.11 17.01
C LYS B 273 43.40 -15.78 16.59
N GLU B 274 43.90 -15.40 15.42
CA GLU B 274 45.13 -15.69 14.65
C GLU B 274 44.84 -16.69 13.53
N MET C 1 -8.06 -26.06 6.30
CA MET C 1 -6.72 -25.55 5.95
C MET C 1 -6.52 -24.23 6.64
N GLY C 2 -7.27 -23.99 7.73
CA GLY C 2 -7.19 -22.74 8.48
C GLY C 2 -5.78 -22.51 8.94
N PHE C 3 -5.31 -21.29 8.83
CA PHE C 3 -3.91 -20.94 9.16
C PHE C 3 -3.56 -21.16 10.66
N LEU C 4 -4.54 -21.16 11.54
CA LEU C 4 -4.32 -21.33 12.97
C LEU C 4 -5.15 -22.49 13.53
N LYS C 5 -5.45 -23.48 12.74
CA LYS C 5 -6.26 -24.59 13.25
C LYS C 5 -5.54 -25.27 14.38
N GLY C 6 -6.24 -25.45 15.47
CA GLY C 6 -5.70 -26.12 16.65
C GLY C 6 -4.75 -25.27 17.46
N LYS C 7 -4.53 -24.02 17.07
CA LYS C 7 -3.58 -23.14 17.77
C LYS C 7 -4.35 -22.33 18.80
N LYS C 8 -3.78 -22.20 19.97
CA LYS C 8 -4.41 -21.53 21.10
C LYS C 8 -3.76 -20.15 21.30
N GLY C 9 -4.60 -19.13 21.42
CA GLY C 9 -4.12 -17.77 21.56
C GLY C 9 -4.86 -16.97 22.61
N LEU C 10 -4.14 -16.10 23.30
CA LEU C 10 -4.72 -15.18 24.26
C LEU C 10 -4.80 -13.79 23.67
N ILE C 11 -5.98 -13.18 23.73
CA ILE C 11 -6.23 -11.86 23.18
C ILE C 11 -6.38 -10.88 24.34
N VAL C 12 -5.47 -9.93 24.45
CA VAL C 12 -5.50 -8.92 25.50
C VAL C 12 -5.85 -7.58 24.85
N GLY C 13 -6.91 -6.94 25.33
CA GLY C 13 -7.23 -5.60 24.89
C GLY C 13 -8.53 -5.42 24.13
N VAL C 14 -9.42 -6.41 24.17
CA VAL C 14 -10.76 -6.23 23.61
C VAL C 14 -11.57 -5.36 24.56
N ALA C 15 -12.14 -4.29 24.03
CA ALA C 15 -13.06 -3.45 24.80
C ALA C 15 -14.44 -3.54 24.20
N ASN C 16 -14.50 -3.66 22.90
CA ASN C 16 -15.75 -3.75 22.13
C ASN C 16 -15.43 -4.33 20.76
N ASN C 17 -16.43 -4.35 19.90
CA ASN C 17 -16.41 -4.88 18.53
C ASN C 17 -15.69 -3.95 17.56
N LYS C 18 -15.31 -2.77 17.97
CA LYS C 18 -14.41 -1.91 17.19
C LYS C 18 -12.93 -2.01 17.61
N SER C 19 -12.62 -2.81 18.60
CA SER C 19 -11.24 -2.93 19.13
C SER C 19 -10.35 -3.59 18.09
N ILE C 20 -9.12 -3.12 18.01
CA ILE C 20 -8.16 -3.78 17.12
C ILE C 20 -7.97 -5.23 17.53
N ALA C 21 -7.88 -5.47 18.85
CA ALA C 21 -7.76 -6.83 19.35
C ALA C 21 -8.92 -7.69 18.90
N TYR C 22 -10.12 -7.11 18.77
CA TYR C 22 -11.26 -7.89 18.30
C TYR C 22 -11.14 -8.23 16.83
N GLY C 23 -10.73 -7.27 15.99
CA GLY C 23 -10.52 -7.58 14.58
C GLY C 23 -9.52 -8.70 14.38
N ILE C 24 -8.40 -8.63 15.11
CA ILE C 24 -7.40 -9.69 15.03
C ILE C 24 -8.00 -11.01 15.49
N ALA C 25 -8.73 -10.99 16.61
CA ALA C 25 -9.36 -12.20 17.11
C ALA C 25 -10.31 -12.81 16.08
N GLN C 26 -11.08 -11.97 15.39
CA GLN C 26 -12.04 -12.46 14.40
C GLN C 26 -11.31 -13.16 13.27
N SER C 27 -10.25 -12.54 12.74
CA SER C 27 -9.52 -13.19 11.66
C SER C 27 -8.89 -14.51 12.12
N CYS C 28 -8.36 -14.53 13.34
CA CYS C 28 -7.80 -15.76 13.90
C CYS C 28 -8.88 -16.84 14.03
N PHE C 29 -10.07 -16.45 14.51
CA PHE C 29 -11.18 -17.40 14.61
C PHE C 29 -11.52 -17.98 13.25
N ASN C 30 -11.59 -17.12 12.23
CA ASN C 30 -11.86 -17.61 10.88
C ASN C 30 -10.79 -18.55 10.39
N GLN C 31 -9.58 -18.47 10.94
CA GLN C 31 -8.53 -19.42 10.56
C GLN C 31 -8.40 -20.60 11.53
N GLY C 32 -9.41 -20.85 12.36
CA GLY C 32 -9.45 -22.06 13.16
C GLY C 32 -8.85 -21.97 14.53
N ALA C 33 -8.53 -20.77 15.01
CA ALA C 33 -7.85 -20.64 16.30
C ALA C 33 -8.78 -20.95 17.45
N THR C 34 -8.20 -21.49 18.53
CA THR C 34 -8.85 -21.57 19.83
C THR C 34 -8.47 -20.34 20.63
N LEU C 35 -9.45 -19.51 20.98
CA LEU C 35 -9.21 -18.18 21.51
C LEU C 35 -9.48 -18.11 23.00
N ALA C 36 -8.75 -17.23 23.67
CA ALA C 36 -9.01 -16.82 25.05
C ALA C 36 -8.88 -15.31 25.14
N PHE C 37 -9.61 -14.70 26.08
CA PHE C 37 -9.69 -13.25 26.16
C PHE C 37 -9.51 -12.78 27.58
N THR C 38 -8.93 -11.58 27.72
CA THR C 38 -8.92 -10.87 28.99
C THR C 38 -9.91 -9.72 28.96
N TYR C 39 -10.31 -9.29 30.14
CA TYR C 39 -11.16 -8.12 30.34
C TYR C 39 -10.58 -7.28 31.45
N LEU C 40 -10.73 -5.96 31.32
CA LEU C 40 -10.11 -5.04 32.28
C LEU C 40 -10.78 -5.13 33.64
N ASN C 41 -12.09 -5.14 33.63
CA ASN C 41 -12.79 -5.17 34.92
C ASN C 41 -14.19 -5.68 34.71
N GLU C 42 -14.98 -5.56 35.75
CA GLU C 42 -16.33 -6.11 35.71
C GLU C 42 -17.14 -5.39 34.65
N SER C 43 -16.96 -4.12 34.49
CA SER C 43 -17.68 -3.39 33.44
C SER C 43 -17.26 -3.88 32.04
N LEU C 44 -15.98 -4.13 31.81
CA LEU C 44 -15.61 -4.54 30.44
C LEU C 44 -15.85 -6.00 30.19
N GLU C 45 -16.06 -6.78 31.21
CA GLU C 45 -16.41 -8.20 31.07
C GLU C 45 -17.76 -8.29 30.38
N LYS C 46 -18.67 -7.34 30.59
CA LYS C 46 -19.99 -7.36 29.96
C LYS C 46 -19.87 -7.36 28.45
N ARG C 47 -18.80 -6.79 27.95
CA ARG C 47 -18.63 -6.66 26.51
C ARG C 47 -17.75 -7.79 26.06
N VAL C 48 -16.71 -8.04 26.79
CA VAL C 48 -15.78 -9.11 26.37
C VAL C 48 -16.45 -10.49 26.39
N ARG C 49 -17.25 -10.80 27.40
CA ARG C 49 -17.74 -12.18 27.52
C ARG C 49 -18.58 -12.60 26.32
N PRO C 50 -19.54 -11.81 25.88
CA PRO C 50 -20.32 -12.13 24.73
C PRO C 50 -19.51 -12.19 23.43
N ILE C 51 -18.58 -11.25 23.24
CA ILE C 51 -17.70 -11.33 22.08
C ILE C 51 -16.98 -12.67 22.07
N ALA C 52 -16.43 -13.06 23.22
CA ALA C 52 -15.77 -14.35 23.34
C ALA C 52 -16.73 -15.49 23.03
N GLN C 53 -17.97 -15.41 23.54
CA GLN C 53 -18.93 -16.49 23.34
C GLN C 53 -19.32 -16.62 21.87
N GLU C 54 -19.39 -15.51 21.14
CA GLU C 54 -19.68 -15.57 19.71
C GLU C 54 -18.53 -16.16 18.93
N LEU C 55 -17.30 -16.08 19.46
CA LEU C 55 -16.15 -16.76 18.88
C LEU C 55 -15.87 -18.08 19.59
N ASN C 56 -16.91 -18.68 20.18
CA ASN C 56 -16.88 -20.05 20.70
C ASN C 56 -15.86 -20.22 21.83
N SER C 57 -15.64 -19.17 22.62
CA SER C 57 -14.62 -19.21 23.66
C SER C 57 -15.23 -19.08 25.04
N PRO C 58 -15.01 -20.05 25.94
CA PRO C 58 -15.34 -19.87 27.35
C PRO C 58 -14.19 -19.35 28.20
N TYR C 59 -13.08 -18.96 27.59
CA TYR C 59 -11.86 -18.65 28.32
C TYR C 59 -11.78 -17.13 28.40
N VAL C 60 -12.27 -16.59 29.52
CA VAL C 60 -12.47 -15.16 29.71
C VAL C 60 -11.91 -14.83 31.10
N TYR C 61 -10.85 -14.04 31.14
CA TYR C 61 -10.03 -13.86 32.33
C TYR C 61 -9.87 -12.40 32.66
N GLU C 62 -9.82 -12.10 33.96
CA GLU C 62 -9.57 -10.73 34.40
C GLU C 62 -8.09 -10.38 34.23
N LEU C 63 -7.82 -9.24 33.60
CA LEU C 63 -6.46 -8.71 33.56
C LEU C 63 -6.51 -7.19 33.44
N ASP C 64 -6.15 -6.52 34.53
CA ASP C 64 -5.82 -5.10 34.53
C ASP C 64 -4.29 -5.04 34.64
N VAL C 65 -3.63 -4.64 33.55
CA VAL C 65 -2.18 -4.76 33.51
C VAL C 65 -1.51 -3.91 34.58
N SER C 66 -2.22 -2.92 35.12
CA SER C 66 -1.68 -2.10 36.20
C SER C 66 -1.70 -2.80 37.55
N LYS C 67 -2.37 -3.94 37.67
CA LYS C 67 -2.50 -4.66 38.94
C LYS C 67 -1.65 -5.92 38.83
N GLU C 68 -0.48 -5.90 39.46
CA GLU C 68 0.45 -7.02 39.39
C GLU C 68 -0.17 -8.32 39.89
N GLU C 69 -1.12 -8.23 40.82
CA GLU C 69 -1.69 -9.43 41.41
C GLU C 69 -2.59 -10.19 40.45
N HIS C 70 -2.90 -9.61 39.28
CA HIS C 70 -3.70 -10.33 38.29
C HIS C 70 -2.87 -11.32 37.48
N PHE C 71 -1.54 -11.20 37.47
CA PHE C 71 -0.80 -11.95 36.47
C PHE C 71 -0.64 -13.42 36.82
N LYS C 72 -0.33 -13.65 38.08
CA LYS C 72 -0.09 -15.02 38.54
C LYS C 72 -1.37 -15.76 38.33
N PRO C 73 -2.72 -15.36 38.73
CA PRO C 73 -3.98 -16.09 38.43
C PRO C 73 -4.17 -16.32 36.95
N LEU C 74 -3.84 -15.32 36.12
CA LEU C 74 -3.95 -15.50 34.67
C LEU C 74 -3.13 -16.70 34.21
N TYR C 75 -1.86 -16.77 34.63
CA TYR C 75 -1.05 -17.95 34.35
C TYR C 75 -1.79 -19.20 34.77
N ASP C 76 -2.25 -19.22 36.04
CA ASP C 76 -2.93 -20.41 36.55
C ASP C 76 -4.14 -20.75 35.71
N SER C 77 -4.90 -19.74 35.30
CA SER C 77 -6.06 -20.00 34.49
C SER C 77 -5.65 -20.63 33.16
N VAL C 78 -4.72 -20.00 32.45
CA VAL C 78 -4.38 -20.48 31.12
C VAL C 78 -3.83 -21.89 31.23
N LYS C 79 -2.96 -22.10 32.20
CA LYS C 79 -2.37 -23.39 32.46
C LYS C 79 -3.45 -24.44 32.64
N LYS C 80 -4.42 -24.15 33.52
CA LYS C 80 -5.49 -25.11 33.75
C LYS C 80 -6.34 -25.32 32.50
N ASP C 81 -6.73 -24.22 31.84
CA ASP C 81 -7.78 -24.35 30.84
C ASP C 81 -7.23 -24.75 29.48
N LEU C 82 -6.10 -24.19 29.10
CA LEU C 82 -5.53 -24.37 27.78
C LEU C 82 -4.27 -25.22 27.78
N GLY C 83 -3.53 -25.23 28.88
CA GLY C 83 -2.33 -26.04 28.97
C GLY C 83 -1.13 -25.35 28.36
N SER C 84 -1.33 -24.72 27.21
CA SER C 84 -0.25 -24.03 26.54
C SER C 84 -0.83 -22.98 25.60
N LEU C 85 0.05 -22.13 25.08
CA LEU C 85 -0.34 -21.05 24.18
C LEU C 85 0.53 -21.07 22.94
N ASP C 86 -0.10 -20.84 21.80
CA ASP C 86 0.62 -20.67 20.54
C ASP C 86 0.70 -19.22 20.10
N PHE C 87 -0.14 -18.33 20.63
CA PHE C 87 0.08 -16.93 20.32
C PHE C 87 -0.55 -16.02 21.37
N ILE C 88 -0.01 -14.80 21.44
CA ILE C 88 -0.49 -13.75 22.32
C ILE C 88 -0.67 -12.47 21.50
N VAL C 89 -1.80 -11.81 21.68
CA VAL C 89 -2.04 -10.46 21.14
C VAL C 89 -2.05 -9.50 22.31
N HIS C 90 -1.15 -8.52 22.28
CA HIS C 90 -1.01 -7.46 23.28
C HIS C 90 -1.45 -6.16 22.63
N SER C 91 -2.70 -5.77 22.87
CA SER C 91 -3.26 -4.54 22.28
C SER C 91 -3.70 -3.63 23.43
N VAL C 92 -2.74 -3.00 24.09
CA VAL C 92 -2.97 -2.21 25.31
C VAL C 92 -2.18 -0.91 25.22
N ALA C 93 -2.88 0.23 25.25
CA ALA C 93 -2.21 1.52 25.25
C ALA C 93 -3.05 2.57 25.95
N PHE C 94 -2.45 3.34 26.87
CA PHE C 94 -3.14 4.40 27.60
C PHE C 94 -2.19 5.52 28.00
N ALA C 95 -2.59 6.77 27.76
CA ALA C 95 -1.99 7.93 28.41
C ALA C 95 -3.08 8.78 29.04
N PRO C 96 -2.78 9.49 30.12
CA PRO C 96 -3.72 10.50 30.61
C PRO C 96 -4.03 11.53 29.53
N LYS C 97 -5.23 12.10 29.62
CA LYS C 97 -5.87 12.81 28.51
C LYS C 97 -5.23 14.17 28.32
N GLU C 98 -4.76 14.79 29.40
CA GLU C 98 -4.02 16.06 29.27
C GLU C 98 -2.68 15.86 28.57
N ALA C 99 -2.04 14.71 28.79
CA ALA C 99 -0.75 14.46 28.15
C ALA C 99 -0.88 14.30 26.64
N LEU C 100 -2.04 13.83 26.16
CA LEU C 100 -2.27 13.69 24.72
C LEU C 100 -2.75 14.97 24.08
N GLU C 101 -2.73 16.08 24.82
CA GLU C 101 -3.03 17.44 24.32
C GLU C 101 -1.85 18.37 24.61
N GLY C 102 -1.81 19.52 23.98
CA GLY C 102 -0.72 20.42 24.29
C GLY C 102 0.59 19.85 23.78
N SER C 103 1.65 20.04 24.56
CA SER C 103 3.00 19.69 24.16
C SER C 103 3.54 18.59 25.06
N LEU C 104 4.57 17.91 24.55
CA LEU C 104 5.30 16.95 25.38
C LEU C 104 5.94 17.64 26.58
N LEU C 105 6.37 18.89 26.42
CA LEU C 105 7.07 19.61 27.49
C LEU C 105 6.25 19.71 28.77
N GLU C 106 4.92 19.72 28.66
CA GLU C 106 4.06 19.89 29.82
C GLU C 106 3.71 18.58 30.51
N THR C 107 4.24 17.46 30.02
CA THR C 107 3.87 16.17 30.59
C THR C 107 4.37 16.06 32.03
N SER C 108 3.47 15.64 32.92
CA SER C 108 3.82 15.39 34.31
C SER C 108 4.58 14.06 34.42
N LYS C 109 5.35 13.93 35.50
CA LYS C 109 6.06 12.68 35.73
C LYS C 109 5.08 11.53 35.95
N SER C 110 3.98 11.79 36.65
CA SER C 110 2.98 10.74 36.88
C SER C 110 2.35 10.30 35.56
N ALA C 111 1.97 11.25 34.71
CA ALA C 111 1.38 10.90 33.42
C ALA C 111 2.37 10.13 32.56
N PHE C 112 3.65 10.56 32.55
CA PHE C 112 4.68 9.85 31.81
C PHE C 112 4.79 8.41 32.28
N ASN C 113 4.88 8.21 33.61
CA ASN C 113 5.05 6.87 34.14
C ASN C 113 3.84 6.00 33.84
N THR C 114 2.63 6.55 33.95
CA THR C 114 1.45 5.75 33.64
C THR C 114 1.46 5.31 32.18
N ALA C 115 1.80 6.23 31.27
CA ALA C 115 1.86 5.87 29.86
C ALA C 115 2.90 4.78 29.61
N MET C 116 4.10 4.93 30.19
CA MET C 116 5.15 3.92 29.97
C MET C 116 4.76 2.58 30.57
N GLU C 117 4.18 2.57 31.76
CA GLU C 117 3.80 1.33 32.43
C GLU C 117 2.72 0.59 31.65
N ILE C 118 1.64 1.28 31.31
CA ILE C 118 0.52 0.59 30.67
C ILE C 118 0.88 0.20 29.25
N SER C 119 1.54 1.09 28.50
CA SER C 119 1.77 0.86 27.08
C SER C 119 3.00 0.02 26.80
N VAL C 120 3.99 0.00 27.69
CA VAL C 120 5.25 -0.67 27.37
C VAL C 120 5.54 -1.81 28.36
N TYR C 121 5.65 -1.48 29.65
CA TYR C 121 6.03 -2.50 30.61
C TYR C 121 5.04 -3.67 30.63
N SER C 122 3.77 -3.39 30.33
CA SER C 122 2.77 -4.45 30.36
C SER C 122 3.10 -5.57 29.39
N LEU C 123 3.75 -5.25 28.26
CA LEU C 123 4.15 -6.31 27.34
C LEU C 123 5.21 -7.20 27.98
N ILE C 124 6.16 -6.59 28.71
CA ILE C 124 7.19 -7.36 29.41
C ILE C 124 6.55 -8.25 30.47
N GLU C 125 5.67 -7.68 31.29
CA GLU C 125 5.09 -8.47 32.37
C GLU C 125 4.21 -9.59 31.84
N LEU C 126 3.40 -9.31 30.81
CA LEU C 126 2.56 -10.35 30.21
C LEU C 126 3.40 -11.47 29.62
N THR C 127 4.42 -11.11 28.84
CA THR C 127 5.26 -12.11 28.19
C THR C 127 6.05 -12.92 29.20
N ASN C 128 6.59 -12.26 30.23
CA ASN C 128 7.33 -12.98 31.26
C ASN C 128 6.44 -13.92 32.04
N THR C 129 5.21 -13.49 32.34
CA THR C 129 4.27 -14.34 33.07
C THR C 129 3.93 -15.58 32.25
N LEU C 130 3.65 -15.40 30.96
CA LEU C 130 3.14 -16.53 30.18
C LEU C 130 4.23 -17.31 29.45
N LYS C 131 5.49 -16.88 29.53
CA LYS C 131 6.57 -17.56 28.80
C LYS C 131 6.63 -19.07 29.04
N PRO C 132 6.54 -19.59 30.26
CA PRO C 132 6.62 -21.05 30.43
C PRO C 132 5.53 -21.81 29.69
N LEU C 133 4.42 -21.15 29.34
CA LEU C 133 3.32 -21.79 28.64
C LEU C 133 3.44 -21.69 27.13
N LEU C 134 4.44 -20.98 26.62
CA LEU C 134 4.55 -20.73 25.19
C LEU C 134 5.11 -21.94 24.47
N ASN C 135 4.38 -22.44 23.47
CA ASN C 135 4.84 -23.58 22.70
C ASN C 135 5.92 -23.17 21.72
N ASN C 136 6.71 -24.16 21.30
CA ASN C 136 7.62 -23.99 20.19
C ASN C 136 6.87 -23.41 19.00
N GLY C 137 7.45 -22.40 18.36
CA GLY C 137 6.81 -21.75 17.23
C GLY C 137 5.80 -20.67 17.58
N ALA C 138 5.62 -20.35 18.85
CA ALA C 138 4.62 -19.37 19.26
C ALA C 138 4.95 -17.98 18.72
N SER C 139 3.92 -17.13 18.66
CA SER C 139 4.04 -15.78 18.12
C SER C 139 3.37 -14.79 19.05
N VAL C 140 4.11 -13.73 19.40
CA VAL C 140 3.64 -12.66 20.26
C VAL C 140 3.57 -11.39 19.41
N LEU C 141 2.42 -10.74 19.43
CA LEU C 141 2.17 -9.57 18.60
C LEU C 141 1.73 -8.41 19.47
N THR C 142 2.34 -7.24 19.27
CA THR C 142 1.86 -6.01 19.90
C THR C 142 1.52 -4.99 18.82
N LEU C 143 0.95 -3.87 19.24
CA LEU C 143 0.40 -2.86 18.32
C LEU C 143 1.13 -1.55 18.48
N SER C 144 1.36 -0.85 17.35
CA SER C 144 2.09 0.41 17.38
C SER C 144 1.52 1.35 16.32
N TYR C 145 2.21 2.49 16.16
CA TYR C 145 1.76 3.63 15.38
C TYR C 145 2.98 4.43 14.94
N LEU C 146 2.83 5.10 13.79
CA LEU C 146 3.92 5.86 13.18
C LEU C 146 4.50 6.91 14.12
N GLY C 147 3.72 7.38 15.09
CA GLY C 147 4.21 8.36 16.06
C GLY C 147 5.41 7.90 16.87
N SER C 148 5.73 6.61 16.83
CA SER C 148 6.91 6.10 17.50
C SER C 148 8.19 6.66 16.87
N THR C 149 8.19 6.81 15.55
CA THR C 149 9.39 7.17 14.82
C THR C 149 9.27 8.45 14.02
N LYS C 150 8.09 9.05 13.95
CA LYS C 150 7.90 10.39 13.39
C LYS C 150 7.03 11.20 14.34
N TYR C 151 7.15 12.52 14.24
CA TYR C 151 6.23 13.39 14.95
C TYR C 151 4.82 13.22 14.39
N MET C 152 3.85 13.05 15.29
CA MET C 152 2.44 13.07 14.95
C MET C 152 1.75 13.99 15.95
N ALA C 153 0.82 14.79 15.46
CA ALA C 153 0.16 15.76 16.32
C ALA C 153 -0.65 15.07 17.41
N HIS C 154 -0.66 15.67 18.59
CA HIS C 154 -1.41 15.22 19.78
C HIS C 154 -1.19 13.74 20.03
N TYR C 155 0.05 13.36 19.98
CA TYR C 155 0.46 12.03 20.40
C TYR C 155 1.45 12.06 21.55
N ASN C 156 2.36 13.03 21.55
CA ASN C 156 3.26 13.34 22.66
C ASN C 156 3.84 12.11 23.34
N VAL C 157 3.51 11.89 24.62
CA VAL C 157 4.19 10.84 25.37
C VAL C 157 3.91 9.47 24.77
N MET C 158 2.78 9.30 24.09
CA MET C 158 2.52 8.00 23.49
C MET C 158 3.55 7.69 22.40
N GLY C 159 4.01 8.73 21.68
CA GLY C 159 5.09 8.53 20.74
C GLY C 159 6.35 8.04 21.41
N LEU C 160 6.63 8.50 22.62
CA LEU C 160 7.73 7.94 23.37
C LEU C 160 7.45 6.48 23.70
N ALA C 161 6.22 6.21 24.18
CA ALA C 161 5.89 4.87 24.62
C ALA C 161 6.02 3.89 23.46
N LYS C 162 5.40 4.22 22.33
CA LYS C 162 5.43 3.32 21.20
C LYS C 162 6.86 3.12 20.71
N ALA C 163 7.70 4.15 20.79
CA ALA C 163 9.09 3.94 20.40
C ALA C 163 9.73 2.89 21.30
N ALA C 164 9.55 3.05 22.62
CA ALA C 164 10.06 2.06 23.56
C ALA C 164 9.47 0.70 23.23
N LEU C 165 8.18 0.67 22.89
CA LEU C 165 7.53 -0.61 22.63
C LEU C 165 8.20 -1.32 21.46
N GLU C 166 8.49 -0.57 20.39
CA GLU C 166 9.09 -1.22 19.24
C GLU C 166 10.49 -1.72 19.58
N SER C 167 11.21 -0.96 20.42
CA SER C 167 12.51 -1.43 20.85
C SER C 167 12.36 -2.70 21.67
N ALA C 168 11.34 -2.75 22.54
CA ALA C 168 11.11 -3.96 23.31
C ALA C 168 10.88 -5.14 22.39
N VAL C 169 10.17 -4.92 21.29
CA VAL C 169 9.89 -6.01 20.35
C VAL C 169 11.20 -6.62 19.87
N ARG C 170 12.19 -5.77 19.58
CA ARG C 170 13.47 -6.30 19.13
C ARG C 170 14.13 -7.11 20.24
N TYR C 171 14.17 -6.57 21.46
CA TYR C 171 14.90 -7.28 22.49
C TYR C 171 14.19 -8.58 22.84
N LEU C 172 12.86 -8.55 22.91
CA LEU C 172 12.13 -9.78 23.20
C LEU C 172 12.32 -10.78 22.07
N ALA C 173 12.39 -10.31 20.83
CA ALA C 173 12.61 -11.23 19.72
C ALA C 173 13.91 -11.99 19.92
N VAL C 174 14.93 -11.33 20.47
CA VAL C 174 16.18 -12.02 20.74
C VAL C 174 16.03 -12.94 21.94
N ASP C 175 15.37 -12.45 23.01
CA ASP C 175 15.21 -13.27 24.21
C ASP C 175 14.47 -14.56 23.89
N LEU C 176 13.36 -14.44 23.17
CA LEU C 176 12.48 -15.57 22.94
C LEU C 176 12.85 -16.38 21.69
N GLY C 177 13.65 -15.83 20.78
CA GLY C 177 13.98 -16.54 19.55
C GLY C 177 14.81 -17.79 19.77
N LYS C 178 15.69 -17.73 20.74
CA LYS C 178 16.40 -18.91 21.22
C LYS C 178 15.42 -20.07 21.61
N HIS C 179 14.14 -19.78 21.90
CA HIS C 179 13.15 -20.86 22.06
C HIS C 179 12.18 -20.98 20.87
N ASN C 180 12.58 -20.49 19.69
CA ASN C 180 11.75 -20.51 18.47
C ASN C 180 10.39 -19.85 18.71
N ILE C 181 10.41 -18.74 19.45
CA ILE C 181 9.23 -17.91 19.65
C ILE C 181 9.47 -16.56 18.98
N ARG C 182 8.45 -16.07 18.28
CA ARG C 182 8.55 -14.85 17.48
C ARG C 182 7.86 -13.70 18.20
N VAL C 183 8.37 -12.48 17.99
CA VAL C 183 7.78 -11.27 18.55
C VAL C 183 7.75 -10.20 17.46
N ASN C 184 6.59 -9.60 17.23
CA ASN C 184 6.44 -8.59 16.19
C ASN C 184 5.48 -7.49 16.63
N ALA C 185 5.54 -6.38 15.91
CA ALA C 185 4.61 -5.27 16.09
C ALA C 185 3.89 -4.96 14.78
N LEU C 186 2.59 -4.73 14.87
CA LEU C 186 1.78 -4.25 13.76
C LEU C 186 1.59 -2.75 13.94
N SER C 187 2.09 -1.96 13.00
CA SER C 187 1.95 -0.51 13.04
C SER C 187 0.72 -0.13 12.21
N ALA C 188 -0.36 0.20 12.90
CA ALA C 188 -1.62 0.42 12.20
C ALA C 188 -1.83 1.88 11.85
N GLY C 189 -2.42 2.13 10.69
CA GLY C 189 -2.98 3.42 10.41
C GLY C 189 -4.29 3.61 11.14
N PRO C 190 -4.79 4.84 11.16
CA PRO C 190 -6.06 5.11 11.84
C PRO C 190 -7.24 4.50 11.11
N ILE C 191 -8.19 4.04 11.89
CA ILE C 191 -9.42 3.40 11.34
C ILE C 191 -10.61 4.32 11.55
N ARG C 192 -11.43 4.45 10.55
CA ARG C 192 -12.59 5.34 10.69
C ARG C 192 -13.69 4.64 11.45
N THR C 193 -14.16 5.26 12.52
CA THR C 193 -15.30 4.65 13.24
C THR C 193 -16.27 5.74 13.64
N LEU C 194 -17.48 5.31 14.04
CA LEU C 194 -18.61 6.20 14.37
C LEU C 194 -18.18 7.24 15.40
N ALA C 195 -17.67 6.79 16.52
CA ALA C 195 -17.31 7.59 17.69
C ALA C 195 -16.08 8.41 17.39
N SER C 196 -15.14 7.74 16.73
CA SER C 196 -13.80 8.31 16.41
C SER C 196 -13.88 9.42 15.39
N SER C 197 -14.91 9.44 14.56
CA SER C 197 -14.99 10.61 13.69
C SER C 197 -15.81 11.71 14.35
N GLY C 198 -16.21 11.60 15.60
CA GLY C 198 -16.87 12.71 16.30
C GLY C 198 -15.85 13.55 17.02
N ILE C 199 -14.63 13.07 17.16
CA ILE C 199 -13.57 13.89 17.80
C ILE C 199 -12.88 14.66 16.67
N ALA C 200 -12.73 15.95 16.80
CA ALA C 200 -12.15 16.74 15.70
C ALA C 200 -10.70 16.36 15.37
N ASP C 201 -9.84 16.15 16.33
CA ASP C 201 -8.43 15.83 16.01
C ASP C 201 -8.31 14.48 15.29
N PHE C 202 -9.06 13.48 15.72
CA PHE C 202 -9.00 12.16 15.08
C PHE C 202 -9.52 12.24 13.66
N ARG C 203 -10.61 12.96 13.46
CA ARG C 203 -11.21 13.18 12.12
C ARG C 203 -10.17 13.86 11.22
N MET C 204 -9.40 14.80 11.71
CA MET C 204 -8.39 15.46 10.86
C MET C 204 -7.31 14.45 10.44
N ILE C 205 -6.79 13.66 11.36
CA ILE C 205 -5.70 12.72 11.03
C ILE C 205 -6.24 11.64 10.11
N LEU C 206 -7.45 11.22 10.33
CA LEU C 206 -8.12 10.22 9.49
C LEU C 206 -8.27 10.80 8.09
N LYS C 207 -8.71 12.03 7.94
CA LYS C 207 -8.87 12.55 6.58
C LYS C 207 -7.50 12.80 5.94
N TRP C 208 -6.51 13.25 6.72
CA TRP C 208 -5.17 13.46 6.19
C TRP C 208 -4.60 12.15 5.65
N ASN C 209 -4.71 11.09 6.44
CA ASN C 209 -4.37 9.74 5.99
C ASN C 209 -5.11 9.36 4.71
N GLU C 210 -6.43 9.54 4.69
CA GLU C 210 -7.21 9.12 3.53
C GLU C 210 -6.77 9.86 2.27
N ILE C 211 -6.53 11.17 2.38
CA ILE C 211 -6.18 11.97 1.21
C ILE C 211 -4.77 11.65 0.72
N ASN C 212 -3.83 11.44 1.65
CA ASN C 212 -2.43 11.41 1.28
C ASN C 212 -1.83 10.01 1.19
N ALA C 213 -2.52 8.98 1.66
CA ALA C 213 -1.97 7.64 1.56
C ALA C 213 -1.92 7.20 0.10
N PRO C 214 -0.91 6.41 -0.28
CA PRO C 214 -0.88 5.87 -1.65
C PRO C 214 -2.19 5.24 -2.10
N LEU C 215 -2.84 4.46 -1.24
CA LEU C 215 -4.08 3.79 -1.60
C LEU C 215 -5.32 4.68 -1.41
N ARG C 216 -5.14 5.93 -0.97
CA ARG C 216 -6.23 6.92 -0.91
C ARG C 216 -7.45 6.38 -0.16
N LYS C 217 -7.18 5.71 0.97
CA LYS C 217 -8.22 5.13 1.80
C LYS C 217 -7.65 4.99 3.20
N ASN C 218 -8.55 4.89 4.19
CA ASN C 218 -8.14 4.44 5.51
C ASN C 218 -8.18 2.92 5.56
N VAL C 219 -7.28 2.34 6.35
CA VAL C 219 -7.32 0.90 6.54
C VAL C 219 -8.57 0.54 7.33
N SER C 220 -9.07 -0.67 7.11
CA SER C 220 -10.22 -1.16 7.84
C SER C 220 -9.77 -2.05 9.00
N LEU C 221 -10.68 -2.28 9.93
CA LEU C 221 -10.41 -3.22 11.01
C LEU C 221 -10.12 -4.61 10.48
N GLU C 222 -10.83 -5.01 9.42
CA GLU C 222 -10.57 -6.32 8.81
C GLU C 222 -9.15 -6.41 8.26
N GLU C 223 -8.65 -5.33 7.64
CA GLU C 223 -7.30 -5.37 7.09
C GLU C 223 -6.24 -5.48 8.18
N VAL C 224 -6.41 -4.74 9.28
CA VAL C 224 -5.50 -4.85 10.41
C VAL C 224 -5.58 -6.25 11.01
N GLY C 225 -6.81 -6.79 11.11
CA GLY C 225 -6.98 -8.11 11.69
C GLY C 225 -6.34 -9.20 10.86
N ASN C 226 -6.44 -9.11 9.53
CA ASN C 226 -5.83 -10.12 8.67
C ASN C 226 -4.31 -10.03 8.72
N ALA C 227 -3.76 -8.81 8.74
CA ALA C 227 -2.31 -8.69 8.90
C ALA C 227 -1.84 -9.26 10.24
N GLY C 228 -2.60 -9.00 11.30
CA GLY C 228 -2.26 -9.57 12.59
C GLY C 228 -2.31 -11.08 12.58
N MET C 229 -3.38 -11.64 12.01
CA MET C 229 -3.49 -13.09 11.86
C MET C 229 -2.28 -13.67 11.15
N TYR C 230 -1.86 -13.02 10.06
CA TYR C 230 -0.68 -13.49 9.33
C TYR C 230 0.54 -13.53 10.25
N LEU C 231 0.77 -12.44 11.00
CA LEU C 231 1.94 -12.41 11.87
C LEU C 231 1.84 -13.43 13.00
N LEU C 232 0.63 -13.80 13.41
CA LEU C 232 0.44 -14.80 14.46
C LEU C 232 0.51 -16.23 13.93
N SER C 233 0.34 -16.41 12.63
CA SER C 233 0.26 -17.72 12.01
C SER C 233 1.65 -18.19 11.58
N SER C 234 1.74 -19.50 11.28
CA SER C 234 2.98 -20.06 10.78
C SER C 234 3.34 -19.54 9.40
N LEU C 235 2.41 -18.86 8.71
CA LEU C 235 2.76 -18.22 7.45
C LEU C 235 3.92 -17.26 7.62
N SER C 236 4.03 -16.60 8.78
CA SER C 236 5.08 -15.63 9.05
C SER C 236 6.21 -16.22 9.89
N SER C 237 6.30 -17.55 9.91
CA SER C 237 7.38 -18.34 10.44
C SER C 237 8.76 -17.71 10.35
N GLY C 238 9.07 -17.08 9.22
CA GLY C 238 10.33 -16.42 9.04
C GLY C 238 10.44 -14.98 9.48
N VAL C 239 9.41 -14.43 10.11
CA VAL C 239 9.33 -13.00 10.43
C VAL C 239 9.38 -12.85 11.95
N SER C 240 10.38 -12.12 12.44
CA SER C 240 10.41 -11.79 13.86
C SER C 240 11.14 -10.47 14.05
N GLY C 241 10.81 -9.78 15.14
CA GLY C 241 11.37 -8.47 15.39
C GLY C 241 10.95 -7.41 14.40
N GLU C 242 9.87 -7.63 13.66
CA GLU C 242 9.45 -6.75 12.58
C GLU C 242 8.40 -5.77 13.06
N VAL C 243 8.51 -4.53 12.59
CA VAL C 243 7.42 -3.55 12.70
C VAL C 243 6.75 -3.49 11.34
N HIS C 244 5.54 -4.04 11.25
CA HIS C 244 4.85 -4.26 9.98
C HIS C 244 3.74 -3.23 9.82
N PHE C 245 3.86 -2.40 8.78
CA PHE C 245 2.95 -1.27 8.58
C PHE C 245 1.71 -1.72 7.83
N VAL C 246 0.55 -1.52 8.45
CA VAL C 246 -0.74 -1.75 7.81
C VAL C 246 -1.47 -0.42 7.81
N ASP C 247 -1.18 0.42 6.82
CA ASP C 247 -1.57 1.82 6.88
C ASP C 247 -1.89 2.39 5.50
N ALA C 248 -2.26 1.55 4.54
CA ALA C 248 -2.55 1.97 3.17
C ALA C 248 -1.35 2.62 2.50
N GLY C 249 -0.15 2.35 3.01
CA GLY C 249 1.06 2.90 2.45
C GLY C 249 1.46 4.26 2.99
N TYR C 250 0.73 4.80 3.96
CA TYR C 250 0.93 6.19 4.37
C TYR C 250 2.38 6.45 4.75
N HIS C 251 3.04 5.47 5.37
CA HIS C 251 4.39 5.61 5.90
C HIS C 251 5.43 6.00 4.85
N VAL C 252 5.17 5.78 3.55
CA VAL C 252 6.17 6.14 2.54
C VAL C 252 6.19 7.61 2.18
N MET C 253 5.16 8.37 2.57
CA MET C 253 5.02 9.73 2.08
C MET C 253 5.99 10.66 2.80
N GLY C 254 6.78 11.41 2.04
CA GLY C 254 7.65 12.41 2.61
C GLY C 254 7.06 13.80 2.64
N MET C 255 5.86 13.94 2.11
CA MET C 255 5.19 15.23 1.98
C MET C 255 3.74 14.94 1.60
N GLY C 256 2.94 15.99 1.50
CA GLY C 256 1.58 15.82 1.03
C GLY C 256 1.54 15.40 -0.43
N ALA C 257 0.52 14.62 -0.78
CA ALA C 257 0.33 14.24 -2.17
C ALA C 257 -0.11 15.45 -2.98
N VAL C 258 0.26 15.46 -4.26
CA VAL C 258 -0.04 16.54 -5.18
C VAL C 258 -0.61 15.88 -6.42
N GLU C 259 -1.36 16.64 -7.20
CA GLU C 259 -1.51 16.13 -8.55
C GLU C 259 -0.81 17.12 -9.48
N GLU C 260 -0.51 16.69 -10.71
CA GLU C 260 -0.08 17.59 -11.77
C GLU C 260 -1.19 17.85 -12.77
N LYS C 261 -1.32 19.11 -13.15
CA LYS C 261 -2.30 19.51 -14.18
C LYS C 261 -1.82 20.79 -14.87
N ASP C 262 -1.89 20.85 -16.20
CA ASP C 262 -1.49 22.07 -16.92
C ASP C 262 -0.25 22.79 -16.38
N ASN C 263 0.79 22.03 -16.02
CA ASN C 263 2.12 22.53 -15.59
C ASN C 263 2.08 23.22 -14.23
N LYS C 264 1.19 22.79 -13.36
CA LYS C 264 0.95 23.35 -12.03
C LYS C 264 0.73 22.18 -11.07
N ALA C 265 1.44 22.23 -9.95
CA ALA C 265 1.37 21.24 -8.88
C ALA C 265 0.38 21.71 -7.84
N THR C 266 -0.61 20.88 -7.52
CA THR C 266 -1.53 21.32 -6.47
C THR C 266 -1.56 20.25 -5.40
N LEU C 267 -1.56 20.63 -4.13
CA LEU C 267 -1.67 19.61 -3.08
C LEU C 267 -3.07 18.99 -3.15
N LEU C 268 -3.12 17.65 -3.14
CA LEU C 268 -4.43 16.98 -3.13
C LEU C 268 -5.29 17.46 -1.98
N TRP C 269 -4.67 17.71 -0.82
CA TRP C 269 -5.40 18.23 0.34
C TRP C 269 -6.16 19.50 0.00
N ASP C 270 -5.59 20.33 -0.86
CA ASP C 270 -6.21 21.60 -1.21
C ASP C 270 -7.40 21.43 -2.15
N LEU C 271 -7.48 20.30 -2.86
CA LEU C 271 -8.64 19.99 -3.70
C LEU C 271 -9.88 19.57 -2.91
N HIS C 272 -9.86 19.68 -1.58
CA HIS C 272 -11.00 19.26 -0.75
C HIS C 272 -11.42 20.36 0.23
N MET D 1 -6.81 -23.33 -1.25
CA MET D 1 -7.57 -22.67 -2.34
C MET D 1 -8.39 -21.57 -1.72
N GLY D 2 -7.77 -20.89 -0.80
CA GLY D 2 -8.47 -19.81 -0.12
C GLY D 2 -8.25 -18.50 -0.85
N PHE D 3 -7.22 -17.78 -0.41
CA PHE D 3 -7.19 -16.35 -0.64
C PHE D 3 -6.77 -15.92 -2.03
N LEU D 4 -6.37 -16.84 -2.92
CA LEU D 4 -6.01 -16.39 -4.26
C LEU D 4 -6.76 -17.14 -5.33
N LYS D 5 -7.89 -17.71 -4.99
CA LYS D 5 -8.81 -18.09 -6.08
C LYS D 5 -9.13 -17.03 -7.12
N GLY D 6 -8.95 -17.59 -8.30
CA GLY D 6 -9.60 -17.03 -9.44
C GLY D 6 -8.76 -15.82 -9.66
N LYS D 7 -7.71 -15.65 -8.86
CA LYS D 7 -6.81 -14.54 -9.00
C LYS D 7 -5.71 -14.99 -9.93
N LYS D 8 -5.37 -14.12 -10.87
CA LYS D 8 -4.42 -14.43 -11.92
C LYS D 8 -3.12 -13.70 -11.62
N GLY D 9 -2.01 -14.44 -11.68
CA GLY D 9 -0.71 -13.87 -11.39
C GLY D 9 0.36 -14.28 -12.36
N LEU D 10 1.27 -13.36 -12.67
CA LEU D 10 2.42 -13.63 -13.51
C LEU D 10 3.67 -13.72 -12.63
N ILE D 11 4.42 -14.81 -12.79
CA ILE D 11 5.61 -15.10 -11.99
C ILE D 11 6.85 -14.90 -12.89
N VAL D 12 7.68 -13.91 -12.56
CA VAL D 12 8.89 -13.61 -13.32
C VAL D 12 10.09 -14.00 -12.48
N GLY D 13 10.96 -14.84 -13.04
CA GLY D 13 12.22 -15.18 -12.43
C GLY D 13 12.43 -16.62 -11.97
N VAL D 14 11.59 -17.56 -12.40
CA VAL D 14 11.82 -18.96 -12.08
C VAL D 14 12.96 -19.51 -12.94
N ALA D 15 14.00 -20.02 -12.27
CA ALA D 15 15.05 -20.77 -12.94
C ALA D 15 14.97 -22.27 -12.69
N ASN D 16 14.48 -22.68 -11.53
CA ASN D 16 14.30 -24.08 -11.18
C ASN D 16 13.39 -24.11 -9.95
N ASN D 17 13.19 -25.30 -9.39
CA ASN D 17 12.23 -25.44 -8.31
C ASN D 17 12.79 -24.96 -6.97
N LYS D 18 14.03 -24.48 -6.95
CA LYS D 18 14.57 -23.82 -5.77
C LYS D 18 14.54 -22.30 -5.86
N SER D 19 14.11 -21.72 -6.99
CA SER D 19 14.07 -20.26 -7.13
C SER D 19 13.09 -19.65 -6.14
N ILE D 20 13.44 -18.45 -5.66
CA ILE D 20 12.51 -17.71 -4.80
C ILE D 20 11.16 -17.54 -5.48
N ALA D 21 11.18 -17.19 -6.77
CA ALA D 21 9.94 -17.03 -7.51
C ALA D 21 9.13 -18.32 -7.51
N TYR D 22 9.81 -19.47 -7.51
CA TYR D 22 9.08 -20.73 -7.48
C TYR D 22 8.45 -20.98 -6.11
N GLY D 23 9.17 -20.69 -5.04
CA GLY D 23 8.57 -20.83 -3.72
C GLY D 23 7.32 -19.99 -3.57
N ILE D 24 7.38 -18.74 -4.03
CA ILE D 24 6.21 -17.86 -3.98
C ILE D 24 5.10 -18.44 -4.86
N ALA D 25 5.44 -18.87 -6.07
CA ALA D 25 4.46 -19.47 -6.97
C ALA D 25 3.78 -20.68 -6.32
N GLN D 26 4.56 -21.50 -5.62
CA GLN D 26 4.01 -22.68 -4.96
C GLN D 26 3.00 -22.29 -3.90
N SER D 27 3.37 -21.32 -3.06
CA SER D 27 2.43 -20.89 -2.02
C SER D 27 1.16 -20.28 -2.62
N CYS D 28 1.31 -19.51 -3.70
CA CYS D 28 0.13 -18.95 -4.37
C CYS D 28 -0.74 -20.04 -4.96
N PHE D 29 -0.12 -21.06 -5.57
CA PHE D 29 -0.87 -22.21 -6.09
C PHE D 29 -1.66 -22.89 -4.98
N ASN D 30 -1.03 -23.09 -3.82
CA ASN D 30 -1.70 -23.72 -2.69
C ASN D 30 -2.89 -22.91 -2.21
N GLN D 31 -2.93 -21.62 -2.51
CA GLN D 31 -4.07 -20.77 -2.20
C GLN D 31 -5.01 -20.58 -3.38
N GLY D 32 -4.88 -21.42 -4.42
CA GLY D 32 -5.86 -21.45 -5.49
C GLY D 32 -5.59 -20.53 -6.67
N ALA D 33 -4.40 -19.94 -6.76
CA ALA D 33 -4.15 -18.97 -7.82
C ALA D 33 -4.08 -19.65 -9.19
N THR D 34 -4.48 -18.89 -10.21
CA THR D 34 -4.21 -19.22 -11.60
C THR D 34 -2.91 -18.55 -12.00
N LEU D 35 -1.91 -19.34 -12.35
CA LEU D 35 -0.54 -18.85 -12.52
C LEU D 35 -0.12 -18.82 -13.98
N ALA D 36 0.79 -17.89 -14.27
CA ALA D 36 1.54 -17.83 -15.52
C ALA D 36 2.99 -17.54 -15.20
N PHE D 37 3.89 -17.98 -16.06
CA PHE D 37 5.33 -17.91 -15.80
C PHE D 37 6.05 -17.35 -17.02
N THR D 38 7.15 -16.66 -16.78
CA THR D 38 8.07 -16.27 -17.85
C THR D 38 9.31 -17.14 -17.81
N TYR D 39 10.02 -17.17 -18.94
CA TYR D 39 11.30 -17.86 -19.04
C TYR D 39 12.29 -16.91 -19.69
N LEU D 40 13.54 -16.97 -19.22
CA LEU D 40 14.57 -16.07 -19.71
C LEU D 40 14.95 -16.42 -21.15
N ASN D 41 15.07 -17.70 -21.45
CA ASN D 41 15.52 -18.17 -22.75
C ASN D 41 15.07 -19.62 -22.90
N GLU D 42 15.38 -20.23 -24.06
CA GLU D 42 14.92 -21.60 -24.30
C GLU D 42 15.55 -22.60 -23.33
N SER D 43 16.80 -22.35 -22.91
CA SER D 43 17.42 -23.22 -21.93
C SER D 43 16.59 -23.24 -20.65
N LEU D 44 16.16 -22.09 -20.17
CA LEU D 44 15.35 -22.06 -18.93
C LEU D 44 13.92 -22.52 -19.26
N GLU D 45 13.54 -22.42 -20.52
CA GLU D 45 12.17 -22.81 -20.84
C GLU D 45 11.95 -24.27 -20.49
N LYS D 46 12.96 -25.04 -20.78
CA LYS D 46 12.95 -26.50 -20.64
C LYS D 46 12.80 -26.84 -19.18
N ARG D 47 13.15 -25.89 -18.36
CA ARG D 47 12.99 -26.10 -16.93
C ARG D 47 11.75 -25.44 -16.34
N VAL D 48 11.30 -24.33 -16.91
CA VAL D 48 10.11 -23.63 -16.42
C VAL D 48 8.83 -24.38 -16.80
N ARG D 49 8.77 -24.93 -18.02
CA ARG D 49 7.53 -25.58 -18.46
C ARG D 49 7.13 -26.75 -17.56
N PRO D 50 8.03 -27.68 -17.20
CA PRO D 50 7.62 -28.76 -16.28
C PRO D 50 7.15 -28.24 -14.93
N ILE D 51 7.83 -27.25 -14.36
CA ILE D 51 7.41 -26.67 -13.08
C ILE D 51 6.03 -26.06 -13.19
N ALA D 52 5.79 -25.35 -14.28
CA ALA D 52 4.51 -24.71 -14.45
C ALA D 52 3.41 -25.75 -14.41
N GLN D 53 3.58 -26.94 -15.14
CA GLN D 53 2.19 -27.43 -15.25
C GLN D 53 2.20 -28.34 -14.04
N GLU D 54 3.35 -28.33 -13.34
CA GLU D 54 3.28 -28.94 -12.01
C GLU D 54 2.38 -28.12 -11.17
N LEU D 55 2.36 -26.82 -11.39
CA LEU D 55 1.41 -25.92 -10.73
C LEU D 55 0.21 -25.61 -11.61
N ASN D 56 -0.16 -26.53 -12.51
CA ASN D 56 -1.40 -26.48 -13.30
C ASN D 56 -1.41 -25.28 -14.25
N SER D 57 -0.25 -24.87 -14.75
CA SER D 57 -0.16 -23.71 -15.63
C SER D 57 0.36 -24.11 -17.00
N PRO D 58 -0.41 -23.90 -18.07
CA PRO D 58 0.14 -23.98 -19.43
C PRO D 58 0.59 -22.65 -20.00
N TYR D 59 0.67 -21.61 -19.17
CA TYR D 59 0.87 -20.23 -19.62
C TYR D 59 2.32 -19.87 -19.33
N VAL D 60 3.17 -20.00 -20.35
CA VAL D 60 4.61 -19.87 -20.20
C VAL D 60 5.11 -18.99 -21.34
N TYR D 61 5.67 -17.82 -21.00
CA TYR D 61 5.96 -16.75 -21.94
C TYR D 61 7.42 -16.34 -21.85
N GLU D 62 7.97 -15.94 -22.99
CA GLU D 62 9.35 -15.47 -23.04
C GLU D 62 9.50 -14.07 -22.46
N LEU D 63 10.45 -13.90 -21.55
CA LEU D 63 10.80 -12.55 -21.07
C LEU D 63 12.26 -12.53 -20.63
N ASP D 64 13.11 -11.88 -21.43
CA ASP D 64 14.43 -11.42 -21.01
C ASP D 64 14.28 -9.91 -20.85
N VAL D 65 14.32 -9.43 -19.60
CA VAL D 65 13.96 -8.05 -19.32
C VAL D 65 14.91 -7.06 -19.98
N SER D 66 16.10 -7.52 -20.39
CA SER D 66 17.05 -6.66 -21.08
C SER D 66 16.67 -6.41 -22.52
N LYS D 67 15.64 -7.08 -23.02
CA LYS D 67 15.24 -6.93 -24.44
C LYS D 67 13.92 -6.20 -24.67
N GLU D 68 13.88 -5.02 -25.14
CA GLU D 68 12.58 -4.36 -25.25
C GLU D 68 11.63 -5.13 -26.15
N GLU D 69 12.05 -5.96 -27.05
CA GLU D 69 11.10 -6.57 -28.00
C GLU D 69 10.20 -7.56 -27.32
N HIS D 70 10.58 -8.03 -26.17
CA HIS D 70 9.80 -9.03 -25.46
C HIS D 70 8.58 -8.47 -24.75
N PHE D 71 8.57 -7.17 -24.45
CA PHE D 71 7.52 -6.72 -23.54
C PHE D 71 6.19 -6.62 -24.23
N LYS D 72 6.18 -6.22 -25.47
CA LYS D 72 4.82 -6.17 -25.95
C LYS D 72 4.24 -7.53 -26.25
N PRO D 73 4.99 -8.47 -26.84
CA PRO D 73 4.40 -9.80 -27.00
C PRO D 73 3.91 -10.34 -25.68
N LEU D 74 4.63 -10.09 -24.58
CA LEU D 74 4.17 -10.53 -23.26
C LEU D 74 2.78 -9.98 -22.93
N TYR D 75 2.61 -8.66 -23.05
CA TYR D 75 1.29 -8.07 -22.85
C TYR D 75 0.26 -8.81 -23.70
N ASP D 76 0.57 -8.98 -25.00
CA ASP D 76 -0.40 -9.62 -25.88
C ASP D 76 -0.73 -11.01 -25.37
N SER D 77 0.31 -11.76 -25.00
CA SER D 77 0.09 -13.12 -24.54
C SER D 77 -0.83 -13.10 -23.33
N VAL D 78 -0.51 -12.25 -22.35
CA VAL D 78 -1.30 -12.26 -21.13
C VAL D 78 -2.75 -11.91 -21.45
N LYS D 79 -2.93 -10.87 -22.26
CA LYS D 79 -4.29 -10.45 -22.60
C LYS D 79 -5.01 -11.58 -23.32
N LYS D 80 -4.32 -12.24 -24.28
CA LYS D 80 -4.92 -13.36 -24.99
C LYS D 80 -5.36 -14.46 -24.04
N ASP D 81 -4.45 -14.88 -23.14
CA ASP D 81 -4.71 -16.12 -22.40
C ASP D 81 -5.45 -15.89 -21.09
N LEU D 82 -5.12 -14.81 -20.39
CA LEU D 82 -5.64 -14.54 -19.07
C LEU D 82 -6.60 -13.37 -19.01
N GLY D 83 -6.47 -12.41 -19.91
CA GLY D 83 -7.36 -11.27 -19.95
C GLY D 83 -6.99 -10.14 -19.01
N SER D 84 -6.59 -10.49 -17.79
CA SER D 84 -6.21 -9.49 -16.79
C SER D 84 -5.31 -10.16 -15.76
N LEU D 85 -4.73 -9.34 -14.89
CA LEU D 85 -3.82 -9.83 -13.87
C LEU D 85 -4.20 -9.25 -12.52
N ASP D 86 -4.13 -10.11 -11.49
CA ASP D 86 -4.32 -9.69 -10.12
C ASP D 86 -3.02 -9.60 -9.33
N PHE D 87 -1.94 -10.22 -9.81
CA PHE D 87 -0.67 -9.98 -9.13
C PHE D 87 0.51 -10.30 -10.05
N ILE D 88 1.64 -9.67 -9.72
CA ILE D 88 2.90 -9.85 -10.42
C ILE D 88 3.99 -10.13 -9.40
N VAL D 89 4.81 -11.14 -9.65
CA VAL D 89 6.02 -11.39 -8.88
C VAL D 89 7.21 -11.04 -9.77
N HIS D 90 8.00 -10.09 -9.32
CA HIS D 90 9.23 -9.66 -9.99
C HIS D 90 10.40 -10.13 -9.16
N SER D 91 10.97 -11.25 -9.55
CA SER D 91 12.09 -11.86 -8.82
C SER D 91 13.25 -12.03 -9.78
N VAL D 92 13.89 -10.93 -10.09
CA VAL D 92 14.98 -10.85 -11.09
C VAL D 92 16.29 -10.38 -10.45
N ALA D 93 17.31 -11.21 -10.51
CA ALA D 93 18.65 -11.00 -9.89
C ALA D 93 19.79 -10.82 -10.90
N PHE D 94 20.61 -9.76 -10.94
CA PHE D 94 21.87 -9.69 -11.78
C PHE D 94 22.88 -8.51 -11.70
N ALA D 95 24.15 -8.88 -11.60
CA ALA D 95 25.38 -8.10 -11.81
C ALA D 95 26.49 -9.07 -12.29
N SER D 103 35.60 -4.97 -4.67
CA SER D 103 35.14 -3.62 -4.28
C SER D 103 34.18 -2.86 -5.19
N LEU D 104 33.38 -1.99 -4.57
CA LEU D 104 32.52 -1.09 -5.31
C LEU D 104 33.33 -0.12 -6.16
N LEU D 105 34.46 0.36 -5.62
CA LEU D 105 35.28 1.34 -6.34
C LEU D 105 35.74 0.82 -7.69
N GLU D 106 35.90 -0.49 -7.84
CA GLU D 106 36.39 -1.07 -9.07
C GLU D 106 35.29 -1.42 -10.05
N THR D 107 34.03 -1.13 -9.73
CA THR D 107 32.93 -1.41 -10.63
C THR D 107 33.04 -0.53 -11.87
N SER D 108 32.92 -1.14 -13.04
CA SER D 108 32.90 -0.39 -14.29
C SER D 108 31.52 0.24 -14.50
N LYS D 109 31.50 1.30 -15.32
CA LYS D 109 30.21 1.89 -15.70
C LYS D 109 29.35 0.85 -16.38
N SER D 110 29.99 -0.07 -17.12
CA SER D 110 29.30 -1.16 -17.80
C SER D 110 28.56 -2.05 -16.82
N ALA D 111 29.28 -2.56 -15.82
CA ALA D 111 28.68 -3.44 -14.82
C ALA D 111 27.62 -2.70 -14.01
N PHE D 112 27.90 -1.44 -13.65
CA PHE D 112 26.95 -0.64 -12.90
C PHE D 112 25.63 -0.54 -13.65
N ASN D 113 25.70 -0.18 -14.93
CA ASN D 113 24.48 0.00 -15.71
C ASN D 113 23.74 -1.32 -15.88
N THR D 114 24.46 -2.42 -16.09
CA THR D 114 23.79 -3.70 -16.21
C THR D 114 23.05 -4.07 -14.94
N ALA D 115 23.71 -3.89 -13.79
CA ALA D 115 23.05 -4.19 -12.51
C ALA D 115 21.80 -3.34 -12.33
N MET D 116 21.91 -2.04 -12.60
CA MET D 116 20.76 -1.15 -12.41
C MET D 116 19.63 -1.48 -13.37
N GLU D 117 19.95 -1.75 -14.64
CA GLU D 117 18.94 -2.06 -15.64
C GLU D 117 18.20 -3.35 -15.27
N ILE D 118 18.94 -4.41 -14.99
CA ILE D 118 18.33 -5.71 -14.76
C ILE D 118 17.60 -5.74 -13.44
N SER D 119 18.20 -5.19 -12.38
CA SER D 119 17.63 -5.34 -11.05
C SER D 119 16.57 -4.28 -10.74
N VAL D 120 16.65 -3.12 -11.37
CA VAL D 120 15.76 -2.01 -10.99
C VAL D 120 14.86 -1.58 -12.14
N TYR D 121 15.45 -1.16 -13.27
CA TYR D 121 14.62 -0.64 -14.34
C TYR D 121 13.60 -1.66 -14.83
N SER D 122 13.95 -2.96 -14.75
CA SER D 122 13.05 -3.99 -15.23
C SER D 122 11.71 -3.99 -14.49
N LEU D 123 11.71 -3.60 -13.20
CA LEU D 123 10.43 -3.50 -12.51
C LEU D 123 9.57 -2.39 -13.11
N ILE D 124 10.20 -1.27 -13.46
CA ILE D 124 9.47 -0.17 -14.10
C ILE D 124 8.91 -0.61 -15.44
N GLU D 125 9.75 -1.22 -16.29
CA GLU D 125 9.28 -1.58 -17.62
C GLU D 125 8.20 -2.67 -17.55
N LEU D 126 8.39 -3.68 -16.70
CA LEU D 126 7.40 -4.74 -16.54
C LEU D 126 6.07 -4.18 -16.04
N THR D 127 6.11 -3.37 -14.99
CA THR D 127 4.88 -2.83 -14.43
C THR D 127 4.20 -1.88 -15.42
N ASN D 128 4.98 -1.04 -16.12
CA ASN D 128 4.37 -0.14 -17.09
C ASN D 128 3.74 -0.91 -18.24
N THR D 129 4.41 -1.98 -18.70
CA THR D 129 3.86 -2.80 -19.76
C THR D 129 2.53 -3.43 -19.35
N LEU D 130 2.47 -3.96 -18.13
CA LEU D 130 1.30 -4.72 -17.72
C LEU D 130 0.25 -3.90 -16.98
N LYS D 131 0.51 -2.62 -16.69
CA LYS D 131 -0.43 -1.79 -15.94
C LYS D 131 -1.84 -1.79 -16.51
N PRO D 132 -2.07 -1.64 -17.82
CA PRO D 132 -3.45 -1.63 -18.32
C PRO D 132 -4.22 -2.90 -18.03
N LEU D 133 -3.53 -4.02 -17.79
CA LEU D 133 -4.15 -5.29 -17.50
C LEU D 133 -4.35 -5.57 -16.01
N LEU D 134 -3.87 -4.68 -15.13
CA LEU D 134 -3.95 -4.93 -13.70
C LEU D 134 -5.33 -4.55 -13.17
N ASN D 135 -5.98 -5.50 -12.51
CA ASN D 135 -7.31 -5.29 -11.95
C ASN D 135 -7.24 -4.42 -10.69
N ASN D 136 -8.40 -3.87 -10.31
CA ASN D 136 -8.55 -3.25 -9.01
C ASN D 136 -8.00 -4.16 -7.93
N GLY D 137 -7.21 -3.61 -7.02
CA GLY D 137 -6.71 -4.41 -5.92
C GLY D 137 -5.50 -5.27 -6.23
N ALA D 138 -4.94 -5.18 -7.43
CA ALA D 138 -3.81 -6.02 -7.80
C ALA D 138 -2.61 -5.72 -6.91
N SER D 139 -1.69 -6.69 -6.86
CA SER D 139 -0.52 -6.59 -5.99
C SER D 139 0.75 -6.95 -6.76
N VAL D 140 1.74 -6.07 -6.68
CA VAL D 140 3.04 -6.24 -7.33
C VAL D 140 4.08 -6.42 -6.25
N LEU D 141 4.86 -7.49 -6.34
CA LEU D 141 5.85 -7.84 -5.34
C LEU D 141 7.21 -7.95 -6.01
N THR D 142 8.22 -7.33 -5.40
CA THR D 142 9.59 -7.54 -5.82
C THR D 142 10.41 -8.07 -4.64
N LEU D 143 11.66 -8.43 -4.91
CA LEU D 143 12.53 -9.07 -3.94
C LEU D 143 13.74 -8.19 -3.64
N SER D 144 14.14 -8.15 -2.37
CA SER D 144 15.28 -7.33 -1.98
C SER D 144 16.05 -8.02 -0.85
N TYR D 145 17.04 -7.30 -0.31
CA TYR D 145 18.01 -7.85 0.62
C TYR D 145 18.56 -6.72 1.47
N LEU D 146 18.92 -7.07 2.72
CA LEU D 146 19.40 -6.10 3.70
C LEU D 146 20.59 -5.28 3.21
N GLY D 147 21.37 -5.80 2.26
CA GLY D 147 22.48 -5.05 1.68
C GLY D 147 22.06 -3.74 1.03
N SER D 148 20.76 -3.53 0.84
CA SER D 148 20.26 -2.25 0.33
C SER D 148 20.52 -1.12 1.32
N THR D 149 20.36 -1.39 2.62
CA THR D 149 20.38 -0.34 3.63
C THR D 149 21.46 -0.51 4.68
N LYS D 150 22.17 -1.62 4.64
CA LYS D 150 23.34 -1.85 5.51
C LYS D 150 24.46 -2.44 4.68
N TYR D 151 25.69 -2.27 5.11
CA TYR D 151 26.78 -2.89 4.39
C TYR D 151 26.71 -4.40 4.57
N MET D 152 26.84 -5.15 3.52
CA MET D 152 26.99 -6.60 3.61
C MET D 152 28.19 -6.94 2.72
N ALA D 153 29.00 -7.89 3.10
CA ALA D 153 30.20 -8.24 2.32
C ALA D 153 29.83 -8.89 1.01
N HIS D 154 30.62 -8.69 -0.02
CA HIS D 154 30.36 -9.36 -1.32
C HIS D 154 28.95 -8.99 -1.81
N TYR D 155 28.58 -7.72 -1.74
CA TYR D 155 27.28 -7.29 -2.26
C TYR D 155 27.53 -6.13 -3.22
N ASN D 156 28.28 -5.14 -2.78
CA ASN D 156 28.76 -4.05 -3.66
C ASN D 156 27.66 -3.42 -4.49
N VAL D 157 27.81 -3.48 -5.79
CA VAL D 157 26.86 -2.74 -6.63
C VAL D 157 25.43 -3.23 -6.43
N MET D 158 25.26 -4.47 -6.02
CA MET D 158 23.90 -4.94 -5.79
C MET D 158 23.25 -4.19 -4.63
N GLY D 159 24.04 -3.81 -3.63
CA GLY D 159 23.50 -2.98 -2.56
C GLY D 159 23.01 -1.64 -3.06
N LEU D 160 23.68 -1.09 -4.07
CA LEU D 160 23.16 0.13 -4.69
C LEU D 160 21.84 -0.18 -5.39
N ALA D 161 21.83 -1.28 -6.17
CA ALA D 161 20.65 -1.60 -6.95
C ALA D 161 19.45 -1.83 -6.05
N LYS D 162 19.61 -2.67 -5.04
CA LYS D 162 18.48 -2.98 -4.16
C LYS D 162 18.02 -1.73 -3.42
N ALA D 163 18.94 -0.82 -3.07
CA ALA D 163 18.48 0.41 -2.46
C ALA D 163 17.57 1.15 -3.43
N ALA D 164 18.03 1.30 -4.68
CA ALA D 164 17.20 1.93 -5.69
C ALA D 164 15.89 1.18 -5.82
N LEU D 165 15.93 -0.15 -5.78
CA LEU D 165 14.71 -0.93 -5.97
C LEU D 165 13.71 -0.63 -4.88
N GLU D 166 14.18 -0.56 -3.63
CA GLU D 166 13.23 -0.31 -2.56
C GLU D 166 12.65 1.10 -2.72
N SER D 167 13.47 2.04 -3.18
CA SER D 167 12.94 3.37 -3.43
C SER D 167 11.90 3.33 -4.54
N ALA D 168 12.15 2.54 -5.58
CA ALA D 168 11.17 2.41 -6.65
C ALA D 168 9.85 1.89 -6.09
N VAL D 169 9.93 0.95 -5.13
CA VAL D 169 8.72 0.39 -4.54
C VAL D 169 7.89 1.51 -3.95
N ARG D 170 8.53 2.47 -3.28
CA ARG D 170 7.79 3.58 -2.71
C ARG D 170 7.14 4.41 -3.80
N TYR D 171 7.90 4.79 -4.83
CA TYR D 171 7.35 5.67 -5.85
C TYR D 171 6.26 4.98 -6.64
N LEU D 172 6.47 3.71 -7.00
CA LEU D 172 5.44 3.00 -7.71
C LEU D 172 4.20 2.82 -6.84
N ALA D 173 4.40 2.64 -5.53
CA ALA D 173 3.25 2.53 -4.64
C ALA D 173 2.36 3.76 -4.75
N VAL D 174 2.98 4.93 -4.91
CA VAL D 174 2.20 6.14 -5.08
C VAL D 174 1.58 6.18 -6.47
N ASP D 175 2.36 5.82 -7.49
CA ASP D 175 1.85 5.87 -8.86
C ASP D 175 0.62 4.97 -9.03
N LEU D 176 0.72 3.74 -8.55
CA LEU D 176 -0.31 2.73 -8.79
C LEU D 176 -1.41 2.73 -7.75
N GLY D 177 -1.17 3.32 -6.57
CA GLY D 177 -2.20 3.31 -5.51
C GLY D 177 -3.44 4.11 -5.84
N LYS D 178 -3.26 5.19 -6.61
CA LYS D 178 -4.33 5.89 -7.31
C LYS D 178 -5.38 4.94 -7.95
N HIS D 179 -4.94 3.75 -8.44
CA HIS D 179 -5.84 2.75 -9.02
C HIS D 179 -6.06 1.57 -8.11
N ASN D 180 -5.81 1.75 -6.80
CA ASN D 180 -5.93 0.69 -5.79
C ASN D 180 -5.07 -0.53 -6.14
N ILE D 181 -3.87 -0.28 -6.62
CA ILE D 181 -2.88 -1.33 -6.86
C ILE D 181 -1.73 -1.14 -5.88
N ARG D 182 -1.27 -2.23 -5.28
CA ARG D 182 -0.27 -2.21 -4.24
C ARG D 182 1.08 -2.65 -4.79
N VAL D 183 2.16 -2.12 -4.21
CA VAL D 183 3.53 -2.48 -4.58
C VAL D 183 4.33 -2.66 -3.30
N ASN D 184 5.01 -3.81 -3.17
CA ASN D 184 5.79 -4.10 -1.98
C ASN D 184 7.07 -4.84 -2.35
N ALA D 185 7.99 -4.88 -1.39
CA ALA D 185 9.22 -5.65 -1.50
C ALA D 185 9.32 -6.63 -0.35
N LEU D 186 9.75 -7.85 -0.66
CA LEU D 186 10.07 -8.86 0.34
C LEU D 186 11.59 -8.91 0.48
N SER D 187 12.11 -8.56 1.65
CA SER D 187 13.55 -8.57 1.88
C SER D 187 13.89 -9.91 2.53
N ALA D 188 14.50 -10.80 1.76
CA ALA D 188 14.71 -12.16 2.23
C ALA D 188 16.10 -12.32 2.86
N GLY D 189 16.16 -13.14 3.88
CA GLY D 189 17.45 -13.59 4.41
C GLY D 189 17.98 -14.69 3.52
N PRO D 190 19.25 -15.08 3.63
CA PRO D 190 19.75 -16.12 2.76
C PRO D 190 19.14 -17.49 3.01
N ILE D 191 19.01 -18.26 1.96
CA ILE D 191 18.39 -19.61 2.01
C ILE D 191 19.44 -20.65 1.67
N ARG D 192 19.54 -21.69 2.48
CA ARG D 192 20.52 -22.76 2.26
C ARG D 192 20.11 -23.62 1.08
N THR D 193 21.03 -23.80 0.15
CA THR D 193 20.75 -24.62 -1.02
C THR D 193 21.87 -25.61 -1.20
N LEU D 194 21.60 -26.70 -1.88
CA LEU D 194 22.66 -27.71 -1.99
C LEU D 194 23.41 -27.48 -3.29
N ILE D 199 29.90 -22.20 -2.80
CA ILE D 199 30.55 -20.86 -2.90
C ILE D 199 30.96 -20.41 -1.52
N ALA D 200 32.22 -20.11 -1.36
CA ALA D 200 32.77 -19.84 -0.02
C ALA D 200 32.08 -18.66 0.69
N ASP D 201 31.90 -17.53 0.05
CA ASP D 201 31.25 -16.40 0.77
C ASP D 201 29.80 -16.67 1.13
N PHE D 202 29.08 -17.37 0.28
CA PHE D 202 27.66 -17.67 0.61
C PHE D 202 27.58 -18.58 1.82
N ARG D 203 28.46 -19.54 1.92
CA ARG D 203 28.51 -20.43 3.08
C ARG D 203 28.77 -19.57 4.31
N MET D 204 29.65 -18.60 4.23
CA MET D 204 29.89 -17.78 5.41
C MET D 204 28.67 -16.96 5.81
N ILE D 205 28.02 -16.29 4.87
CA ILE D 205 26.88 -15.41 5.21
C ILE D 205 25.72 -16.27 5.73
N LEU D 206 25.54 -17.42 5.13
CA LEU D 206 24.56 -18.35 5.65
C LEU D 206 24.90 -18.81 7.06
N LYS D 207 26.06 -19.32 7.42
CA LYS D 207 26.18 -19.79 8.82
C LYS D 207 26.08 -18.60 9.73
N TRP D 208 26.60 -17.54 9.27
CA TRP D 208 26.56 -16.32 10.10
C TRP D 208 25.13 -15.89 10.45
N ASN D 209 24.30 -15.84 9.45
CA ASN D 209 22.88 -15.54 9.67
C ASN D 209 22.31 -16.60 10.61
N GLU D 210 22.59 -17.85 10.37
CA GLU D 210 22.03 -18.90 11.24
C GLU D 210 22.46 -18.72 12.69
N ILE D 211 23.72 -18.37 12.94
CA ILE D 211 24.21 -18.25 14.31
C ILE D 211 23.63 -17.01 14.99
N ASN D 212 23.51 -15.90 14.25
CA ASN D 212 23.23 -14.62 14.89
C ASN D 212 21.77 -14.18 14.79
N ALA D 213 20.96 -14.85 13.98
CA ALA D 213 19.56 -14.47 13.89
C ALA D 213 18.83 -14.77 15.19
N PRO D 214 17.86 -13.94 15.56
CA PRO D 214 17.04 -14.23 16.74
C PRO D 214 16.50 -15.65 16.78
N LEU D 215 16.03 -16.17 15.65
CA LEU D 215 15.47 -17.51 15.60
C LEU D 215 16.52 -18.59 15.39
N ARG D 216 17.79 -18.20 15.27
CA ARG D 216 18.90 -19.16 15.22
C ARG D 216 18.71 -20.20 14.13
N LYS D 217 18.28 -19.73 12.96
CA LYS D 217 18.03 -20.57 11.80
C LYS D 217 18.12 -19.71 10.56
N ASN D 218 18.37 -20.35 9.42
CA ASN D 218 18.17 -19.70 8.13
C ASN D 218 16.71 -19.87 7.73
N VAL D 219 16.17 -18.86 7.04
CA VAL D 219 14.80 -18.99 6.55
C VAL D 219 14.74 -20.03 5.44
N SER D 220 13.58 -20.65 5.30
CA SER D 220 13.35 -21.65 4.27
C SER D 220 12.69 -21.01 3.07
N LEU D 221 12.76 -21.73 1.94
CA LEU D 221 12.05 -21.29 0.74
C LEU D 221 10.56 -21.20 0.98
N GLU D 222 10.00 -22.15 1.75
CA GLU D 222 8.58 -22.11 2.06
C GLU D 222 8.20 -20.87 2.86
N GLU D 223 9.06 -20.45 3.80
CA GLU D 223 8.75 -19.26 4.59
C GLU D 223 8.75 -18.00 3.74
N VAL D 224 9.73 -17.87 2.83
CA VAL D 224 9.75 -16.74 1.91
C VAL D 224 8.53 -16.80 1.00
N GLY D 225 8.19 -17.99 0.53
CA GLY D 225 7.04 -18.13 -0.36
C GLY D 225 5.74 -17.78 0.30
N ASN D 226 5.56 -18.18 1.56
CA ASN D 226 4.32 -17.87 2.28
C ASN D 226 4.23 -16.39 2.60
N ALA D 227 5.34 -15.75 2.96
CA ALA D 227 5.32 -14.30 3.13
C ALA D 227 4.97 -13.59 1.82
N GLY D 228 5.53 -14.08 0.70
CA GLY D 228 5.19 -13.51 -0.59
C GLY D 228 3.72 -13.66 -0.91
N MET D 229 3.19 -14.87 -0.70
CA MET D 229 1.76 -15.12 -0.87
C MET D 229 0.93 -14.14 -0.08
N TYR D 230 1.30 -13.93 1.19
CA TYR D 230 0.57 -12.98 2.02
C TYR D 230 0.55 -11.60 1.36
N LEU D 231 1.71 -11.12 0.92
CA LEU D 231 1.78 -9.79 0.31
C LEU D 231 1.02 -9.71 -1.01
N LEU D 232 0.89 -10.82 -1.73
CA LEU D 232 0.18 -10.83 -3.01
C LEU D 232 -1.33 -10.99 -2.84
N SER D 233 -1.77 -11.47 -1.68
CA SER D 233 -3.16 -11.78 -1.41
C SER D 233 -3.89 -10.60 -0.80
N SER D 234 -5.23 -10.71 -0.76
CA SER D 234 -6.06 -9.68 -0.15
C SER D 234 -5.87 -9.61 1.37
N LEU D 235 -5.23 -10.61 1.98
CA LEU D 235 -4.92 -10.52 3.40
C LEU D 235 -4.11 -9.26 3.72
N SER D 236 -3.28 -8.83 2.79
CA SER D 236 -2.42 -7.66 2.97
C SER D 236 -2.96 -6.43 2.24
N SER D 237 -4.27 -6.37 1.99
CA SER D 237 -4.84 -5.26 1.23
C SER D 237 -4.62 -3.91 1.90
N GLY D 238 -4.25 -3.89 3.18
CA GLY D 238 -3.87 -2.65 3.82
C GLY D 238 -2.40 -2.29 3.74
N VAL D 239 -1.60 -3.07 3.01
CA VAL D 239 -0.14 -2.96 3.01
C VAL D 239 0.33 -2.52 1.64
N SER D 240 1.03 -1.39 1.56
CA SER D 240 1.66 -1.00 0.32
C SER D 240 2.90 -0.16 0.62
N GLY D 241 3.84 -0.17 -0.32
CA GLY D 241 5.10 0.52 -0.13
C GLY D 241 5.98 -0.07 0.94
N GLU D 242 5.73 -1.31 1.34
CA GLU D 242 6.40 -1.92 2.48
C GLU D 242 7.60 -2.75 2.04
N VAL D 243 8.68 -2.67 2.81
CA VAL D 243 9.79 -3.60 2.74
C VAL D 243 9.63 -4.55 3.91
N HIS D 244 9.26 -5.79 3.60
CA HIS D 244 8.84 -6.77 4.61
C HIS D 244 9.97 -7.78 4.79
N PHE D 245 10.53 -7.84 5.99
CA PHE D 245 11.70 -8.68 6.26
C PHE D 245 11.28 -10.10 6.58
N VAL D 246 11.77 -11.05 5.79
CA VAL D 246 11.58 -12.47 6.03
C VAL D 246 12.96 -13.08 6.20
N ASP D 247 13.52 -12.96 7.41
CA ASP D 247 14.93 -13.23 7.60
C ASP D 247 15.25 -13.84 8.97
N ALA D 248 14.29 -14.51 9.61
CA ALA D 248 14.46 -15.09 10.93
C ALA D 248 14.79 -14.03 11.98
N GLY D 249 14.46 -12.77 11.70
CA GLY D 249 14.70 -11.68 12.62
C GLY D 249 16.06 -11.04 12.50
N TYR D 250 16.89 -11.46 11.55
CA TYR D 250 18.29 -11.04 11.54
C TYR D 250 18.43 -9.52 11.51
N HIS D 251 17.52 -8.84 10.80
CA HIS D 251 17.61 -7.39 10.62
C HIS D 251 17.65 -6.61 11.94
N VAL D 252 17.19 -7.20 13.05
CA VAL D 252 17.19 -6.44 14.31
C VAL D 252 18.56 -6.37 14.96
N MET D 253 19.52 -7.20 14.56
CA MET D 253 20.77 -7.31 15.29
C MET D 253 21.71 -6.15 14.98
N GLY D 254 22.19 -5.49 16.03
CA GLY D 254 23.20 -4.45 15.92
C GLY D 254 24.62 -4.92 16.11
N MET D 255 24.80 -6.19 16.41
CA MET D 255 26.09 -6.81 16.68
C MET D 255 25.88 -8.32 16.67
N GLY D 256 26.97 -9.06 16.86
CA GLY D 256 26.86 -10.50 16.98
C GLY D 256 26.09 -10.90 18.23
N ALA D 257 25.40 -12.04 18.13
CA ALA D 257 24.67 -12.59 19.28
C ALA D 257 25.66 -13.08 20.34
N VAL D 258 25.21 -13.07 21.60
CA VAL D 258 26.08 -13.39 22.73
C VAL D 258 25.45 -14.43 23.64
N GLU D 259 26.32 -15.14 24.36
CA GLU D 259 25.93 -15.90 25.54
C GLU D 259 26.65 -15.39 26.79
N ASN D 263 26.54 -14.62 29.83
CA ASN D 263 27.25 -15.00 31.05
C ASN D 263 28.52 -14.16 31.25
N LYS D 264 29.52 -14.37 30.40
CA LYS D 264 30.78 -13.65 30.52
C LYS D 264 31.12 -12.93 29.22
N ALA D 265 30.08 -12.53 28.48
CA ALA D 265 30.23 -11.90 27.19
C ALA D 265 31.03 -12.78 26.23
N THR D 266 30.39 -13.85 25.80
CA THR D 266 30.95 -14.71 24.78
C THR D 266 30.06 -14.62 23.55
N LEU D 267 30.67 -14.42 22.39
CA LEU D 267 29.91 -14.43 21.14
C LEU D 267 29.49 -15.85 20.80
N LEU D 268 28.22 -16.03 20.44
CA LEU D 268 27.77 -17.32 19.94
C LEU D 268 28.63 -17.78 18.78
N TRP D 269 29.07 -16.85 17.94
CA TRP D 269 29.94 -17.17 16.82
C TRP D 269 31.21 -17.88 17.29
N ASP D 270 31.76 -17.46 18.42
CA ASP D 270 32.99 -18.05 18.91
C ASP D 270 32.76 -19.44 19.49
N LEU D 271 31.51 -19.75 19.90
CA LEU D 271 31.18 -21.07 20.41
C LEU D 271 31.07 -22.17 19.35
N HIS D 272 30.79 -21.87 18.08
CA HIS D 272 30.63 -23.00 17.17
C HIS D 272 31.99 -23.35 16.57
N GLY E 2 -19.84 9.14 -12.84
CA GLY E 2 -20.36 7.79 -12.86
C GLY E 2 -21.85 7.74 -13.13
N PHE E 3 -22.35 6.55 -13.46
CA PHE E 3 -23.71 6.42 -13.95
C PHE E 3 -24.76 6.48 -12.84
N LEU E 4 -24.34 6.68 -11.59
CA LEU E 4 -25.28 6.90 -10.50
C LEU E 4 -24.94 8.17 -9.73
N LYS E 5 -24.26 9.09 -10.39
CA LYS E 5 -23.79 10.29 -9.68
C LYS E 5 -24.97 11.11 -9.22
N GLY E 6 -24.98 11.49 -7.97
CA GLY E 6 -26.08 12.26 -7.43
C GLY E 6 -27.35 11.46 -7.23
N LYS E 7 -27.33 10.16 -7.50
CA LYS E 7 -28.51 9.31 -7.37
C LYS E 7 -28.52 8.68 -5.97
N LYS E 8 -29.71 8.66 -5.37
CA LYS E 8 -29.88 8.22 -3.99
C LYS E 8 -30.52 6.83 -3.96
N GLY E 9 -29.91 5.93 -3.21
CA GLY E 9 -30.38 4.56 -3.14
C GLY E 9 -30.39 3.95 -1.75
N LEU E 10 -31.40 3.13 -1.48
CA LEU E 10 -31.50 2.39 -0.22
C LEU E 10 -31.15 0.93 -0.46
N ILE E 11 -30.22 0.40 0.33
CA ILE E 11 -29.73 -0.98 0.22
C ILE E 11 -30.29 -1.76 1.39
N VAL E 12 -31.16 -2.74 1.11
CA VAL E 12 -31.78 -3.56 2.14
C VAL E 12 -31.21 -4.97 2.02
N GLY E 13 -30.66 -5.47 3.11
CA GLY E 13 -30.22 -6.85 3.18
C GLY E 13 -28.73 -7.09 3.31
N VAL E 14 -27.95 -6.08 3.68
CA VAL E 14 -26.53 -6.30 3.95
C VAL E 14 -26.39 -7.01 5.28
N ALA E 15 -25.76 -8.18 5.27
CA ALA E 15 -25.38 -8.86 6.49
C ALA E 15 -23.90 -8.76 6.80
N ASN E 16 -23.06 -8.67 5.76
CA ASN E 16 -21.63 -8.50 5.90
C ASN E 16 -21.09 -8.09 4.53
N ASN E 17 -19.77 -7.95 4.44
CA ASN E 17 -19.16 -7.44 3.21
C ASN E 17 -19.06 -8.52 2.14
N LYS E 18 -19.56 -9.73 2.41
CA LYS E 18 -19.75 -10.75 1.39
C LYS E 18 -21.19 -10.84 0.89
N SER E 19 -22.11 -10.07 1.46
CA SER E 19 -23.51 -10.11 1.04
C SER E 19 -23.65 -9.66 -0.42
N ILE E 20 -24.60 -10.27 -1.12
CA ILE E 20 -24.92 -9.81 -2.49
C ILE E 20 -25.27 -8.33 -2.47
N ALA E 21 -26.04 -7.90 -1.47
CA ALA E 21 -26.41 -6.50 -1.36
C ALA E 21 -25.19 -5.60 -1.21
N TYR E 22 -24.13 -6.08 -0.54
CA TYR E 22 -22.93 -5.27 -0.41
C TYR E 22 -22.20 -5.16 -1.74
N GLY E 23 -22.10 -6.27 -2.50
CA GLY E 23 -21.48 -6.18 -3.81
C GLY E 23 -22.18 -5.17 -4.70
N ILE E 24 -23.51 -5.21 -4.72
CA ILE E 24 -24.27 -4.25 -5.51
C ILE E 24 -24.02 -2.83 -5.00
N ALA E 25 -24.07 -2.64 -3.68
CA ALA E 25 -23.83 -1.33 -3.11
C ALA E 25 -22.46 -0.80 -3.49
N GLN E 26 -21.45 -1.66 -3.46
CA GLN E 26 -20.10 -1.20 -3.75
C GLN E 26 -19.96 -0.77 -5.21
N SER E 27 -20.54 -1.54 -6.14
CA SER E 27 -20.53 -1.09 -7.53
C SER E 27 -21.26 0.25 -7.68
N CYS E 28 -22.41 0.39 -7.00
CA CYS E 28 -23.17 1.63 -7.08
C CYS E 28 -22.38 2.80 -6.54
N PHE E 29 -21.70 2.60 -5.41
CA PHE E 29 -20.84 3.64 -4.85
C PHE E 29 -19.77 4.05 -5.83
N ASN E 30 -19.13 3.06 -6.47
CA ASN E 30 -18.10 3.36 -7.46
C ASN E 30 -18.66 4.12 -8.66
N GLN E 31 -19.97 4.06 -8.89
CA GLN E 31 -20.59 4.86 -9.95
C GLN E 31 -21.19 6.16 -9.41
N GLY E 32 -20.81 6.59 -8.20
CA GLY E 32 -21.17 7.89 -7.71
C GLY E 32 -22.45 7.98 -6.89
N ALA E 33 -23.03 6.85 -6.51
CA ALA E 33 -24.30 6.86 -5.81
C ALA E 33 -24.16 7.36 -4.38
N THR E 34 -25.21 8.01 -3.89
CA THR E 34 -25.38 8.30 -2.47
C THR E 34 -26.21 7.18 -1.84
N LEU E 35 -25.61 6.46 -0.89
CA LEU E 35 -26.20 5.23 -0.37
C LEU E 35 -26.74 5.39 1.04
N ALA E 36 -27.74 4.57 1.35
CA ALA E 36 -28.26 4.36 2.70
C ALA E 36 -28.45 2.86 2.89
N PHE E 37 -28.39 2.40 4.14
CA PHE E 37 -28.45 0.98 4.44
C PHE E 37 -29.43 0.71 5.57
N THR E 38 -30.05 -0.47 5.52
CA THR E 38 -30.81 -1.01 6.64
C THR E 38 -30.05 -2.15 7.30
N TYR E 39 -30.40 -2.41 8.56
CA TYR E 39 -29.87 -3.56 9.28
C TYR E 39 -30.99 -4.29 9.99
N LEU E 40 -30.87 -5.62 10.06
CA LEU E 40 -31.92 -6.46 10.62
C LEU E 40 -32.03 -6.33 12.13
N ASN E 41 -30.90 -6.29 12.84
CA ASN E 41 -30.89 -6.31 14.29
C ASN E 41 -29.54 -5.74 14.75
N GLU E 42 -29.33 -5.67 16.08
CA GLU E 42 -28.12 -5.06 16.63
C GLU E 42 -26.88 -5.82 16.20
N SER E 43 -27.08 -7.12 16.07
CA SER E 43 -26.07 -8.09 15.65
C SER E 43 -25.50 -7.75 14.29
N LEU E 44 -26.38 -7.59 13.31
CA LEU E 44 -26.01 -7.17 11.97
C LEU E 44 -25.73 -5.68 11.87
N GLU E 45 -26.26 -4.88 12.79
CA GLU E 45 -25.93 -3.46 12.81
C GLU E 45 -24.43 -3.28 12.98
N LYS E 46 -23.84 -4.13 13.81
CA LYS E 46 -22.39 -4.08 14.01
C LYS E 46 -21.61 -4.36 12.74
N ARG E 47 -22.19 -5.07 11.76
CA ARG E 47 -21.50 -5.31 10.50
C ARG E 47 -21.83 -4.28 9.44
N VAL E 48 -23.07 -3.76 9.47
CA VAL E 48 -23.52 -2.83 8.44
C VAL E 48 -22.90 -1.46 8.63
N ARG E 49 -22.77 -0.99 9.87
CA ARG E 49 -22.27 0.37 10.07
C ARG E 49 -20.87 0.59 9.52
N PRO E 50 -19.87 -0.27 9.75
CA PRO E 50 -18.56 -0.06 9.10
C PRO E 50 -18.62 -0.07 7.58
N ILE E 51 -19.41 -0.98 7.06
CA ILE E 51 -19.61 -1.04 5.60
C ILE E 51 -20.15 0.27 5.11
N ALA E 52 -21.13 0.82 5.80
CA ALA E 52 -21.71 2.10 5.42
C ALA E 52 -20.64 3.18 5.49
N GLN E 53 -19.83 3.16 6.51
CA GLN E 53 -18.77 4.17 6.58
C GLN E 53 -17.78 4.01 5.45
N GLU E 54 -17.49 2.79 5.08
CA GLU E 54 -16.57 2.54 3.99
C GLU E 54 -17.13 3.07 2.67
N LEU E 55 -18.45 3.03 2.47
CA LEU E 55 -19.11 3.52 1.26
C LEU E 55 -19.65 4.95 1.45
N ASN E 56 -19.09 5.69 2.37
CA ASN E 56 -19.35 7.12 2.58
C ASN E 56 -20.79 7.38 2.94
N SER E 57 -21.43 6.48 3.64
CA SER E 57 -22.83 6.70 3.94
C SER E 57 -22.97 6.81 5.42
N PRO E 58 -23.61 7.95 6.07
CA PRO E 58 -24.04 8.07 7.47
C PRO E 58 -25.49 7.67 7.71
N TYR E 59 -26.15 7.06 6.73
CA TYR E 59 -27.59 6.80 6.76
C TYR E 59 -27.80 5.30 6.99
N VAL E 60 -28.05 4.92 8.24
CA VAL E 60 -28.13 3.51 8.63
C VAL E 60 -29.36 3.35 9.53
N TYR E 61 -30.31 2.53 9.07
CA TYR E 61 -31.64 2.45 9.66
C TYR E 61 -31.99 1.02 10.01
N GLU E 62 -32.74 0.84 11.09
CA GLU E 62 -33.24 -0.47 11.47
C GLU E 62 -34.40 -0.87 10.57
N LEU E 63 -34.34 -2.09 10.02
CA LEU E 63 -35.47 -2.63 9.27
C LEU E 63 -35.48 -4.15 9.42
N ASP E 64 -36.42 -4.66 10.15
CA ASP E 64 -36.77 -6.07 10.24
C ASP E 64 -38.09 -6.13 9.48
N VAL E 65 -38.09 -6.68 8.28
CA VAL E 65 -39.28 -6.71 7.38
C VAL E 65 -40.46 -7.46 7.99
N SER E 66 -40.23 -8.37 8.91
CA SER E 66 -41.30 -9.06 9.66
C SER E 66 -42.01 -8.14 10.64
N LYS E 67 -41.40 -7.02 10.99
CA LYS E 67 -42.02 -6.00 11.86
C LYS E 67 -42.62 -4.84 11.07
N GLU E 68 -43.93 -4.84 11.02
CA GLU E 68 -44.75 -3.85 10.32
C GLU E 68 -44.50 -2.45 10.88
N GLU E 69 -44.26 -2.30 12.17
CA GLU E 69 -44.00 -0.99 12.78
C GLU E 69 -42.66 -0.38 12.35
N HIS E 70 -41.72 -1.10 11.78
CA HIS E 70 -40.46 -0.53 11.28
C HIS E 70 -40.63 0.26 9.95
N PHE E 71 -41.71 0.11 9.23
CA PHE E 71 -41.77 0.74 7.91
C PHE E 71 -41.96 2.25 7.96
N LYS E 72 -42.88 2.72 8.80
CA LYS E 72 -43.07 4.16 8.84
C LYS E 72 -41.83 4.91 9.35
N PRO E 73 -41.14 4.46 10.41
CA PRO E 73 -39.89 5.16 10.77
C PRO E 73 -38.91 5.17 9.62
N LEU E 74 -38.79 4.06 8.90
CA LEU E 74 -37.91 4.02 7.73
C LEU E 74 -38.27 5.13 6.75
N TYR E 75 -39.56 5.19 6.37
CA TYR E 75 -40.02 6.28 5.52
C TYR E 75 -39.58 7.61 6.10
N ASP E 76 -39.90 7.84 7.38
CA ASP E 76 -39.58 9.12 7.99
C ASP E 76 -38.10 9.39 7.95
N SER E 77 -37.28 8.37 8.21
CA SER E 77 -35.84 8.56 8.16
C SER E 77 -35.42 8.98 6.75
N VAL E 78 -35.85 8.22 5.74
CA VAL E 78 -35.38 8.49 4.39
C VAL E 78 -35.81 9.88 3.96
N LYS E 79 -37.09 10.19 4.20
CA LYS E 79 -37.61 11.50 3.84
C LYS E 79 -36.78 12.60 4.49
N LYS E 80 -36.48 12.45 5.78
CA LYS E 80 -35.68 13.47 6.46
C LYS E 80 -34.27 13.56 5.88
N ASP E 81 -33.60 12.42 5.71
CA ASP E 81 -32.17 12.47 5.43
C ASP E 81 -31.87 12.62 3.96
N LEU E 82 -32.67 11.98 3.11
CA LEU E 82 -32.43 11.89 1.69
C LEU E 82 -33.42 12.68 0.85
N GLY E 83 -34.65 12.86 1.33
CA GLY E 83 -35.65 13.61 0.61
C GLY E 83 -36.38 12.77 -0.42
N SER E 84 -35.63 11.96 -1.17
CA SER E 84 -36.20 11.10 -2.19
C SER E 84 -35.23 9.97 -2.47
N LEU E 85 -35.68 9.02 -3.28
CA LEU E 85 -34.89 7.85 -3.64
C LEU E 85 -34.88 7.68 -5.14
N ASP E 86 -33.73 7.32 -5.68
CA ASP E 86 -33.61 6.95 -7.09
C ASP E 86 -33.48 5.46 -7.28
N PHE E 87 -33.13 4.69 -6.25
CA PHE E 87 -33.16 3.25 -6.43
C PHE E 87 -33.27 2.54 -5.08
N ILE E 88 -33.79 1.31 -5.16
CA ILE E 88 -33.92 0.42 -4.01
C ILE E 88 -33.36 -0.95 -4.37
N VAL E 89 -32.53 -1.51 -3.48
CA VAL E 89 -32.09 -2.89 -3.58
C VAL E 89 -32.80 -3.67 -2.48
N HIS E 90 -33.57 -4.69 -2.88
CA HIS E 90 -34.29 -5.57 -1.99
C HIS E 90 -33.59 -6.92 -2.10
N SER E 91 -32.68 -7.18 -1.16
CA SER E 91 -31.92 -8.42 -1.14
C SER E 91 -32.24 -9.12 0.17
N VAL E 92 -33.46 -9.66 0.23
CA VAL E 92 -34.04 -10.22 1.45
C VAL E 92 -34.70 -11.53 1.06
N ALA E 93 -34.15 -12.63 1.55
CA ALA E 93 -34.75 -13.94 1.37
C ALA E 93 -34.32 -14.76 2.57
N PHE E 94 -35.29 -15.41 3.18
CA PHE E 94 -35.07 -16.19 4.39
C PHE E 94 -34.90 -17.63 3.94
N ALA E 95 -33.64 -18.10 3.93
CA ALA E 95 -33.31 -19.44 3.48
C ALA E 95 -32.87 -20.32 4.64
N PRO E 96 -33.81 -20.86 5.40
CA PRO E 96 -33.45 -21.77 6.49
C PRO E 96 -33.02 -23.10 5.90
N LYS E 97 -32.16 -23.80 6.62
CA LYS E 97 -31.69 -25.09 6.13
C LYS E 97 -32.78 -26.17 6.17
N GLU E 98 -33.68 -26.07 7.13
CA GLU E 98 -34.63 -27.19 7.35
C GLU E 98 -35.68 -27.33 6.27
N ALA E 99 -36.34 -26.24 5.96
CA ALA E 99 -37.30 -26.23 4.88
C ALA E 99 -36.62 -26.43 3.53
N LEU E 100 -35.34 -26.11 3.46
CA LEU E 100 -34.60 -26.11 2.22
C LEU E 100 -34.03 -27.49 1.87
N GLU E 101 -33.96 -28.37 2.84
CA GLU E 101 -33.54 -29.76 2.57
C GLU E 101 -34.74 -30.68 2.64
N GLY E 102 -34.61 -31.93 2.21
CA GLY E 102 -35.80 -32.77 2.33
C GLY E 102 -36.78 -32.53 1.19
N SER E 103 -38.07 -32.63 1.49
CA SER E 103 -39.09 -32.56 0.45
C SER E 103 -40.04 -31.38 0.67
N LEU E 104 -40.63 -30.92 -0.43
CA LEU E 104 -41.70 -29.92 -0.35
C LEU E 104 -42.90 -30.46 0.41
N LEU E 105 -43.19 -31.75 0.23
CA LEU E 105 -44.36 -32.37 0.85
C LEU E 105 -44.34 -32.22 2.36
N GLU E 106 -43.16 -32.09 2.96
CA GLU E 106 -42.98 -32.03 4.40
C GLU E 106 -43.07 -30.60 4.97
N THR E 107 -43.26 -29.58 4.14
CA THR E 107 -43.29 -28.21 4.62
C THR E 107 -44.51 -27.93 5.48
N SER E 108 -44.29 -27.34 6.64
CA SER E 108 -45.41 -26.91 7.47
C SER E 108 -46.01 -25.63 6.91
N LYS E 109 -47.27 -25.36 7.29
CA LYS E 109 -47.89 -24.11 6.87
C LYS E 109 -47.12 -22.91 7.43
N SER E 110 -46.62 -23.03 8.67
CA SER E 110 -45.86 -21.93 9.27
C SER E 110 -44.58 -21.64 8.50
N ALA E 111 -43.82 -22.68 8.14
CA ALA E 111 -42.60 -22.47 7.37
C ALA E 111 -42.91 -21.88 6.00
N PHE E 112 -43.97 -22.37 5.36
CA PHE E 112 -44.40 -21.83 4.07
C PHE E 112 -44.71 -20.35 4.17
N ASN E 113 -45.51 -19.97 5.18
CA ASN E 113 -45.90 -18.57 5.33
C ASN E 113 -44.69 -17.71 5.64
N THR E 114 -43.76 -18.20 6.46
CA THR E 114 -42.58 -17.40 6.76
C THR E 114 -41.73 -17.17 5.51
N ALA E 115 -41.53 -18.21 4.70
CA ALA E 115 -40.77 -18.05 3.47
C ALA E 115 -41.44 -17.03 2.55
N MET E 116 -42.77 -17.15 2.37
CA MET E 116 -43.48 -16.22 1.50
C MET E 116 -43.44 -14.79 2.04
N GLU E 117 -43.63 -14.63 3.35
CA GLU E 117 -43.65 -13.31 3.97
C GLU E 117 -42.30 -12.61 3.83
N ILE E 118 -41.23 -13.29 4.22
CA ILE E 118 -39.92 -12.65 4.23
C ILE E 118 -39.42 -12.44 2.81
N SER E 119 -39.60 -13.45 1.94
CA SER E 119 -38.98 -13.42 0.63
C SER E 119 -39.81 -12.66 -0.40
N VAL E 120 -41.13 -12.59 -0.24
CA VAL E 120 -41.97 -12.04 -1.29
C VAL E 120 -42.74 -10.83 -0.79
N TYR E 121 -43.56 -10.99 0.26
CA TYR E 121 -44.39 -9.87 0.69
C TYR E 121 -43.54 -8.67 1.09
N SER E 122 -42.34 -8.90 1.60
CA SER E 122 -41.50 -7.78 2.03
C SER E 122 -41.18 -6.84 0.88
N LEU E 123 -41.07 -7.35 -0.35
CA LEU E 123 -40.85 -6.43 -1.47
C LEU E 123 -42.07 -5.53 -1.67
N ILE E 124 -43.27 -6.09 -1.54
CA ILE E 124 -44.49 -5.30 -1.66
C ILE E 124 -44.54 -4.24 -0.57
N GLU E 125 -44.31 -4.65 0.68
CA GLU E 125 -44.40 -3.70 1.78
C GLU E 125 -43.33 -2.62 1.68
N LEU E 126 -42.11 -2.99 1.34
CA LEU E 126 -41.03 -2.00 1.20
C LEU E 126 -41.34 -1.01 0.09
N THR E 127 -41.71 -1.52 -1.09
CA THR E 127 -41.97 -0.63 -2.22
C THR E 127 -43.19 0.25 -1.97
N ASN E 128 -44.25 -0.30 -1.37
CA ASN E 128 -45.43 0.50 -1.08
C ASN E 128 -45.11 1.56 -0.03
N THR E 129 -44.29 1.23 0.96
CA THR E 129 -43.90 2.20 1.96
C THR E 129 -43.13 3.35 1.34
N LEU E 130 -42.17 3.04 0.46
CA LEU E 130 -41.28 4.08 -0.05
C LEU E 130 -41.74 4.70 -1.38
N LYS E 131 -42.83 4.21 -1.97
CA LYS E 131 -43.29 4.73 -3.26
C LYS E 131 -43.45 6.25 -3.29
N PRO E 132 -44.02 6.91 -2.28
CA PRO E 132 -44.16 8.38 -2.36
C PRO E 132 -42.82 9.08 -2.50
N LEU E 133 -41.71 8.43 -2.13
CA LEU E 133 -40.38 9.03 -2.19
C LEU E 133 -39.63 8.71 -3.48
N LEU E 134 -40.17 7.85 -4.34
CA LEU E 134 -39.42 7.42 -5.53
C LEU E 134 -39.49 8.48 -6.62
N ASN E 135 -38.32 8.91 -7.09
CA ASN E 135 -38.25 9.90 -8.15
C ASN E 135 -38.60 9.27 -9.49
N ASN E 136 -38.99 10.13 -10.44
CA ASN E 136 -39.12 9.69 -11.82
C ASN E 136 -37.84 9.00 -12.28
N GLY E 137 -38.02 7.86 -12.96
CA GLY E 137 -36.89 7.11 -13.45
C GLY E 137 -36.25 6.17 -12.46
N ALA E 138 -36.78 6.07 -11.25
CA ALA E 138 -36.18 5.23 -10.21
C ALA E 138 -36.22 3.76 -10.62
N SER E 139 -35.34 2.98 -9.97
CA SER E 139 -35.18 1.57 -10.29
C SER E 139 -35.20 0.74 -9.01
N VAL E 140 -36.04 -0.29 -9.00
CA VAL E 140 -36.19 -1.22 -7.88
C VAL E 140 -35.68 -2.58 -8.34
N LEU E 141 -34.75 -3.15 -7.58
CA LEU E 141 -34.12 -4.41 -7.94
C LEU E 141 -34.27 -5.41 -6.81
N THR E 142 -34.71 -6.62 -7.15
CA THR E 142 -34.73 -7.71 -6.18
C THR E 142 -33.86 -8.86 -6.71
N LEU E 143 -33.69 -9.88 -5.88
CA LEU E 143 -32.77 -10.99 -6.17
C LEU E 143 -33.53 -12.29 -6.26
N SER E 144 -33.14 -13.14 -7.21
CA SER E 144 -33.81 -14.42 -7.40
C SER E 144 -32.79 -15.47 -7.84
N TYR E 145 -33.31 -16.64 -8.20
CA TYR E 145 -32.51 -17.83 -8.44
C TYR E 145 -33.29 -18.76 -9.36
N LEU E 146 -32.55 -19.53 -10.17
CA LEU E 146 -33.13 -20.43 -11.16
C LEU E 146 -34.14 -21.41 -10.56
N GLY E 147 -34.04 -21.70 -9.26
CA GLY E 147 -35.02 -22.59 -8.63
C GLY E 147 -36.45 -22.12 -8.71
N SER E 148 -36.66 -20.85 -9.10
CA SER E 148 -38.01 -20.33 -9.30
C SER E 148 -38.71 -21.03 -10.45
N THR E 149 -37.98 -21.33 -11.52
CA THR E 149 -38.58 -21.80 -12.76
C THR E 149 -38.10 -23.17 -13.20
N LYS E 150 -37.10 -23.73 -12.54
CA LYS E 150 -36.68 -25.11 -12.72
C LYS E 150 -36.54 -25.76 -11.35
N TYR E 151 -36.63 -27.09 -11.33
CA TYR E 151 -36.25 -27.79 -10.12
C TYR E 151 -34.76 -27.60 -9.88
N MET E 152 -34.41 -27.21 -8.66
CA MET E 152 -33.02 -27.24 -8.22
C MET E 152 -32.97 -27.92 -6.87
N ALA E 153 -31.93 -28.72 -6.69
CA ALA E 153 -31.79 -29.49 -5.47
C ALA E 153 -31.61 -28.57 -4.29
N HIS E 154 -32.02 -28.97 -3.11
CA HIS E 154 -31.74 -28.23 -1.86
C HIS E 154 -32.33 -26.83 -1.93
N TYR E 155 -33.51 -26.70 -2.51
CA TYR E 155 -34.16 -25.40 -2.52
C TYR E 155 -35.64 -25.41 -2.11
N ASN E 156 -36.39 -26.44 -2.55
CA ASN E 156 -37.78 -26.69 -2.14
C ASN E 156 -38.66 -25.45 -2.04
N VAL E 157 -39.10 -25.11 -0.82
CA VAL E 157 -40.12 -24.05 -0.67
C VAL E 157 -39.60 -22.72 -1.18
N MET E 158 -38.29 -22.49 -1.14
CA MET E 158 -37.76 -21.22 -1.66
C MET E 158 -38.03 -21.10 -3.16
N GLY E 159 -38.04 -22.23 -3.87
CA GLY E 159 -38.40 -22.20 -5.28
C GLY E 159 -39.80 -21.68 -5.50
N LEU E 160 -40.72 -22.00 -4.58
CA LEU E 160 -42.05 -21.42 -4.66
C LEU E 160 -41.98 -19.91 -4.45
N ALA E 161 -41.25 -19.49 -3.41
CA ALA E 161 -41.19 -18.08 -3.06
C ALA E 161 -40.60 -17.28 -4.22
N LYS E 162 -39.45 -17.72 -4.73
CA LYS E 162 -38.81 -16.99 -5.80
C LYS E 162 -39.69 -16.95 -7.05
N ALA E 163 -40.48 -18.00 -7.29
CA ALA E 163 -41.38 -17.94 -8.44
C ALA E 163 -42.37 -16.80 -8.24
N ALA E 164 -42.98 -16.75 -7.05
CA ALA E 164 -43.89 -15.65 -6.75
C ALA E 164 -43.15 -14.32 -6.86
N LEU E 165 -41.90 -14.28 -6.41
CA LEU E 165 -41.18 -13.01 -6.44
C LEU E 165 -41.02 -12.52 -7.86
N GLU E 166 -40.68 -13.43 -8.79
CA GLU E 166 -40.50 -12.98 -10.16
C GLU E 166 -41.83 -12.52 -10.73
N SER E 167 -42.93 -13.20 -10.35
CA SER E 167 -44.24 -12.73 -10.80
C SER E 167 -44.52 -11.34 -10.23
N ALA E 168 -44.17 -11.13 -8.96
CA ALA E 168 -44.37 -9.81 -8.38
C ALA E 168 -43.62 -8.77 -9.17
N VAL E 169 -42.41 -9.10 -9.63
CA VAL E 169 -41.61 -8.16 -10.40
C VAL E 169 -42.39 -7.70 -11.62
N ARG E 170 -43.05 -8.62 -12.30
CA ARG E 170 -43.83 -8.24 -13.46
C ARG E 170 -44.98 -7.32 -13.06
N TYR E 171 -45.74 -7.71 -12.04
CA TYR E 171 -46.90 -6.90 -11.70
C TYR E 171 -46.48 -5.52 -11.21
N LEU E 172 -45.43 -5.45 -10.38
CA LEU E 172 -44.97 -4.15 -9.92
C LEU E 172 -44.45 -3.33 -11.10
N ALA E 173 -43.79 -4.00 -12.06
CA ALA E 173 -43.29 -3.29 -13.23
C ALA E 173 -44.43 -2.59 -13.95
N VAL E 174 -45.59 -3.22 -13.98
CA VAL E 174 -46.72 -2.57 -14.62
C VAL E 174 -47.23 -1.43 -13.74
N ASP E 175 -47.43 -1.72 -12.44
CA ASP E 175 -47.99 -0.72 -11.54
C ASP E 175 -47.11 0.52 -11.51
N LEU E 176 -45.81 0.32 -11.37
CA LEU E 176 -44.90 1.44 -11.20
C LEU E 176 -44.46 2.03 -12.53
N GLY E 177 -44.66 1.29 -13.62
CA GLY E 177 -44.26 1.82 -14.91
C GLY E 177 -45.06 3.06 -15.27
N LYS E 178 -46.29 3.15 -14.79
CA LYS E 178 -47.10 4.34 -14.99
C LYS E 178 -46.39 5.60 -14.55
N HIS E 179 -45.49 5.48 -13.56
CA HIS E 179 -44.73 6.59 -13.01
C HIS E 179 -43.29 6.59 -13.47
N ASN E 180 -42.98 5.91 -14.58
CA ASN E 180 -41.62 5.78 -15.12
C ASN E 180 -40.65 5.24 -14.08
N ILE E 181 -41.10 4.26 -13.31
CA ILE E 181 -40.26 3.53 -12.36
C ILE E 181 -40.12 2.10 -12.84
N ARG E 182 -38.91 1.57 -12.79
CA ARG E 182 -38.60 0.24 -13.31
C ARG E 182 -38.46 -0.75 -12.16
N VAL E 183 -38.80 -2.01 -12.44
CA VAL E 183 -38.68 -3.10 -11.46
C VAL E 183 -38.07 -4.30 -12.16
N ASN E 184 -37.01 -4.86 -11.57
CA ASN E 184 -36.33 -6.00 -12.17
C ASN E 184 -35.85 -6.96 -11.09
N ALA E 185 -35.51 -8.18 -11.53
CA ALA E 185 -34.91 -9.18 -10.67
C ALA E 185 -33.57 -9.60 -11.27
N LEU E 186 -32.56 -9.73 -10.41
CA LEU E 186 -31.27 -10.29 -10.78
C LEU E 186 -31.26 -11.74 -10.31
N SER E 187 -31.16 -12.67 -11.25
CA SER E 187 -31.14 -14.10 -10.92
C SER E 187 -29.68 -14.52 -10.86
N ALA E 188 -29.18 -14.70 -9.65
CA ALA E 188 -27.75 -14.93 -9.47
C ALA E 188 -27.44 -16.43 -9.39
N GLY E 189 -26.28 -16.80 -9.92
CA GLY E 189 -25.70 -18.09 -9.64
C GLY E 189 -25.07 -18.10 -8.26
N PRO E 190 -24.71 -19.30 -7.80
CA PRO E 190 -24.09 -19.43 -6.48
C PRO E 190 -22.70 -18.80 -6.47
N ILE E 191 -22.31 -18.26 -5.31
CA ILE E 191 -21.04 -17.56 -5.17
C ILE E 191 -20.13 -18.26 -4.19
N ARG E 192 -18.91 -18.48 -4.62
CA ARG E 192 -17.88 -18.96 -3.68
C ARG E 192 -17.38 -18.04 -2.56
N THR E 193 -17.59 -18.49 -1.35
CA THR E 193 -17.16 -17.81 -0.12
C THR E 193 -16.17 -18.64 0.73
N LEU E 194 -15.68 -18.04 1.84
CA LEU E 194 -14.82 -18.76 2.80
C LEU E 194 -15.64 -19.17 4.02
N ILE E 199 -21.38 -25.75 3.63
CA ILE E 199 -21.99 -27.01 4.00
C ILE E 199 -21.63 -27.98 2.89
N ALA E 200 -21.91 -29.28 3.06
CA ALA E 200 -21.70 -30.21 1.96
C ALA E 200 -22.72 -30.02 0.84
N ASP E 201 -23.91 -29.55 1.14
CA ASP E 201 -24.92 -29.43 0.07
C ASP E 201 -24.72 -28.13 -0.73
N PHE E 202 -24.21 -27.09 -0.12
CA PHE E 202 -24.00 -25.90 -0.91
C PHE E 202 -22.76 -26.05 -1.78
N ARG E 203 -21.72 -26.64 -1.22
CA ARG E 203 -20.49 -26.95 -1.91
C ARG E 203 -20.73 -27.92 -3.08
N MET E 204 -21.63 -28.90 -2.93
CA MET E 204 -22.06 -29.67 -4.10
C MET E 204 -22.61 -28.75 -5.20
N ILE E 205 -23.52 -27.84 -4.84
CA ILE E 205 -24.13 -26.97 -5.86
C ILE E 205 -23.13 -25.99 -6.45
N LEU E 206 -22.22 -25.49 -5.63
CA LEU E 206 -21.11 -24.69 -6.14
C LEU E 206 -20.32 -25.49 -7.15
N LYS E 207 -20.01 -26.70 -6.82
CA LYS E 207 -19.18 -27.49 -7.68
C LYS E 207 -19.92 -27.84 -9.00
N TRP E 208 -21.23 -28.12 -8.91
CA TRP E 208 -22.01 -28.44 -10.10
C TRP E 208 -22.02 -27.26 -11.07
N ASN E 209 -22.32 -26.05 -10.57
CA ASN E 209 -22.15 -24.83 -11.37
C ASN E 209 -20.76 -24.66 -11.97
N GLU E 210 -19.72 -24.80 -11.14
CA GLU E 210 -18.38 -24.57 -11.68
C GLU E 210 -18.08 -25.53 -12.83
N ILE E 211 -18.47 -26.80 -12.69
CA ILE E 211 -18.15 -27.78 -13.72
C ILE E 211 -19.02 -27.60 -14.96
N ASN E 212 -20.31 -27.28 -14.77
CA ASN E 212 -21.29 -27.38 -15.85
C ASN E 212 -21.69 -26.03 -16.47
N ALA E 213 -21.34 -24.91 -15.86
CA ALA E 213 -21.69 -23.63 -16.48
C ALA E 213 -20.87 -23.43 -17.76
N PRO E 214 -21.46 -22.77 -18.76
CA PRO E 214 -20.69 -22.47 -19.99
C PRO E 214 -19.34 -21.84 -19.73
N LEU E 215 -19.25 -20.89 -18.79
CA LEU E 215 -18.00 -20.21 -18.49
C LEU E 215 -17.13 -20.97 -17.49
N ARG E 216 -17.57 -22.16 -17.06
CA ARG E 216 -16.76 -23.07 -16.24
C ARG E 216 -16.19 -22.38 -15.00
N LYS E 217 -17.04 -21.59 -14.34
CA LYS E 217 -16.66 -20.86 -13.14
C LYS E 217 -17.93 -20.54 -12.35
N ASN E 218 -17.71 -20.18 -11.14
CA ASN E 218 -18.81 -19.59 -10.37
C ASN E 218 -18.71 -18.09 -10.55
N VAL E 219 -19.82 -17.40 -10.49
CA VAL E 219 -19.80 -15.93 -10.59
C VAL E 219 -19.21 -15.33 -9.33
N SER E 220 -18.61 -14.19 -9.47
CA SER E 220 -18.04 -13.45 -8.34
C SER E 220 -19.06 -12.49 -7.74
N LEU E 221 -18.79 -12.02 -6.56
CA LEU E 221 -19.62 -10.97 -5.95
C LEU E 221 -19.53 -9.71 -6.80
N GLU E 222 -18.40 -9.43 -7.37
CA GLU E 222 -18.26 -8.25 -8.23
C GLU E 222 -19.15 -8.43 -9.47
N GLU E 223 -19.23 -9.61 -10.04
CA GLU E 223 -20.03 -9.78 -11.26
C GLU E 223 -21.49 -9.53 -10.95
N VAL E 224 -21.96 -10.03 -9.84
CA VAL E 224 -23.35 -9.82 -9.41
C VAL E 224 -23.55 -8.33 -9.12
N GLY E 225 -22.59 -7.75 -8.46
CA GLY E 225 -22.68 -6.34 -8.12
C GLY E 225 -22.75 -5.44 -9.32
N ASN E 226 -21.90 -5.69 -10.30
CA ASN E 226 -21.91 -4.85 -11.49
C ASN E 226 -23.19 -5.02 -12.30
N ALA E 227 -23.70 -6.25 -12.40
CA ALA E 227 -24.98 -6.43 -13.07
C ALA E 227 -26.09 -5.70 -12.34
N GLY E 228 -26.08 -5.75 -11.01
CA GLY E 228 -27.07 -5.01 -10.24
C GLY E 228 -26.97 -3.52 -10.47
N MET E 229 -25.74 -3.00 -10.43
CA MET E 229 -25.52 -1.58 -10.73
C MET E 229 -26.11 -1.21 -12.08
N TYR E 230 -25.85 -2.05 -13.10
CA TYR E 230 -26.39 -1.78 -14.42
C TYR E 230 -27.90 -1.65 -14.38
N LEU E 231 -28.57 -2.60 -13.71
CA LEU E 231 -30.03 -2.56 -13.66
C LEU E 231 -30.54 -1.38 -12.85
N LEU E 232 -29.77 -0.88 -11.87
CA LEU E 232 -30.19 0.25 -11.06
C LEU E 232 -29.89 1.59 -11.72
N SER E 233 -29.00 1.62 -12.71
CA SER E 233 -28.55 2.83 -13.37
C SER E 233 -29.38 3.16 -14.60
N SER E 234 -29.21 4.38 -15.11
CA SER E 234 -29.90 4.81 -16.32
C SER E 234 -29.44 4.06 -17.56
N LEU E 235 -28.32 3.32 -17.49
CA LEU E 235 -27.89 2.47 -18.60
C LEU E 235 -28.98 1.49 -19.01
N SER E 236 -29.77 1.03 -18.04
CA SER E 236 -30.85 0.07 -18.25
C SER E 236 -32.23 0.72 -18.27
N SER E 237 -32.30 2.02 -18.58
CA SER E 237 -33.58 2.72 -18.54
C SER E 237 -34.61 2.14 -19.52
N GLY E 238 -34.18 1.34 -20.49
CA GLY E 238 -35.11 0.65 -21.35
C GLY E 238 -35.54 -0.72 -20.86
N VAL E 239 -35.10 -1.12 -19.66
CA VAL E 239 -35.26 -2.48 -19.15
C VAL E 239 -36.17 -2.46 -17.94
N SER E 240 -37.29 -3.18 -18.01
CA SER E 240 -38.14 -3.34 -16.83
C SER E 240 -38.87 -4.67 -16.92
N GLY E 241 -39.26 -5.19 -15.75
CA GLY E 241 -39.89 -6.49 -15.68
C GLY E 241 -39.00 -7.65 -16.07
N GLU E 242 -37.68 -7.44 -16.05
CA GLU E 242 -36.74 -8.43 -16.54
C GLU E 242 -36.19 -9.28 -15.39
N VAL E 243 -36.04 -10.57 -15.66
CA VAL E 243 -35.27 -11.47 -14.82
C VAL E 243 -33.93 -11.69 -15.52
N HIS E 244 -32.88 -11.11 -14.95
CA HIS E 244 -31.58 -11.01 -15.60
C HIS E 244 -30.62 -12.01 -14.95
N PHE E 245 -30.15 -12.98 -15.73
CA PHE E 245 -29.33 -14.06 -15.22
C PHE E 245 -27.87 -13.64 -15.19
N VAL E 246 -27.28 -13.67 -14.00
CA VAL E 246 -25.86 -13.42 -13.81
C VAL E 246 -25.29 -14.68 -13.17
N ASP E 247 -24.97 -15.68 -14.00
CA ASP E 247 -24.77 -17.02 -13.49
C ASP E 247 -23.74 -17.82 -14.28
N ALA E 248 -22.80 -17.15 -14.95
CA ALA E 248 -21.78 -17.80 -15.79
C ALA E 248 -22.42 -18.61 -16.92
N GLY E 249 -23.65 -18.27 -17.29
CA GLY E 249 -24.37 -18.93 -18.35
C GLY E 249 -25.14 -20.17 -17.95
N TYR E 250 -25.14 -20.52 -16.65
CA TYR E 250 -25.64 -21.83 -16.24
C TYR E 250 -27.07 -22.08 -16.74
N HIS E 251 -27.90 -21.03 -16.76
CA HIS E 251 -29.32 -21.17 -17.09
C HIS E 251 -29.58 -21.81 -18.45
N VAL E 252 -28.62 -21.81 -19.37
CA VAL E 252 -28.87 -22.41 -20.68
C VAL E 252 -28.77 -23.92 -20.67
N MET E 253 -28.22 -24.52 -19.62
CA MET E 253 -27.91 -25.95 -19.65
C MET E 253 -29.18 -26.78 -19.41
N GLY E 254 -29.47 -27.68 -20.35
CA GLY E 254 -30.56 -28.62 -20.22
C GLY E 254 -30.14 -29.96 -19.66
N MET E 255 -28.84 -30.14 -19.43
CA MET E 255 -28.26 -31.38 -18.94
C MET E 255 -26.82 -31.07 -18.55
N GLY E 256 -26.12 -32.10 -18.06
CA GLY E 256 -24.72 -31.93 -17.74
C GLY E 256 -23.86 -31.66 -18.97
N ALA E 257 -22.82 -30.86 -18.77
CA ALA E 257 -21.88 -30.57 -19.84
C ALA E 257 -21.05 -31.80 -20.19
N VAL E 258 -20.65 -31.89 -21.45
CA VAL E 258 -19.89 -33.01 -21.99
C VAL E 258 -18.71 -32.45 -22.77
N GLU E 259 -17.68 -33.28 -22.98
CA GLU E 259 -16.65 -32.89 -23.93
C GLU E 259 -16.07 -34.09 -24.66
N GLU E 260 -15.48 -33.78 -25.83
CA GLU E 260 -14.84 -34.71 -26.78
C GLU E 260 -15.85 -35.39 -27.69
N ALA E 265 -17.74 -39.01 -26.05
CA ALA E 265 -18.39 -37.98 -25.26
C ALA E 265 -18.74 -38.44 -23.83
N THR E 266 -18.00 -37.84 -22.90
CA THR E 266 -18.14 -37.99 -21.46
C THR E 266 -18.60 -36.71 -20.78
N LEU E 267 -19.43 -36.88 -19.75
CA LEU E 267 -19.85 -35.76 -18.92
C LEU E 267 -18.63 -35.19 -18.20
N LEU E 268 -18.50 -33.85 -18.24
CA LEU E 268 -17.43 -33.17 -17.53
C LEU E 268 -17.41 -33.54 -16.05
N TRP E 269 -18.60 -33.72 -15.46
CA TRP E 269 -18.69 -34.12 -14.07
C TRP E 269 -17.90 -35.41 -13.81
N ASP E 270 -17.96 -36.34 -14.77
CA ASP E 270 -17.29 -37.62 -14.58
C ASP E 270 -15.79 -37.55 -14.81
N LEU E 271 -15.32 -36.64 -15.67
CA LEU E 271 -13.89 -36.48 -15.89
C LEU E 271 -13.17 -35.82 -14.72
N HIS E 272 -13.90 -35.11 -13.88
CA HIS E 272 -13.29 -34.26 -12.87
C HIS E 272 -12.94 -34.99 -11.57
N MET F 1 -11.81 4.27 -16.16
CA MET F 1 -13.26 4.46 -15.91
C MET F 1 -14.06 4.06 -17.13
N GLY F 2 -13.62 4.41 -18.35
CA GLY F 2 -14.34 3.99 -19.54
C GLY F 2 -14.43 2.48 -19.48
N PHE F 3 -15.64 1.95 -19.62
CA PHE F 3 -15.91 0.51 -19.49
C PHE F 3 -15.20 -0.28 -20.59
N LEU F 4 -14.94 0.28 -21.75
CA LEU F 4 -14.29 -0.45 -22.84
C LEU F 4 -12.93 0.14 -23.21
N LYS F 5 -12.32 0.87 -22.29
CA LYS F 5 -11.03 1.48 -22.60
C LYS F 5 -9.99 0.42 -22.91
N GLY F 6 -9.36 0.56 -24.06
CA GLY F 6 -8.37 -0.40 -24.53
C GLY F 6 -8.97 -1.63 -25.18
N LYS F 7 -10.28 -1.71 -25.28
CA LYS F 7 -10.87 -2.93 -25.83
C LYS F 7 -11.15 -2.70 -27.30
N LYS F 8 -10.92 -3.73 -28.07
CA LYS F 8 -11.07 -3.64 -29.53
C LYS F 8 -12.31 -4.41 -29.95
N GLY F 9 -13.15 -3.77 -30.76
CA GLY F 9 -14.39 -4.39 -31.18
C GLY F 9 -14.70 -4.22 -32.65
N LEU F 10 -15.29 -5.25 -33.24
CA LEU F 10 -15.74 -5.20 -34.61
C LEU F 10 -17.26 -5.06 -34.65
N ILE F 11 -17.74 -4.07 -35.39
CA ILE F 11 -19.17 -3.80 -35.52
C ILE F 11 -19.61 -4.22 -36.91
N VAL F 12 -20.48 -5.22 -36.99
CA VAL F 12 -20.98 -5.73 -38.26
C VAL F 12 -22.46 -5.35 -38.35
N GLY F 13 -22.82 -4.65 -39.42
CA GLY F 13 -24.20 -4.36 -39.69
C GLY F 13 -24.64 -2.90 -39.60
N VAL F 14 -23.74 -1.97 -39.53
CA VAL F 14 -24.18 -0.56 -39.53
C VAL F 14 -24.61 -0.17 -40.94
N ALA F 15 -25.80 0.33 -41.13
CA ALA F 15 -26.15 0.77 -42.49
C ALA F 15 -26.27 2.27 -42.46
N ASN F 16 -26.60 2.83 -41.32
CA ASN F 16 -26.73 4.29 -41.19
C ASN F 16 -26.70 4.66 -39.73
N ASN F 17 -26.92 5.93 -39.44
CA ASN F 17 -26.79 6.44 -38.08
C ASN F 17 -28.02 6.20 -37.22
N LYS F 18 -29.03 5.57 -37.73
CA LYS F 18 -30.21 5.13 -36.99
C LYS F 18 -30.11 3.61 -36.72
N SER F 19 -29.09 2.94 -37.20
CA SER F 19 -28.95 1.48 -37.01
C SER F 19 -28.77 1.12 -35.56
N ILE F 20 -29.25 -0.03 -35.19
CA ILE F 20 -29.04 -0.50 -33.81
C ILE F 20 -27.53 -0.70 -33.59
N ALA F 21 -26.83 -1.20 -34.58
CA ALA F 21 -25.39 -1.36 -34.44
C ALA F 21 -24.74 -0.01 -34.22
N TYR F 22 -25.21 1.06 -34.85
CA TYR F 22 -24.65 2.40 -34.64
C TYR F 22 -24.89 2.85 -33.19
N GLY F 23 -26.08 2.66 -32.66
CA GLY F 23 -26.29 3.04 -31.27
C GLY F 23 -25.34 2.30 -30.34
N ILE F 24 -25.19 0.99 -30.56
CA ILE F 24 -24.28 0.20 -29.73
C ILE F 24 -22.84 0.69 -29.91
N ALA F 25 -22.43 0.91 -31.16
CA ALA F 25 -21.08 1.41 -31.43
C ALA F 25 -20.85 2.76 -30.75
N GLN F 26 -21.85 3.62 -30.76
CA GLN F 26 -21.73 4.94 -30.13
C GLN F 26 -21.51 4.81 -28.64
N SER F 27 -22.30 3.97 -27.97
CA SER F 27 -22.13 3.78 -26.54
C SER F 27 -20.77 3.16 -26.23
N CYS F 28 -20.31 2.24 -27.09
CA CYS F 28 -18.99 1.65 -26.88
C CYS F 28 -17.89 2.69 -27.06
N PHE F 29 -18.03 3.56 -28.06
CA PHE F 29 -17.08 4.64 -28.27
C PHE F 29 -17.01 5.54 -27.05
N ASN F 30 -18.17 5.91 -26.52
CA ASN F 30 -18.20 6.75 -25.32
C ASN F 30 -17.57 6.08 -24.11
N GLN F 31 -17.48 4.75 -24.10
CA GLN F 31 -16.81 4.03 -23.03
C GLN F 31 -15.37 3.68 -23.35
N GLY F 32 -14.80 4.29 -24.39
CA GLY F 32 -13.39 4.21 -24.69
C GLY F 32 -12.97 3.11 -25.65
N ALA F 33 -13.91 2.46 -26.32
CA ALA F 33 -13.57 1.32 -27.16
C ALA F 33 -12.84 1.77 -28.42
N THR F 34 -11.96 0.88 -28.92
CA THR F 34 -11.37 0.98 -30.25
C THR F 34 -12.24 0.18 -31.21
N LEU F 35 -12.81 0.85 -32.19
CA LEU F 35 -13.83 0.25 -33.05
C LEU F 35 -13.32 -0.03 -34.46
N ALA F 36 -13.93 -1.06 -35.07
CA ALA F 36 -13.80 -1.35 -36.49
C ALA F 36 -15.19 -1.66 -37.02
N PHE F 37 -15.40 -1.42 -38.31
CA PHE F 37 -16.71 -1.55 -38.92
C PHE F 37 -16.62 -2.31 -40.23
N THR F 38 -17.67 -3.06 -40.55
CA THR F 38 -17.83 -3.65 -41.87
C THR F 38 -18.89 -2.90 -42.66
N TYR F 39 -18.80 -3.03 -43.98
CA TYR F 39 -19.77 -2.48 -44.91
C TYR F 39 -20.11 -3.52 -45.97
N LEU F 40 -21.35 -3.48 -46.44
CA LEU F 40 -21.84 -4.49 -47.38
C LEU F 40 -21.20 -4.33 -48.76
N ASN F 41 -21.05 -3.10 -49.25
CA ASN F 41 -20.54 -2.82 -50.59
C ASN F 41 -20.11 -1.37 -50.68
N GLU F 42 -19.52 -0.99 -51.81
CA GLU F 42 -19.45 0.46 -52.03
C GLU F 42 -20.73 1.30 -51.89
N SER F 43 -21.97 0.84 -52.15
CA SER F 43 -23.04 1.79 -51.84
C SER F 43 -23.06 2.10 -50.34
N LEU F 44 -23.09 1.07 -49.49
CA LEU F 44 -23.07 1.28 -48.04
C LEU F 44 -21.72 1.72 -47.49
N GLU F 45 -20.62 1.56 -48.22
CA GLU F 45 -19.33 2.02 -47.73
C GLU F 45 -19.37 3.53 -47.70
N LYS F 46 -20.15 4.16 -48.56
CA LYS F 46 -20.16 5.65 -48.51
C LYS F 46 -21.03 6.09 -47.34
N ARG F 47 -21.83 5.20 -46.83
CA ARG F 47 -22.61 5.53 -45.63
C ARG F 47 -21.85 5.10 -44.36
N VAL F 48 -21.02 4.10 -44.44
CA VAL F 48 -20.35 3.62 -43.20
C VAL F 48 -19.15 4.49 -42.81
N ARG F 49 -18.34 5.04 -43.72
CA ARG F 49 -17.27 5.87 -43.15
C ARG F 49 -17.57 7.15 -42.43
N PRO F 50 -18.53 7.93 -42.82
CA PRO F 50 -18.77 9.11 -42.04
C PRO F 50 -18.95 8.63 -40.65
N ILE F 51 -19.74 7.55 -40.47
CA ILE F 51 -19.90 6.99 -39.13
C ILE F 51 -18.58 6.46 -38.54
N ALA F 52 -17.80 5.69 -39.32
CA ALA F 52 -16.54 5.16 -38.78
C ALA F 52 -15.55 6.27 -38.41
N GLN F 53 -15.38 7.26 -39.28
CA GLN F 53 -14.45 8.36 -39.03
C GLN F 53 -14.84 8.98 -37.75
N GLU F 54 -16.13 9.31 -37.71
CA GLU F 54 -16.80 10.19 -36.71
C GLU F 54 -16.47 9.72 -35.34
N LEU F 55 -16.58 8.47 -35.28
CA LEU F 55 -16.19 7.74 -34.08
C LEU F 55 -14.72 7.28 -34.08
N ASN F 56 -13.83 7.96 -34.80
CA ASN F 56 -12.37 7.80 -34.70
C ASN F 56 -11.84 6.43 -35.15
N SER F 57 -12.48 5.81 -36.14
CA SER F 57 -12.05 4.49 -36.60
C SER F 57 -11.56 4.58 -38.04
N PRO F 58 -10.30 4.24 -38.32
CA PRO F 58 -9.85 4.06 -39.70
C PRO F 58 -10.00 2.63 -40.20
N TYR F 59 -10.68 1.79 -39.45
CA TYR F 59 -10.76 0.35 -39.70
C TYR F 59 -12.13 0.05 -40.28
N VAL F 60 -12.20 -0.04 -41.61
CA VAL F 60 -13.45 -0.17 -42.35
C VAL F 60 -13.24 -1.25 -43.42
N TYR F 61 -13.99 -2.34 -43.32
CA TYR F 61 -13.73 -3.56 -44.09
C TYR F 61 -14.98 -4.03 -44.83
N GLU F 62 -14.77 -4.60 -46.01
CA GLU F 62 -15.86 -5.19 -46.77
C GLU F 62 -16.30 -6.53 -46.17
N LEU F 63 -17.60 -6.68 -45.92
CA LEU F 63 -18.15 -7.97 -45.51
C LEU F 63 -19.59 -8.06 -46.02
N ASP F 64 -19.79 -8.89 -47.03
CA ASP F 64 -21.09 -9.38 -47.43
C ASP F 64 -21.14 -10.82 -46.95
N VAL F 65 -21.92 -11.08 -45.90
CA VAL F 65 -21.87 -12.38 -45.24
C VAL F 65 -22.31 -13.51 -46.17
N SER F 66 -22.99 -13.18 -47.26
CA SER F 66 -23.38 -14.19 -48.25
C SER F 66 -22.22 -14.62 -49.15
N LYS F 67 -21.07 -13.93 -49.09
CA LYS F 67 -19.92 -14.23 -49.92
C LYS F 67 -18.85 -14.84 -49.02
N GLU F 68 -18.70 -16.14 -49.13
CA GLU F 68 -17.81 -16.83 -48.23
C GLU F 68 -16.36 -16.32 -48.38
N GLU F 69 -16.01 -15.83 -49.57
CA GLU F 69 -14.65 -15.39 -49.85
C GLU F 69 -14.28 -14.09 -49.15
N HIS F 70 -15.24 -13.43 -48.52
CA HIS F 70 -14.94 -12.22 -47.76
C HIS F 70 -14.38 -12.51 -46.38
N PHE F 71 -14.56 -13.72 -45.85
CA PHE F 71 -14.27 -13.89 -44.43
C PHE F 71 -12.77 -13.98 -44.15
N LYS F 72 -12.01 -14.67 -45.00
CA LYS F 72 -10.56 -14.72 -44.80
C LYS F 72 -9.92 -13.34 -44.93
N PRO F 73 -10.25 -12.52 -45.93
CA PRO F 73 -9.68 -11.17 -45.94
C PRO F 73 -10.03 -10.38 -44.68
N LEU F 74 -11.27 -10.51 -44.20
CA LEU F 74 -11.65 -9.85 -42.96
C LEU F 74 -10.74 -10.27 -41.83
N TYR F 75 -10.57 -11.59 -41.63
CA TYR F 75 -9.64 -12.07 -40.62
C TYR F 75 -8.29 -11.37 -40.81
N ASP F 76 -7.76 -11.42 -42.03
CA ASP F 76 -6.44 -10.87 -42.26
C ASP F 76 -6.39 -9.41 -41.91
N SER F 77 -7.42 -8.65 -42.32
CA SER F 77 -7.38 -7.23 -42.01
C SER F 77 -7.29 -7.05 -40.51
N VAL F 78 -8.21 -7.67 -39.79
CA VAL F 78 -8.30 -7.44 -38.36
C VAL F 78 -6.96 -7.78 -37.71
N LYS F 79 -6.31 -8.86 -38.17
CA LYS F 79 -5.02 -9.27 -37.61
C LYS F 79 -3.94 -8.23 -37.85
N LYS F 80 -3.99 -7.78 -39.06
CA LYS F 80 -3.11 -6.67 -39.34
C LYS F 80 -3.68 -5.47 -38.66
N ASP F 81 -5.02 -5.17 -38.65
CA ASP F 81 -5.13 -3.82 -38.08
C ASP F 81 -5.19 -3.78 -36.56
N LEU F 82 -5.84 -4.74 -35.93
CA LEU F 82 -6.11 -4.72 -34.50
C LEU F 82 -5.30 -5.75 -33.71
N GLY F 83 -4.90 -6.86 -34.33
CA GLY F 83 -4.12 -7.88 -33.66
C GLY F 83 -4.98 -8.89 -32.91
N SER F 84 -6.00 -8.40 -32.23
CA SER F 84 -6.90 -9.26 -31.46
C SER F 84 -8.21 -8.51 -31.30
N LEU F 85 -9.23 -9.23 -30.81
CA LEU F 85 -10.55 -8.65 -30.62
C LEU F 85 -11.05 -8.94 -29.21
N ASP F 86 -11.70 -7.94 -28.62
CA ASP F 86 -12.38 -8.10 -27.35
C ASP F 86 -13.89 -8.15 -27.48
N PHE F 87 -14.47 -7.68 -28.59
CA PHE F 87 -15.91 -7.90 -28.75
C PHE F 87 -16.31 -7.81 -30.22
N ILE F 88 -17.44 -8.47 -30.51
CA ILE F 88 -18.05 -8.47 -31.83
C ILE F 88 -19.53 -8.15 -31.69
N VAL F 89 -20.03 -7.24 -32.53
CA VAL F 89 -21.46 -6.98 -32.66
C VAL F 89 -21.91 -7.54 -34.00
N HIS F 90 -22.87 -8.45 -33.96
CA HIS F 90 -23.46 -9.10 -35.13
C HIS F 90 -24.88 -8.57 -35.28
N SER F 91 -25.05 -7.60 -36.17
CA SER F 91 -26.34 -6.97 -36.43
C SER F 91 -26.68 -7.17 -37.91
N VAL F 92 -27.08 -8.41 -38.25
CA VAL F 92 -27.27 -8.83 -39.64
C VAL F 92 -28.56 -9.64 -39.73
N ALA F 93 -29.54 -9.14 -40.47
CA ALA F 93 -30.78 -9.89 -40.66
C ALA F 93 -31.43 -9.50 -41.97
N PHE F 94 -31.89 -10.49 -42.70
CA PHE F 94 -32.57 -10.22 -43.98
C PHE F 94 -33.49 -11.36 -44.35
N ALA F 95 -34.67 -10.99 -44.80
CA ALA F 95 -35.62 -11.87 -45.43
C ALA F 95 -36.12 -11.08 -46.64
N PRO F 96 -36.43 -11.73 -47.77
CA PRO F 96 -37.02 -11.04 -48.90
C PRO F 96 -38.33 -10.38 -48.50
N LYS F 97 -38.61 -9.30 -49.18
CA LYS F 97 -39.76 -8.44 -48.88
C LYS F 97 -41.06 -9.23 -48.87
N GLU F 98 -41.30 -10.06 -49.86
CA GLU F 98 -42.61 -10.76 -49.92
C GLU F 98 -42.85 -11.71 -48.76
N ALA F 99 -41.79 -12.29 -48.20
CA ALA F 99 -41.79 -13.19 -47.02
C ALA F 99 -42.23 -12.40 -45.80
N LEU F 100 -41.99 -11.11 -45.72
CA LEU F 100 -42.51 -10.34 -44.55
C LEU F 100 -43.93 -9.80 -44.80
N GLU F 101 -44.60 -10.27 -45.84
CA GLU F 101 -46.03 -9.99 -46.14
C GLU F 101 -46.80 -11.30 -46.11
N GLY F 102 -48.11 -11.24 -45.87
CA GLY F 102 -48.97 -12.44 -45.92
C GLY F 102 -48.73 -13.50 -44.89
N SER F 103 -48.47 -14.73 -45.33
CA SER F 103 -48.38 -15.80 -44.33
C SER F 103 -47.07 -16.56 -44.39
N LEU F 104 -46.74 -17.25 -43.32
CA LEU F 104 -45.57 -18.13 -43.34
C LEU F 104 -45.74 -19.23 -44.37
N LEU F 105 -46.98 -19.71 -44.54
CA LEU F 105 -47.26 -20.83 -45.42
C LEU F 105 -46.85 -20.57 -46.86
N GLU F 106 -46.84 -19.31 -47.29
CA GLU F 106 -46.54 -18.95 -48.67
C GLU F 106 -45.04 -18.77 -48.92
N THR F 107 -44.22 -18.96 -47.89
CA THR F 107 -42.79 -18.74 -48.02
C THR F 107 -42.17 -19.78 -48.96
N SER F 108 -41.37 -19.32 -49.91
CA SER F 108 -40.63 -20.20 -50.79
C SER F 108 -39.42 -20.79 -50.06
N LYS F 109 -38.96 -21.94 -50.56
CA LYS F 109 -37.76 -22.56 -49.99
C LYS F 109 -36.55 -21.65 -50.12
N SER F 110 -36.43 -20.99 -51.27
CA SER F 110 -35.31 -20.08 -51.49
C SER F 110 -35.35 -18.87 -50.55
N ALA F 111 -36.52 -18.25 -50.35
CA ALA F 111 -36.62 -17.16 -49.38
C ALA F 111 -36.32 -17.65 -47.97
N PHE F 112 -36.82 -18.85 -47.63
CA PHE F 112 -36.52 -19.45 -46.33
C PHE F 112 -35.02 -19.61 -46.12
N ASN F 113 -34.35 -20.19 -47.12
CA ASN F 113 -32.91 -20.42 -47.02
C ASN F 113 -32.14 -19.11 -46.91
N THR F 114 -32.55 -18.09 -47.67
CA THR F 114 -31.87 -16.80 -47.59
C THR F 114 -32.01 -16.19 -46.19
N ALA F 115 -33.24 -16.22 -45.65
CA ALA F 115 -33.45 -15.68 -44.30
C ALA F 115 -32.58 -16.41 -43.28
N MET F 116 -32.58 -17.75 -43.34
CA MET F 116 -31.79 -18.53 -42.39
C MET F 116 -30.30 -18.27 -42.55
N GLU F 117 -29.82 -18.20 -43.80
CA GLU F 117 -28.40 -18.00 -44.08
C GLU F 117 -27.92 -16.67 -43.56
N ILE F 118 -28.62 -15.59 -43.93
CA ILE F 118 -28.15 -14.25 -43.60
C ILE F 118 -28.34 -13.96 -42.12
N SER F 119 -29.49 -14.36 -41.56
CA SER F 119 -29.81 -13.96 -40.19
C SER F 119 -29.20 -14.89 -39.14
N VAL F 120 -28.92 -16.14 -39.48
CA VAL F 120 -28.48 -17.10 -38.48
C VAL F 120 -27.10 -17.64 -38.79
N TYR F 121 -26.93 -18.29 -39.95
CA TYR F 121 -25.65 -18.92 -40.22
C TYR F 121 -24.51 -17.90 -40.23
N SER F 122 -24.80 -16.66 -40.60
CA SER F 122 -23.75 -15.64 -40.65
C SER F 122 -23.10 -15.43 -39.28
N LEU F 123 -23.86 -15.61 -38.19
CA LEU F 123 -23.24 -15.51 -36.88
C LEU F 123 -22.24 -16.64 -36.66
N ILE F 124 -22.59 -17.85 -37.12
CA ILE F 124 -21.67 -18.98 -37.02
C ILE F 124 -20.41 -18.72 -37.82
N GLU F 125 -20.57 -18.30 -39.09
CA GLU F 125 -19.41 -18.12 -39.96
C GLU F 125 -18.53 -16.97 -39.46
N LEU F 126 -19.14 -15.87 -39.02
CA LEU F 126 -18.37 -14.74 -38.49
C LEU F 126 -17.60 -15.15 -37.23
N THR F 127 -18.28 -15.80 -36.28
CA THR F 127 -17.62 -16.17 -35.03
C THR F 127 -16.54 -17.21 -35.28
N ASN F 128 -16.80 -18.19 -36.14
CA ASN F 128 -15.77 -19.20 -36.43
C ASN F 128 -14.58 -18.57 -37.12
N THR F 129 -14.82 -17.63 -38.05
CA THR F 129 -13.72 -16.98 -38.72
C THR F 129 -12.85 -16.21 -37.75
N LEU F 130 -13.46 -15.46 -36.85
CA LEU F 130 -12.68 -14.56 -35.99
C LEU F 130 -12.28 -15.17 -34.66
N LYS F 131 -12.69 -16.41 -34.36
CA LYS F 131 -12.38 -17.02 -33.06
C LYS F 131 -10.91 -16.96 -32.66
N PRO F 132 -9.93 -17.28 -33.53
CA PRO F 132 -8.54 -17.25 -33.08
C PRO F 132 -8.07 -15.88 -32.61
N LEU F 133 -8.76 -14.80 -32.98
CA LEU F 133 -8.37 -13.46 -32.58
C LEU F 133 -9.01 -13.01 -31.27
N LEU F 134 -9.92 -13.79 -30.71
CA LEU F 134 -10.66 -13.34 -29.52
C LEU F 134 -9.84 -13.54 -28.27
N ASN F 135 -9.65 -12.46 -27.50
CA ASN F 135 -8.94 -12.52 -26.24
C ASN F 135 -9.82 -13.13 -25.16
N ASN F 136 -9.18 -13.61 -24.10
CA ASN F 136 -9.89 -14.02 -22.90
C ASN F 136 -10.86 -12.92 -22.46
N GLY F 137 -12.10 -13.32 -22.14
CA GLY F 137 -13.10 -12.37 -21.72
C GLY F 137 -13.87 -11.69 -22.84
N ALA F 138 -13.60 -12.05 -24.10
CA ALA F 138 -14.26 -11.39 -25.22
C ALA F 138 -15.77 -11.62 -25.17
N SER F 139 -16.51 -10.75 -25.85
CA SER F 139 -17.97 -10.80 -25.82
C SER F 139 -18.54 -10.67 -27.22
N VAL F 140 -19.42 -11.60 -27.58
CA VAL F 140 -20.08 -11.62 -28.88
C VAL F 140 -21.56 -11.36 -28.65
N LEU F 141 -22.10 -10.37 -29.36
CA LEU F 141 -23.48 -9.95 -29.17
C LEU F 141 -24.22 -9.98 -30.49
N THR F 142 -25.39 -10.61 -30.50
CA THR F 142 -26.28 -10.53 -31.65
C THR F 142 -27.60 -9.89 -31.23
N LEU F 143 -28.45 -9.62 -32.22
CA LEU F 143 -29.68 -8.86 -32.01
C LEU F 143 -30.89 -9.72 -32.34
N SER F 144 -31.95 -9.60 -31.53
CA SER F 144 -33.14 -10.39 -31.75
C SER F 144 -34.38 -9.58 -31.35
N TYR F 145 -35.52 -10.27 -31.38
CA TYR F 145 -36.84 -9.67 -31.30
C TYR F 145 -37.81 -10.69 -30.75
N LEU F 146 -38.84 -10.20 -30.07
CA LEU F 146 -39.84 -11.05 -29.42
C LEU F 146 -40.50 -12.02 -30.38
N GLY F 147 -40.51 -11.73 -31.68
CA GLY F 147 -41.09 -12.64 -32.67
C GLY F 147 -40.43 -14.00 -32.71
N SER F 148 -39.27 -14.17 -32.07
CA SER F 148 -38.63 -15.48 -31.99
C SER F 148 -39.45 -16.45 -31.17
N THR F 149 -40.07 -15.97 -30.09
CA THR F 149 -40.72 -16.83 -29.12
C THR F 149 -42.20 -16.58 -28.96
N LYS F 150 -42.72 -15.55 -29.60
CA LYS F 150 -44.17 -15.27 -29.64
C LYS F 150 -44.57 -14.90 -31.07
N TYR F 151 -45.84 -15.05 -31.40
CA TYR F 151 -46.30 -14.58 -32.71
C TYR F 151 -46.32 -13.05 -32.71
N MET F 152 -45.76 -12.49 -33.75
CA MET F 152 -45.80 -11.06 -34.02
C MET F 152 -46.25 -10.95 -35.47
N ALA F 153 -47.06 -9.96 -35.73
CA ALA F 153 -47.67 -9.73 -37.05
C ALA F 153 -46.61 -9.42 -38.09
N HIS F 154 -46.71 -10.14 -39.19
CA HIS F 154 -45.90 -10.17 -40.44
C HIS F 154 -44.48 -10.72 -40.24
N TYR F 155 -44.07 -11.12 -39.07
CA TYR F 155 -42.65 -11.47 -38.88
C TYR F 155 -42.33 -12.73 -39.69
N ASN F 156 -43.24 -13.67 -39.68
CA ASN F 156 -43.15 -14.88 -40.51
C ASN F 156 -41.79 -15.56 -40.40
N VAL F 157 -41.14 -15.77 -41.51
CA VAL F 157 -39.86 -16.50 -41.48
C VAL F 157 -38.82 -15.85 -40.56
N MET F 158 -38.87 -14.56 -40.36
CA MET F 158 -37.89 -13.99 -39.45
C MET F 158 -38.09 -14.49 -38.03
N GLY F 159 -39.35 -14.73 -37.63
CA GLY F 159 -39.58 -15.33 -36.33
C GLY F 159 -38.93 -16.69 -36.22
N LEU F 160 -38.93 -17.45 -37.31
CA LEU F 160 -38.19 -18.71 -37.32
C LEU F 160 -36.70 -18.43 -37.18
N ALA F 161 -36.20 -17.48 -37.97
CA ALA F 161 -34.76 -17.21 -37.98
C ALA F 161 -34.30 -16.78 -36.60
N LYS F 162 -34.99 -15.81 -36.00
CA LYS F 162 -34.58 -15.32 -34.69
C LYS F 162 -34.65 -16.41 -33.64
N ALA F 163 -35.63 -17.32 -33.74
CA ALA F 163 -35.66 -18.42 -32.80
C ALA F 163 -34.39 -19.24 -32.93
N ALA F 164 -34.05 -19.61 -34.17
CA ALA F 164 -32.80 -20.31 -34.40
C ALA F 164 -31.62 -19.51 -33.88
N LEU F 165 -31.66 -18.18 -34.09
CA LEU F 165 -30.54 -17.35 -33.67
C LEU F 165 -30.37 -17.44 -32.15
N GLU F 166 -31.49 -17.38 -31.42
CA GLU F 166 -31.37 -17.42 -29.98
C GLU F 166 -30.86 -18.78 -29.52
N SER F 167 -31.28 -19.84 -30.22
CA SER F 167 -30.75 -21.16 -29.90
C SER F 167 -29.26 -21.20 -30.18
N ALA F 168 -28.83 -20.58 -31.29
CA ALA F 168 -27.40 -20.54 -31.59
C ALA F 168 -26.64 -19.88 -30.45
N VAL F 169 -27.22 -18.82 -29.89
CA VAL F 169 -26.53 -18.12 -28.80
C VAL F 169 -26.23 -19.11 -27.68
N ARG F 170 -27.22 -19.91 -27.32
CA ARG F 170 -27.01 -20.87 -26.24
C ARG F 170 -25.88 -21.84 -26.60
N TYR F 171 -25.95 -22.42 -27.81
CA TYR F 171 -24.93 -23.39 -28.14
C TYR F 171 -23.57 -22.72 -28.24
N LEU F 172 -23.51 -21.52 -28.82
CA LEU F 172 -22.22 -20.87 -28.93
C LEU F 172 -21.71 -20.50 -27.54
N ALA F 173 -22.61 -20.13 -26.63
CA ALA F 173 -22.19 -19.82 -25.28
C ALA F 173 -21.47 -21.01 -24.66
N VAL F 174 -21.94 -22.23 -24.98
CA VAL F 174 -21.26 -23.41 -24.47
C VAL F 174 -19.94 -23.62 -25.19
N ASP F 175 -19.95 -23.49 -26.51
CA ASP F 175 -18.72 -23.73 -27.29
C ASP F 175 -17.63 -22.76 -26.87
N LEU F 176 -17.96 -21.47 -26.77
CA LEU F 176 -16.96 -20.45 -26.54
C LEU F 176 -16.69 -20.21 -25.06
N GLY F 177 -17.60 -20.60 -24.19
CA GLY F 177 -17.43 -20.35 -22.77
C GLY F 177 -16.24 -21.07 -22.14
N LYS F 178 -15.93 -22.28 -22.61
CA LYS F 178 -14.72 -22.95 -22.16
C LYS F 178 -13.47 -22.09 -22.35
N HIS F 179 -13.50 -21.14 -23.30
CA HIS F 179 -12.39 -20.24 -23.52
C HIS F 179 -12.64 -18.87 -22.89
N ASN F 180 -13.55 -18.79 -21.92
CA ASN F 180 -13.97 -17.55 -21.24
C ASN F 180 -14.39 -16.49 -22.24
N ILE F 181 -15.13 -16.90 -23.27
CA ILE F 181 -15.74 -16.00 -24.23
C ILE F 181 -17.25 -16.09 -24.07
N ARG F 182 -17.92 -14.94 -24.05
CA ARG F 182 -19.35 -14.86 -23.79
C ARG F 182 -20.12 -14.60 -25.09
N VAL F 183 -21.34 -15.11 -25.16
CA VAL F 183 -22.23 -14.88 -26.29
C VAL F 183 -23.62 -14.56 -25.77
N ASN F 184 -24.21 -13.46 -26.24
CA ASN F 184 -25.53 -13.04 -25.80
C ASN F 184 -26.33 -12.45 -26.95
N ALA F 185 -27.64 -12.32 -26.72
CA ALA F 185 -28.56 -11.65 -27.62
C ALA F 185 -29.26 -10.50 -26.90
N LEU F 186 -29.38 -9.38 -27.60
CA LEU F 186 -30.18 -8.25 -27.15
C LEU F 186 -31.50 -8.28 -27.90
N SER F 187 -32.60 -8.45 -27.17
CA SER F 187 -33.94 -8.46 -27.78
C SER F 187 -34.54 -7.07 -27.62
N ALA F 188 -34.56 -6.32 -28.71
CA ALA F 188 -34.97 -4.92 -28.63
C ALA F 188 -36.45 -4.75 -28.99
N GLY F 189 -37.10 -3.81 -28.32
CA GLY F 189 -38.38 -3.31 -28.76
C GLY F 189 -38.23 -2.36 -29.94
N PRO F 190 -39.31 -1.97 -30.72
CA PRO F 190 -39.51 -1.00 -32.05
C PRO F 190 -38.96 0.31 -31.48
N ILE F 191 -38.11 0.93 -32.27
CA ILE F 191 -37.55 2.26 -31.99
C ILE F 191 -38.22 3.21 -32.98
N ARG F 192 -38.73 4.31 -32.48
CA ARG F 192 -39.40 5.30 -33.34
C ARG F 192 -38.37 5.97 -34.22
N THR F 193 -38.62 5.87 -35.51
CA THR F 193 -37.77 6.38 -36.59
C THR F 193 -38.47 6.10 -37.91
N ILE F 199 -43.73 2.61 -43.05
CA ILE F 199 -44.50 1.35 -43.20
C ILE F 199 -45.63 1.40 -42.19
N ALA F 200 -46.84 1.17 -42.64
CA ALA F 200 -48.01 1.12 -41.76
C ALA F 200 -47.88 -0.05 -40.79
N ASP F 201 -47.35 -1.19 -41.22
CA ASP F 201 -47.34 -2.33 -40.28
C ASP F 201 -46.46 -1.98 -39.07
N PHE F 202 -45.31 -1.38 -39.34
CA PHE F 202 -44.30 -0.89 -38.37
C PHE F 202 -44.85 0.25 -37.55
N ARG F 203 -45.59 1.15 -38.15
CA ARG F 203 -46.15 2.24 -37.34
C ARG F 203 -47.09 1.61 -36.31
N MET F 204 -47.91 0.66 -36.68
CA MET F 204 -48.85 0.08 -35.73
C MET F 204 -48.13 -0.59 -34.59
N ILE F 205 -47.09 -1.37 -34.86
CA ILE F 205 -46.38 -2.08 -33.78
C ILE F 205 -45.74 -1.08 -32.82
N LEU F 206 -45.21 0.00 -33.34
CA LEU F 206 -44.57 1.02 -32.52
C LEU F 206 -45.62 1.58 -31.56
N LYS F 207 -46.79 1.89 -32.07
CA LYS F 207 -47.87 2.47 -31.27
C LYS F 207 -48.38 1.46 -30.24
N TRP F 208 -48.52 0.24 -30.67
CA TRP F 208 -48.99 -0.78 -29.74
C TRP F 208 -48.04 -0.94 -28.56
N ASN F 209 -46.73 -1.04 -28.85
CA ASN F 209 -45.72 -1.06 -27.80
C ASN F 209 -45.80 0.16 -26.90
N GLU F 210 -45.82 1.35 -27.46
CA GLU F 210 -45.85 2.57 -26.63
C GLU F 210 -47.07 2.60 -25.69
N ILE F 211 -48.22 2.20 -26.20
CA ILE F 211 -49.41 2.26 -25.36
C ILE F 211 -49.38 1.18 -24.28
N ASN F 212 -48.88 -0.02 -24.62
CA ASN F 212 -49.07 -1.18 -23.75
C ASN F 212 -47.85 -1.55 -22.92
N ALA F 213 -46.67 -0.99 -23.21
CA ALA F 213 -45.50 -1.33 -22.42
C ALA F 213 -45.65 -0.79 -21.00
N PRO F 214 -45.11 -1.51 -20.01
CA PRO F 214 -45.13 -1.00 -18.63
C PRO F 214 -44.67 0.44 -18.50
N LEU F 215 -43.60 0.82 -19.21
CA LEU F 215 -43.06 2.18 -19.13
C LEU F 215 -43.77 3.16 -20.06
N ARG F 216 -44.77 2.72 -20.81
CA ARG F 216 -45.61 3.59 -21.63
C ARG F 216 -44.77 4.48 -22.56
N LYS F 217 -43.74 3.88 -23.16
CA LYS F 217 -42.85 4.57 -24.07
C LYS F 217 -42.23 3.53 -24.98
N ASN F 218 -41.73 3.99 -26.12
CA ASN F 218 -40.83 3.16 -26.91
C ASN F 218 -39.40 3.37 -26.43
N VAL F 219 -38.60 2.31 -26.52
CA VAL F 219 -37.19 2.44 -26.18
C VAL F 219 -36.50 3.28 -27.24
N SER F 220 -35.42 3.94 -26.84
CA SER F 220 -34.63 4.77 -27.72
C SER F 220 -33.44 3.99 -28.26
N LEU F 221 -32.84 4.54 -29.32
CA LEU F 221 -31.59 3.97 -29.83
C LEU F 221 -30.49 4.02 -28.76
N GLU F 222 -30.45 5.10 -27.97
CA GLU F 222 -29.46 5.18 -26.89
C GLU F 222 -29.67 4.10 -25.84
N GLU F 223 -30.92 3.80 -25.49
CA GLU F 223 -31.16 2.77 -24.47
C GLU F 223 -30.73 1.39 -24.97
N VAL F 224 -31.04 1.07 -26.22
CA VAL F 224 -30.59 -0.19 -26.80
C VAL F 224 -29.07 -0.20 -26.88
N GLY F 225 -28.48 0.93 -27.28
CA GLY F 225 -27.03 0.99 -27.39
C GLY F 225 -26.32 0.82 -26.06
N ASN F 226 -26.86 1.43 -24.99
CA ASN F 226 -26.24 1.28 -23.69
C ASN F 226 -26.38 -0.14 -23.16
N ALA F 227 -27.53 -0.77 -23.38
CA ALA F 227 -27.68 -2.18 -22.99
C ALA F 227 -26.69 -3.06 -23.75
N GLY F 228 -26.51 -2.80 -25.05
CA GLY F 228 -25.52 -3.55 -25.81
C GLY F 228 -24.12 -3.35 -25.29
N MET F 229 -23.75 -2.10 -25.04
CA MET F 229 -22.45 -1.78 -24.45
C MET F 229 -22.25 -2.56 -23.16
N TYR F 230 -23.27 -2.59 -22.30
CA TYR F 230 -23.17 -3.34 -21.05
C TYR F 230 -22.84 -4.80 -21.33
N LEU F 231 -23.58 -5.41 -22.26
CA LEU F 231 -23.34 -6.82 -22.55
C LEU F 231 -21.96 -7.06 -23.16
N LEU F 232 -21.39 -6.06 -23.84
CA LEU F 232 -20.08 -6.21 -24.45
C LEU F 232 -18.93 -5.94 -23.47
N SER F 233 -19.22 -5.27 -22.36
CA SER F 233 -18.22 -4.83 -21.40
C SER F 233 -18.02 -5.87 -20.30
N SER F 234 -16.93 -5.70 -19.53
CA SER F 234 -16.66 -6.58 -18.41
C SER F 234 -17.68 -6.47 -17.29
N LEU F 235 -18.53 -5.43 -17.31
CA LEU F 235 -19.61 -5.34 -16.33
C LEU F 235 -20.49 -6.58 -16.35
N SER F 236 -20.65 -7.20 -17.51
CA SER F 236 -21.49 -8.38 -17.68
C SER F 236 -20.70 -9.68 -17.79
N SER F 237 -19.49 -9.72 -17.22
CA SER F 237 -18.67 -10.92 -17.35
C SER F 237 -19.29 -12.17 -16.72
N GLY F 238 -20.31 -12.01 -15.89
CA GLY F 238 -21.05 -13.16 -15.40
C GLY F 238 -22.23 -13.58 -16.24
N VAL F 239 -22.46 -12.92 -17.38
CA VAL F 239 -23.67 -13.07 -18.17
C VAL F 239 -23.29 -13.70 -19.51
N SER F 240 -23.86 -14.87 -19.80
CA SER F 240 -23.64 -15.46 -21.11
C SER F 240 -24.84 -16.33 -21.47
N GLY F 241 -25.06 -16.52 -22.77
CA GLY F 241 -26.20 -17.26 -23.24
C GLY F 241 -27.54 -16.60 -22.94
N GLU F 242 -27.52 -15.30 -22.65
CA GLU F 242 -28.71 -14.58 -22.21
C GLU F 242 -29.39 -13.89 -23.38
N VAL F 243 -30.72 -13.92 -23.40
CA VAL F 243 -31.52 -13.07 -24.27
C VAL F 243 -32.05 -11.93 -23.41
N HIS F 244 -31.52 -10.74 -23.61
CA HIS F 244 -31.73 -9.60 -22.73
C HIS F 244 -32.71 -8.63 -23.37
N PHE F 245 -33.86 -8.43 -22.73
CA PHE F 245 -34.95 -7.64 -23.30
C PHE F 245 -34.74 -6.15 -22.99
N VAL F 246 -34.67 -5.34 -24.04
CA VAL F 246 -34.62 -3.90 -23.91
C VAL F 246 -35.83 -3.35 -24.65
N ASP F 247 -36.98 -3.36 -23.98
CA ASP F 247 -38.26 -3.16 -24.67
C ASP F 247 -39.26 -2.40 -23.81
N ALA F 248 -38.81 -1.61 -22.84
CA ALA F 248 -39.66 -0.87 -21.93
C ALA F 248 -40.58 -1.79 -21.12
N GLY F 249 -40.20 -3.05 -20.98
CA GLY F 249 -40.99 -4.02 -20.24
C GLY F 249 -42.06 -4.72 -21.03
N TYR F 250 -42.16 -4.45 -22.34
CA TYR F 250 -43.30 -4.94 -23.12
C TYR F 250 -43.46 -6.46 -22.99
N HIS F 251 -42.34 -7.18 -22.92
CA HIS F 251 -42.34 -8.64 -22.91
C HIS F 251 -43.16 -9.25 -21.77
N VAL F 252 -43.39 -8.52 -20.68
CA VAL F 252 -44.13 -9.09 -19.55
C VAL F 252 -45.64 -9.10 -19.77
N MET F 253 -46.14 -8.39 -20.77
CA MET F 253 -47.57 -8.18 -20.91
C MET F 253 -48.21 -9.45 -21.47
N GLY F 254 -49.23 -9.94 -20.77
CA GLY F 254 -50.01 -11.06 -21.26
C GLY F 254 -51.24 -10.67 -22.01
N MET F 255 -51.51 -9.38 -22.10
CA MET F 255 -52.72 -8.84 -22.71
C MET F 255 -52.51 -7.34 -22.86
N GLY F 256 -53.51 -6.67 -23.43
CA GLY F 256 -53.46 -5.22 -23.50
C GLY F 256 -53.53 -4.59 -22.13
N ALA F 257 -52.87 -3.45 -21.99
CA ALA F 257 -52.91 -2.69 -20.74
C ALA F 257 -54.29 -2.09 -20.51
N VAL F 258 -54.63 -1.92 -19.23
CA VAL F 258 -55.95 -1.41 -18.86
C VAL F 258 -55.82 -0.27 -17.88
N GLU F 259 -56.81 0.60 -17.91
CA GLU F 259 -57.10 1.50 -16.81
C GLU F 259 -57.84 0.83 -15.68
N ALA F 265 -63.26 -2.14 -16.40
CA ALA F 265 -61.91 -1.90 -16.92
C ALA F 265 -61.96 -1.66 -18.43
N THR F 266 -61.12 -0.74 -18.91
CA THR F 266 -61.04 -0.41 -20.33
C THR F 266 -59.60 -0.47 -20.82
N LEU F 267 -59.41 -0.94 -22.05
CA LEU F 267 -58.08 -0.97 -22.65
C LEU F 267 -57.53 0.43 -22.89
N LEU F 268 -56.27 0.64 -22.49
CA LEU F 268 -55.59 1.89 -22.81
C LEU F 268 -55.63 2.16 -24.31
N TRP F 269 -55.52 1.10 -25.11
CA TRP F 269 -55.62 1.27 -26.56
C TRP F 269 -56.96 1.91 -26.93
N ASP F 270 -58.03 1.54 -26.22
CA ASP F 270 -59.35 2.10 -26.52
C ASP F 270 -59.52 3.50 -25.94
N LEU F 271 -58.90 3.78 -24.78
CA LEU F 271 -58.94 5.11 -24.21
C LEU F 271 -58.12 6.09 -25.02
N HIS F 272 -57.20 5.59 -25.82
CA HIS F 272 -56.33 6.46 -26.60
C HIS F 272 -57.00 6.84 -27.90
N LYS F 273 -57.92 6.02 -28.39
CA LYS F 273 -58.67 6.37 -29.58
C LYS F 273 -59.60 7.54 -29.34
N GLU F 274 -59.68 8.04 -28.13
CA GLU F 274 -60.53 9.18 -27.84
C GLU F 274 -59.54 10.21 -27.28
N GLN F 275 -59.30 11.28 -28.03
CA GLN F 275 -58.12 12.13 -27.77
C GLN F 275 -58.27 13.03 -26.54
#